data_2P7D
# 
_entry.id   2P7D 
# 
_audit_conform.dict_name       mmcif_pdbx.dic 
_audit_conform.dict_version    5.377 
_audit_conform.dict_location   http://mmcif.pdb.org/dictionaries/ascii/mmcif_pdbx.dic 
# 
loop_
_database_2.database_id 
_database_2.database_code 
_database_2.pdbx_database_accession 
_database_2.pdbx_DOI 
PDB   2P7D         pdb_00002p7d 10.2210/pdb2p7d/pdb 
NDB   UR0146       ?            ?                   
RCSB  RCSB042058   ?            ?                   
WWPDB D_1000042058 ?            ?                   
# 
loop_
_pdbx_database_related.db_name 
_pdbx_database_related.db_id 
_pdbx_database_related.details 
_pdbx_database_related.content_type 
PDB 2OUE 
;A related minimal, all-RNA hairpin ribozyme construct solved to 2.05 angstroms resolution with waters identified in the active site.
;
unspecified 
PDB 2P7D . unspecified 
PDB 2P7E . unspecified 
PDB 2P7F . unspecified 
# 
_pdbx_database_status.entry_id                        2P7D 
_pdbx_database_status.status_code                     REL 
_pdbx_database_status.status_code_sf                  REL 
_pdbx_database_status.recvd_initial_deposition_date   2007-03-20 
_pdbx_database_status.deposit_site                    RCSB 
_pdbx_database_status.process_site                    RCSB 
_pdbx_database_status.SG_entry                        N 
_pdbx_database_status.status_code_mr                  ? 
_pdbx_database_status.status_code_cs                  ? 
_pdbx_database_status.methods_development_category    ? 
_pdbx_database_status.pdb_format_compatible           Y 
_pdbx_database_status.status_code_nmr_data            ? 
# 
loop_
_audit_author.name 
_audit_author.pdbx_ordinal 
'Torelli, A.T.'  1 
'Krucinska, J.'  2 
'Wedekind, J.E.' 3 
# 
loop_
_citation.id 
_citation.title 
_citation.journal_abbrev 
_citation.journal_volume 
_citation.page_first 
_citation.page_last 
_citation.year 
_citation.journal_id_ASTM 
_citation.country 
_citation.journal_id_ISSN 
_citation.journal_id_CSD 
_citation.book_publisher 
_citation.pdbx_database_id_PubMed 
_citation.pdbx_database_id_DOI 
primary 
;A comparison of vanadate to a 2'-5' linkage at the active site of a small ribozyme suggests a role for water in transition-state stabilization
;
Rna          13 1052  1070  2007 RNARFU UK 1355-8382 2122 ? 17488874 10.1261/rna.510807 
1       
'Water in the active site of an all-RNA hairpin ribozyme and effects of Gua8 base variants on the geometry of phosphoryl transfer.' 
Biochemistry 45 686   700   2006 BICHAW US 0006-2960 0033 ? 16411744 10.1021/bi051887k  
2       
;Conformational heterogeneity at position U37 of an all-RNA hairpin ribozyme with implications for metal binding and the catalytic structure of the S-turn.
;
Biochemistry 44 14396 14408 2005 BICHAW US 0006-2960 0033 ? 16262240 10.1021/bi051550i  
# 
loop_
_citation_author.citation_id 
_citation_author.name 
_citation_author.ordinal 
_citation_author.identifier_ORCID 
primary 'Torelli, A.T.'   1  ? 
primary 'Krucinska, J.'   2  ? 
primary 'Wedekind, J.E.'  3  ? 
1       'Salter, J.'      4  ? 
1       'Krucinska, J.'   5  ? 
1       'Alam, S.'        6  ? 
1       'Grum-Tokars, V.' 7  ? 
1       'Wedekind, J.E.'  8  ? 
2       'Alam, S.'        9  ? 
2       'Grum-Tokars, V.' 10 ? 
2       'Krucinska, J.'   11 ? 
2       'Kundracik, M.L.' 12 ? 
2       'Wedekind, J.E.'  13 ? 
# 
_cell.entry_id           2P7D 
_cell.length_a           93.9 
_cell.length_b           93.9 
_cell.length_c           134.4 
_cell.angle_alpha        90.0 
_cell.angle_beta         90.0 
_cell.angle_gamma        120.0 
_cell.Z_PDB              12 
_cell.pdbx_unique_axis   ? 
_cell.length_a_esd       ? 
_cell.length_b_esd       ? 
_cell.length_c_esd       ? 
_cell.angle_alpha_esd    ? 
_cell.angle_beta_esd     ? 
_cell.angle_gamma_esd    ? 
# 
_symmetry.entry_id                         2P7D 
_symmetry.space_group_name_H-M             'P 61 2 2' 
_symmetry.pdbx_full_space_group_name_H-M   ? 
_symmetry.Int_Tables_number                178 
_symmetry.cell_setting                     ? 
_symmetry.space_group_name_Hall            ? 
# 
loop_
_entity.id 
_entity.type 
_entity.src_method 
_entity.pdbx_description 
_entity.formula_weight 
_entity.pdbx_number_of_molecules 
_entity.pdbx_ec 
_entity.pdbx_mutation 
_entity.pdbx_fragment 
_entity.details 
1 polymer     syn 
;5' substrate strand, pentameric fragment
;
1505.960 1  ? ? ? ?                                          
2 polymer     syn 'Ribozyme strand I'                        4182.585 1  ? ? ? 
;domain-linking residue S9L at the 3'-end
;
3 polymer     syn 'Ribozyme strand II'                       5535.445 1  ? ? ? 
;domain-linking residue S9L at the 5'-end
;
4 polymer     syn 'Ribozyme strand III'                      5991.568 1  ? ? ? 'contains the S-turn'                      
5 polymer     syn 
;3' substrate strand, octameric fragment
;
2501.553 1  ? ? ? ?                                          
6 non-polymer syn 'SULFATE ION'                              96.063   1  ? ? ? ?                                          
7 non-polymer syn 'SODIUM ION'                               22.990   1  ? ? ? ?                                          
8 non-polymer syn 'COBALT HEXAMMINE(III)'                    161.116  2  ? ? ? ?                                          
9 water       nat water                                      18.015   37 ? ? ? ?                                          
# 
loop_
_entity_poly.entity_id 
_entity_poly.type 
_entity_poly.nstd_linkage 
_entity_poly.nstd_monomer 
_entity_poly.pdbx_seq_one_letter_code 
_entity_poly.pdbx_seq_one_letter_code_can 
_entity_poly.pdbx_strand_id 
_entity_poly.pdbx_target_identifier 
1 polyribonucleotide                                  no no  UCCCA               UCCCA               A ? 
2 'polydeoxyribonucleotide/polyribonucleotide hybrid' no yes 'CGGUGAGAAGGG(S9L)' CGGUGAGAAGGGX       B ? 
3 polyribonucleotide                                  no no  GGCAGAGAAACACACGA   GGCAGAGAAACACACGA   C ? 
4 polyribonucleotide                                  no no  UCGUGGUACAUUACCUGCC UCGUGGUACAUUACCUGCC D ? 
5 polyribonucleotide                                  no no  GUCCACCG            GUCCACCG            P ? 
# 
loop_
_entity_poly_seq.entity_id 
_entity_poly_seq.num 
_entity_poly_seq.mon_id 
_entity_poly_seq.hetero 
1 1  U   n 
1 2  C   n 
1 3  C   n 
1 4  C   n 
1 5  A   n 
2 1  C   n 
2 2  G   n 
2 3  G   n 
2 4  U   n 
2 5  G   n 
2 6  A   n 
2 7  G   n 
2 8  A   n 
2 9  A   n 
2 10 G   n 
2 11 G   n 
2 12 G   n 
2 13 S9L n 
3 1  G   n 
3 2  G   n 
3 3  C   n 
3 4  A   n 
3 5  G   n 
3 6  A   n 
3 7  G   n 
3 8  A   n 
3 9  A   n 
3 10 A   n 
3 11 C   n 
3 12 A   n 
3 13 C   n 
3 14 A   n 
3 15 C   n 
3 16 G   n 
3 17 A   n 
4 1  U   n 
4 2  C   n 
4 3  G   n 
4 4  U   n 
4 5  G   n 
4 6  G   n 
4 7  U   n 
4 8  A   n 
4 9  C   n 
4 10 A   n 
4 11 U   n 
4 12 U   n 
4 13 A   n 
4 14 C   n 
4 15 C   n 
4 16 U   n 
4 17 G   n 
4 18 C   n 
4 19 C   n 
5 1  G   n 
5 2  U   n 
5 3  C   n 
5 4  C   n 
5 5  A   n 
5 6  C   n 
5 7  C   n 
5 8  G   n 
# 
loop_
_pdbx_entity_src_syn.entity_id 
_pdbx_entity_src_syn.pdbx_src_id 
_pdbx_entity_src_syn.pdbx_alt_source_flag 
_pdbx_entity_src_syn.pdbx_beg_seq_num 
_pdbx_entity_src_syn.pdbx_end_seq_num 
_pdbx_entity_src_syn.organism_scientific 
_pdbx_entity_src_syn.organism_common_name 
_pdbx_entity_src_syn.ncbi_taxonomy_id 
_pdbx_entity_src_syn.details 
1 1 sample ? ? ? ? ? 'sequence occurs naturally in tobacco ringspot virus satellite RNA' 
2 1 sample ? ? ? ? ? 'sequence occurs naturally in tobacco ringspot virus satellite RNA' 
3 1 sample ? ? ? ? ? 'sequence occurs naturally in tobacco ringspot virus satellite RNA' 
4 1 sample ? ? ? ? ? 'sequence occurs naturally in tobacco ringspot virus satellite RNA' 
5 1 sample ? ? ? ? ? 'sequence occurs naturally in tobacco ringspot virus satellite RNA' 
# 
loop_
_struct_ref.id 
_struct_ref.entity_id 
_struct_ref.db_name 
_struct_ref.db_code 
_struct_ref.pdbx_db_accession 
_struct_ref.pdbx_align_begin 
_struct_ref.pdbx_seq_one_letter_code 
_struct_ref.pdbx_db_isoform 
1 1 PDB 2P7D 2P7D ? ? ? 
2 2 PDB 2P7D 2P7D ? ? ? 
3 3 PDB 2P7D 2P7D ? ? ? 
4 4 PDB 2P7D 2P7D ? ? ? 
5 5 PDB 2P7D 2P7D ? ? ? 
# 
loop_
_struct_ref_seq.align_id 
_struct_ref_seq.ref_id 
_struct_ref_seq.pdbx_PDB_id_code 
_struct_ref_seq.pdbx_strand_id 
_struct_ref_seq.seq_align_beg 
_struct_ref_seq.pdbx_seq_align_beg_ins_code 
_struct_ref_seq.seq_align_end 
_struct_ref_seq.pdbx_seq_align_end_ins_code 
_struct_ref_seq.pdbx_db_accession 
_struct_ref_seq.db_align_beg 
_struct_ref_seq.pdbx_db_align_beg_ins_code 
_struct_ref_seq.db_align_end 
_struct_ref_seq.pdbx_db_align_end_ins_code 
_struct_ref_seq.pdbx_auth_seq_align_beg 
_struct_ref_seq.pdbx_auth_seq_align_end 
1 1 2P7D A 1 ? 5  ? 2P7D 1  ? 5  ? 1  5  
2 2 2P7D B 1 ? 13 ? 2P7D 2  ? 14 ? 2  14 
3 3 2P7D C 1 ? 17 ? 2P7D 15 ? 31 ? 15 31 
4 4 2P7D D 1 ? 19 ? 2P7D 31 ? 49 ? 31 49 
5 5 2P7D P 1 ? 8  ? 2P7D 6  ? 13 ? 6  13 
# 
loop_
_chem_comp.id 
_chem_comp.type 
_chem_comp.mon_nstd_flag 
_chem_comp.name 
_chem_comp.pdbx_synonyms 
_chem_comp.formula 
_chem_comp.formula_weight 
A   'RNA linking' y "ADENOSINE-5'-MONOPHOSPHATE"                              ? 'C10 H14 N5 O7 P' 347.221 
C   'RNA linking' y "CYTIDINE-5'-MONOPHOSPHATE"                               ? 'C9 H14 N3 O8 P'  323.197 
G   'RNA linking' y "GUANOSINE-5'-MONOPHOSPHATE"                              ? 'C10 H14 N5 O8 P' 363.221 
HOH non-polymer   . WATER                                                     ? 'H2 O'            18.015  
NA  non-polymer   . 'SODIUM ION'                                              ? 'Na 1'            22.990  
NCO non-polymer   . 'COBALT HEXAMMINE(III)'                                   ? 'Co H18 N6 3'     161.116 
S9L non-polymer   . '2-[2-(2-HYDROXYETHOXY)ETHOXY]ETHYL DIHYDROGEN PHOSPHATE' ? 'C6 H15 O7 P'     230.153 
SO4 non-polymer   . 'SULFATE ION'                                             ? 'O4 S -2'         96.063  
U   'RNA linking' y "URIDINE-5'-MONOPHOSPHATE"                                ? 'C9 H13 N2 O9 P'  324.181 
# 
_exptl.entry_id          2P7D 
_exptl.method            'X-RAY DIFFRACTION' 
_exptl.crystals_number   1 
# 
_exptl_crystal.id                    1 
_exptl_crystal.density_meas          ? 
_exptl_crystal.density_Matthews      4.32 
_exptl_crystal.density_percent_sol   80.78 
_exptl_crystal.description           ? 
_exptl_crystal.F_000                 ? 
_exptl_crystal.preparation           ? 
# 
_exptl_crystal_grow.crystal_id      1 
_exptl_crystal_grow.method          'VAPOR DIFFUSION, HANGING DROP' 
_exptl_crystal_grow.temp            293 
_exptl_crystal_grow.pH              6.0 
_exptl_crystal_grow.pdbx_details    
;250 mM Li2SO4, 2.5 mM [Co(NH3)6]Cl3, 2 mM spermidine-HCl, 20 mM NAF, 50 mM ascorbic acid, 100 mM sodium cacodylate buffer and 18.5% PEG 2000 MME, pH 6.0, VAPOR DIFFUSION, HANGING DROP, temperature 293K
;
_exptl_crystal_grow.temp_details    ? 
_exptl_crystal_grow.pdbx_pH_range   . 
# 
loop_
_exptl_crystal_grow_comp.crystal_id 
_exptl_crystal_grow_comp.id 
_exptl_crystal_grow_comp.sol_id 
_exptl_crystal_grow_comp.name 
_exptl_crystal_grow_comp.conc 
_exptl_crystal_grow_comp.volume 
_exptl_crystal_grow_comp.details 
1 1  1 Li2SO4              ? ? ? 
1 2  1 '[Co(NH3)6]Cl3'     ? ? ? 
1 3  1 spermidine-HCl      ? ? ? 
1 4  1 NAF                 ? ? ? 
1 5  1 'ascorbic acid'     ? ? ? 
1 6  1 'sodium cacodylate' ? ? ? 
1 7  1 'PEG 2000 MME'      ? ? ? 
1 8  2 Li2SO4              ? ? ? 
1 9  2 spermidine-HCl      ? ? ? 
1 10 2 'PEG 2000 MME'      ? ? ? 
# 
_diffrn.id                     1 
_diffrn.ambient_temp           100 
_diffrn.ambient_temp_details   ? 
_diffrn.crystal_id             1 
# 
_diffrn_detector.diffrn_id              1 
_diffrn_detector.detector               CCD 
_diffrn_detector.type                   'ADSC QUANTUM 315' 
_diffrn_detector.pdbx_collection_date   2006-04-21 
_diffrn_detector.details                
'Flat mirror (vertical focusing); single crystal Si(111) bent monochromator (horizontal focusing)' 
# 
_diffrn_radiation.diffrn_id                        1 
_diffrn_radiation.wavelength_id                    1 
_diffrn_radiation.pdbx_monochromatic_or_laue_m_l   M 
_diffrn_radiation.monochromator                    
'Side scattering bent cube-root I-beam single crystal; asymmetric cut 4.965 degs' 
_diffrn_radiation.pdbx_diffrn_protocol             'SINGLE WAVELENGTH' 
_diffrn_radiation.pdbx_scattering_type             x-ray 
# 
_diffrn_radiation_wavelength.id           1 
_diffrn_radiation_wavelength.wavelength   0.97945 
_diffrn_radiation_wavelength.wt           1.0 
# 
_diffrn_source.diffrn_id                   1 
_diffrn_source.source                      SYNCHROTRON 
_diffrn_source.type                        'SSRL BEAMLINE BL11-1' 
_diffrn_source.pdbx_synchrotron_site       SSRL 
_diffrn_source.pdbx_synchrotron_beamline   BL11-1 
_diffrn_source.pdbx_wavelength             ? 
_diffrn_source.pdbx_wavelength_list        0.97945 
# 
_reflns.entry_id                     2P7D 
_reflns.observed_criterion_sigma_I   -3 
_reflns.observed_criterion_sigma_F   ? 
_reflns.d_resolution_low             40.64 
_reflns.d_resolution_high            2.25 
_reflns.number_obs                   16622 
_reflns.number_all                   16622 
_reflns.percent_possible_obs         96.5 
_reflns.pdbx_Rmerge_I_obs            ? 
_reflns.pdbx_Rsym_value              0.045 
_reflns.pdbx_netI_over_sigmaI        23.2 
_reflns.B_iso_Wilson_estimate        86.9 
_reflns.pdbx_redundancy              7.24 
_reflns.R_free_details               ? 
_reflns.pdbx_chi_squared             ? 
_reflns.pdbx_scaling_rejects         ? 
_reflns.pdbx_diffrn_id               1 
_reflns.pdbx_ordinal                 1 
# 
_reflns_shell.d_res_high             2.25 
_reflns_shell.d_res_low              2.33 
_reflns_shell.percent_possible_all   95.5 
_reflns_shell.Rmerge_I_obs           ? 
_reflns_shell.pdbx_Rsym_value        0.434 
_reflns_shell.meanI_over_sigI_obs    3.2 
_reflns_shell.pdbx_redundancy        4.95 
_reflns_shell.percent_possible_obs   ? 
_reflns_shell.number_unique_all      ? 
_reflns_shell.number_measured_all    ? 
_reflns_shell.number_measured_obs    ? 
_reflns_shell.number_unique_obs      ? 
_reflns_shell.pdbx_chi_squared       ? 
_reflns_shell.pdbx_diffrn_id         ? 
_reflns_shell.pdbx_ordinal           1 
# 
_refine.entry_id                                 2P7D 
_refine.ls_number_reflns_obs                     16605 
_refine.ls_number_reflns_all                     16605 
_refine.pdbx_ls_sigma_I                          ? 
_refine.pdbx_ls_sigma_F                          0.0 
_refine.pdbx_data_cutoff_high_absF               948513.14 
_refine.pdbx_data_cutoff_low_absF                0.000000 
_refine.pdbx_data_cutoff_high_rms_absF           ? 
_refine.ls_d_res_low                             30.10 
_refine.ls_d_res_high                            2.25 
_refine.ls_percent_reflns_obs                    96.2 
_refine.ls_R_factor_obs                          0.2291 
_refine.ls_R_factor_all                          0.2291 
_refine.ls_R_factor_R_work                       0.229 
_refine.ls_R_factor_R_free                       0.237 
_refine.ls_R_factor_R_free_error                 0.008 
_refine.ls_R_factor_R_free_error_details         ? 
_refine.ls_percent_reflns_R_free                 4.9 
_refine.ls_number_reflns_R_free                  811 
_refine.ls_number_parameters                     ? 
_refine.ls_number_restraints                     ? 
_refine.occupancy_min                            ? 
_refine.occupancy_max                            ? 
_refine.correlation_coeff_Fo_to_Fc               ? 
_refine.correlation_coeff_Fo_to_Fc_free          ? 
_refine.B_iso_mean                               78.7 
_refine.aniso_B[1][1]                            -11.93 
_refine.aniso_B[2][2]                            -11.93 
_refine.aniso_B[3][3]                            23.86 
_refine.aniso_B[1][2]                            -3.49 
_refine.aniso_B[1][3]                            0.00 
_refine.aniso_B[2][3]                            0.00 
_refine.solvent_model_details                    'FLAT MODEL' 
_refine.solvent_model_param_ksol                 0.337924 
_refine.solvent_model_param_bsol                 66.2658 
_refine.pdbx_solvent_vdw_probe_radii             ? 
_refine.pdbx_solvent_ion_probe_radii             ? 
_refine.pdbx_solvent_shrinkage_radii             ? 
_refine.pdbx_ls_cross_valid_method               THROUGHOUT 
_refine.details                                  ? 
_refine.pdbx_starting_model                      'PDB ENTRY 1ZFR' 
_refine.pdbx_method_to_determine_struct          'FOURIER SYNTHESIS' 
_refine.pdbx_isotropic_thermal_model             RESTRAINED 
_refine.pdbx_stereochemistry_target_values       'Parkinson et al. Acta Cryst.D,52,57 (1996)' 
_refine.pdbx_stereochem_target_val_spec_case     ? 
_refine.pdbx_R_Free_selection_details            RANDOM 
_refine.pdbx_overall_ESU_R_Free                  ? 
_refine.overall_SU_ML                            ? 
_refine.overall_SU_B                             ? 
_refine.ls_redundancy_reflns_obs                 ? 
_refine.overall_SU_R_Cruickshank_DPI             ? 
_refine.overall_SU_R_free                        ? 
_refine.ls_wR_factor_R_free                      ? 
_refine.ls_wR_factor_R_work                      ? 
_refine.overall_FOM_free_R_set                   ? 
_refine.overall_FOM_work_R_set                   ? 
_refine.pdbx_refine_id                           'X-RAY DIFFRACTION' 
_refine.pdbx_overall_ESU_R                       ? 
_refine.pdbx_overall_phase_error                 ? 
_refine.pdbx_diffrn_id                           1 
_refine.pdbx_TLS_residual_ADP_flag               ? 
_refine.pdbx_overall_SU_R_free_Cruickshank_DPI   ? 
_refine.pdbx_overall_SU_R_Blow_DPI               ? 
_refine.pdbx_overall_SU_R_free_Blow_DPI          ? 
# 
_refine_analyze.entry_id                        2P7D 
_refine_analyze.Luzzati_coordinate_error_obs    0.47 
_refine_analyze.Luzzati_sigma_a_obs             0.54 
_refine_analyze.Luzzati_d_res_low_obs           40.64 
_refine_analyze.Luzzati_coordinate_error_free   0.47 
_refine_analyze.Luzzati_sigma_a_free            0.62 
_refine_analyze.Luzzati_d_res_low_free          ? 
_refine_analyze.number_disordered_residues      ? 
_refine_analyze.occupancy_sum_hydrogen          ? 
_refine_analyze.occupancy_sum_non_hydrogen      ? 
_refine_analyze.pdbx_refine_id                  'X-RAY DIFFRACTION' 
# 
_refine_hist.pdbx_refine_id                   'X-RAY DIFFRACTION' 
_refine_hist.cycle_id                         LAST 
_refine_hist.pdbx_number_atoms_protein        0 
_refine_hist.pdbx_number_atoms_nucleic_acid   1347 
_refine_hist.pdbx_number_atoms_ligand         20 
_refine_hist.number_atoms_solvent             37 
_refine_hist.number_atoms_total               1404 
_refine_hist.d_res_high                       2.25 
_refine_hist.d_res_low                        30.10 
# 
loop_
_refine_ls_restr.type 
_refine_ls_restr.dev_ideal 
_refine_ls_restr.dev_ideal_target 
_refine_ls_restr.weight 
_refine_ls_restr.number 
_refine_ls_restr.pdbx_refine_id 
_refine_ls_restr.pdbx_restraint_function 
c_bond_d           0.008 ? ? ? 'X-RAY DIFFRACTION' ? 
c_angle_deg        1.5   ? ? ? 'X-RAY DIFFRACTION' ? 
c_dihedral_angle_d 18.6  ? ? ? 'X-RAY DIFFRACTION' ? 
c_improper_angle_d 1.78  ? ? ? 'X-RAY DIFFRACTION' ? 
c_mcbond_it        ?     ? ? ? 'X-RAY DIFFRACTION' ? 
c_mcangle_it       ?     ? ? ? 'X-RAY DIFFRACTION' ? 
c_scbond_it        ?     ? ? ? 'X-RAY DIFFRACTION' ? 
c_scangle_it       ?     ? ? ? 'X-RAY DIFFRACTION' ? 
# 
_refine_ls_shell.pdbx_total_number_of_bins_used   6 
_refine_ls_shell.d_res_high                       2.25 
_refine_ls_shell.d_res_low                        2.39 
_refine_ls_shell.number_reflns_R_work             2535 
_refine_ls_shell.R_factor_R_work                  0.454 
_refine_ls_shell.percent_reflns_obs               96.0 
_refine_ls_shell.R_factor_R_free                  0.442 
_refine_ls_shell.R_factor_R_free_error            0.036 
_refine_ls_shell.percent_reflns_R_free            5.5 
_refine_ls_shell.number_reflns_R_free             148 
_refine_ls_shell.number_reflns_all                ? 
_refine_ls_shell.R_factor_all                     ? 
_refine_ls_shell.number_reflns_obs                ? 
_refine_ls_shell.redundancy_reflns_obs            ? 
_refine_ls_shell.pdbx_refine_id                   'X-RAY DIFFRACTION' 
# 
loop_
_pdbx_xplor_file.serial_no 
_pdbx_xplor_file.param_file 
_pdbx_xplor_file.topol_file 
_pdbx_xplor_file.pdbx_refine_id 
1 dna-rnaATT             dna-rnaATT            'X-RAY DIFFRACTION' 
2 cobalt.par             cobalt.top            'X-RAY DIFFRACTION' 
3 water_rep.param        water.top             'X-RAY DIFFRACTION' 
4 ion.param              ion.top               'X-RAY DIFFRACTION' 
5 &_1_PARAMETER_INFILE_5 &_1_TOPOLOGY_INFILE_5 'X-RAY DIFFRACTION' 
# 
_struct.entry_id                  2P7D 
_struct.title                     
;A Minimal, 'Hinged' Hairpin Ribozyme Construct Solved with Mimics of the Product Strands at 2.25 Angstroms Resolution
;
_struct.pdbx_model_details        ? 
_struct.pdbx_CASP_flag            N 
_struct.pdbx_model_type_details   ? 
# 
_struct_keywords.entry_id        2P7D 
_struct_keywords.pdbx_keywords   RNA 
_struct_keywords.text            
'hairpin ribozyme; product mimic; transition-state stabilization; active site waters; induced fit, RNA' 
# 
loop_
_struct_asym.id 
_struct_asym.pdbx_blank_PDB_chainid_flag 
_struct_asym.pdbx_modified 
_struct_asym.entity_id 
_struct_asym.details 
A N N 1 ? 
B N N 2 ? 
C N N 3 ? 
D N N 4 ? 
E N N 5 ? 
F N N 6 ? 
G N N 7 ? 
H N N 8 ? 
I N N 8 ? 
J N N 9 ? 
K N N 9 ? 
L N N 9 ? 
M N N 9 ? 
N N N 9 ? 
# 
_struct_biol.id                    1 
_struct_biol.details               'The ribozyme-substrate complex in the asymmetric unit also represents the biological unit' 
_struct_biol.pdbx_parent_biol_id   ? 
# 
loop_
_struct_conn.id 
_struct_conn.conn_type_id 
_struct_conn.pdbx_leaving_atom_flag 
_struct_conn.pdbx_PDB_id 
_struct_conn.ptnr1_label_asym_id 
_struct_conn.ptnr1_label_comp_id 
_struct_conn.ptnr1_label_seq_id 
_struct_conn.ptnr1_label_atom_id 
_struct_conn.pdbx_ptnr1_label_alt_id 
_struct_conn.pdbx_ptnr1_PDB_ins_code 
_struct_conn.pdbx_ptnr1_standard_comp_id 
_struct_conn.ptnr1_symmetry 
_struct_conn.ptnr2_label_asym_id 
_struct_conn.ptnr2_label_comp_id 
_struct_conn.ptnr2_label_seq_id 
_struct_conn.ptnr2_label_atom_id 
_struct_conn.pdbx_ptnr2_label_alt_id 
_struct_conn.pdbx_ptnr2_PDB_ins_code 
_struct_conn.ptnr1_auth_asym_id 
_struct_conn.ptnr1_auth_comp_id 
_struct_conn.ptnr1_auth_seq_id 
_struct_conn.ptnr2_auth_asym_id 
_struct_conn.ptnr2_auth_comp_id 
_struct_conn.ptnr2_auth_seq_id 
_struct_conn.ptnr2_symmetry 
_struct_conn.pdbx_ptnr3_label_atom_id 
_struct_conn.pdbx_ptnr3_label_seq_id 
_struct_conn.pdbx_ptnr3_label_comp_id 
_struct_conn.pdbx_ptnr3_label_asym_id 
_struct_conn.pdbx_ptnr3_label_alt_id 
_struct_conn.pdbx_ptnr3_PDB_ins_code 
_struct_conn.details 
_struct_conn.pdbx_dist_value 
_struct_conn.pdbx_value_order 
_struct_conn.pdbx_role 
covale1  covale both ? B G   12 "O3'" ? ? ? 1_555 B S9L 13 P  ? ? B G   13 B S9L 14  1_555 ? ? ? ? ? ? ?                    1.612 
? ? 
covale2  covale both ? B S9L 13 "O3'" ? ? ? 1_555 C G   1  P  ? ? B S9L 14 C G   15  1_555 ? ? ? ? ? ? ?                    1.606 
? ? 
metalc1  metalc ?    ? A A   5  "O3'" ? ? ? 1_555 G NA  .  NA ? ? A A   5  A NA  104 1_555 ? ? ? ? ? ? ?                    2.874 
? ? 
metalc2  metalc ?    ? A A   5  "O2'" ? ? ? 1_555 G NA  .  NA ? ? A A   5  A NA  104 1_555 ? ? ? ? ? ? ?                    2.473 
? ? 
hydrog1  hydrog ?    ? A C   2  N3    ? ? ? 1_555 B G   12 N1 ? ? A C   2  B G   13  1_555 ? ? ? ? ? ? WATSON-CRICK         ?     
? ? 
hydrog2  hydrog ?    ? A C   2  N4    ? ? ? 1_555 B G   12 O6 ? ? A C   2  B G   13  1_555 ? ? ? ? ? ? WATSON-CRICK         ?     
? ? 
hydrog3  hydrog ?    ? A C   2  O2    ? ? ? 1_555 B G   12 N2 ? ? A C   2  B G   13  1_555 ? ? ? ? ? ? WATSON-CRICK         ?     
? ? 
hydrog4  hydrog ?    ? A C   3  N3    ? ? ? 1_555 B G   11 N1 ? ? A C   3  B G   12  1_555 ? ? ? ? ? ? WATSON-CRICK         ?     
? ? 
hydrog5  hydrog ?    ? A C   3  N4    ? ? ? 1_555 B G   11 O6 ? ? A C   3  B G   12  1_555 ? ? ? ? ? ? WATSON-CRICK         ?     
? ? 
hydrog6  hydrog ?    ? A C   3  O2    ? ? ? 1_555 B G   11 N2 ? ? A C   3  B G   12  1_555 ? ? ? ? ? ? WATSON-CRICK         ?     
? ? 
hydrog7  hydrog ?    ? A C   4  N3    ? ? ? 1_555 B G   10 N1 ? ? A C   4  B G   11  1_555 ? ? ? ? ? ? WATSON-CRICK         ?     
? ? 
hydrog8  hydrog ?    ? A C   4  N4    ? ? ? 1_555 B G   10 O6 ? ? A C   4  B G   11  1_555 ? ? ? ? ? ? WATSON-CRICK         ?     
? ? 
hydrog9  hydrog ?    ? A C   4  O2    ? ? ? 1_555 B G   10 N2 ? ? A C   4  B G   11  1_555 ? ? ? ? ? ? WATSON-CRICK         ?     
? ? 
hydrog10 hydrog ?    ? A A   5  N3    ? ? ? 1_555 B A   8  N6 ? ? A A   5  B A   9   1_555 ? ? ? ? ? ? 'A-A MISPAIR'        ?     
? ? 
hydrog11 hydrog ?    ? A A   5  N3    ? ? ? 1_555 B A   9  N6 ? ? A A   5  B A   10  1_555 ? ? ? ? ? ? 'A-A MISPAIR'        ?     
? ? 
hydrog12 hydrog ?    ? B C   1  N3    ? ? ? 1_555 E G   8  N1 ? ? B C   2  P G   13  1_555 ? ? ? ? ? ? WATSON-CRICK         ?     
? ? 
hydrog13 hydrog ?    ? B C   1  N4    ? ? ? 1_555 E G   8  O6 ? ? B C   2  P G   13  1_555 ? ? ? ? ? ? WATSON-CRICK         ?     
? ? 
hydrog14 hydrog ?    ? B C   1  O2    ? ? ? 1_555 E G   8  N2 ? ? B C   2  P G   13  1_555 ? ? ? ? ? ? WATSON-CRICK         ?     
? ? 
hydrog15 hydrog ?    ? B G   2  N1    ? ? ? 1_555 E C   7  N3 ? ? B G   3  P C   12  1_555 ? ? ? ? ? ? WATSON-CRICK         ?     
? ? 
hydrog16 hydrog ?    ? B G   2  N2    ? ? ? 1_555 E C   7  O2 ? ? B G   3  P C   12  1_555 ? ? ? ? ? ? WATSON-CRICK         ?     
? ? 
hydrog17 hydrog ?    ? B G   2  O6    ? ? ? 1_555 E C   7  N4 ? ? B G   3  P C   12  1_555 ? ? ? ? ? ? WATSON-CRICK         ?     
? ? 
hydrog18 hydrog ?    ? B G   3  N1    ? ? ? 1_555 E C   6  N3 ? ? B G   4  P C   11  1_555 ? ? ? ? ? ? 'G-C PAIR'           ?     
? ? 
hydrog19 hydrog ?    ? B U   4  N3    ? ? ? 1_555 E A   5  N1 ? ? B U   5  P A   10  1_555 ? ? ? ? ? ? WATSON-CRICK         ?     
? ? 
hydrog20 hydrog ?    ? B U   4  O4    ? ? ? 1_555 E A   5  N6 ? ? B U   5  P A   10  1_555 ? ? ? ? ? ? WATSON-CRICK         ?     
? ? 
hydrog21 hydrog ?    ? B G   5  N1    ? ? ? 1_555 E C   4  N3 ? ? B G   6  P C   9   1_555 ? ? ? ? ? ? WATSON-CRICK         ?     
? ? 
hydrog22 hydrog ?    ? B G   5  N2    ? ? ? 1_555 E C   4  O2 ? ? B G   6  P C   9   1_555 ? ? ? ? ? ? WATSON-CRICK         ?     
? ? 
hydrog23 hydrog ?    ? B G   5  O6    ? ? ? 1_555 E C   4  N4 ? ? B G   6  P C   9   1_555 ? ? ? ? ? ? WATSON-CRICK         ?     
? ? 
hydrog24 hydrog ?    ? B A   6  N1    ? ? ? 1_555 E C   3  N4 ? ? B A   7  P C   8   1_555 ? ? ? ? ? ? 'A-C MISPAIR'        ?     
? ? 
hydrog25 hydrog ?    ? B G   7  N2    A ? ? 1_555 E U   2  O4 ? ? B G   8  P U   7   1_555 ? ? ? ? ? ? 'G-U MISPAIR'        ?     
? ? 
hydrog26 hydrog ?    ? C G   1  N1    ? ? ? 1_555 D C   19 N3 ? ? C G   15 D C   49  1_555 ? ? ? ? ? ? WATSON-CRICK         ?     
? ? 
hydrog27 hydrog ?    ? C G   1  N2    ? ? ? 1_555 D C   19 O2 ? ? C G   15 D C   49  1_555 ? ? ? ? ? ? WATSON-CRICK         ?     
? ? 
hydrog28 hydrog ?    ? C G   1  O6    ? ? ? 1_555 D C   19 N4 ? ? C G   15 D C   49  1_555 ? ? ? ? ? ? WATSON-CRICK         ?     
? ? 
hydrog29 hydrog ?    ? C G   2  N1    ? ? ? 1_555 D C   18 N3 ? ? C G   16 D C   48  1_555 ? ? ? ? ? ? WATSON-CRICK         ?     
? ? 
hydrog30 hydrog ?    ? C G   2  N2    ? ? ? 1_555 D C   18 O2 ? ? C G   16 D C   48  1_555 ? ? ? ? ? ? WATSON-CRICK         ?     
? ? 
hydrog31 hydrog ?    ? C G   2  O6    ? ? ? 1_555 D C   18 N4 ? ? C G   16 D C   48  1_555 ? ? ? ? ? ? WATSON-CRICK         ?     
? ? 
hydrog32 hydrog ?    ? C C   3  N3    ? ? ? 1_555 D G   17 N1 ? ? C C   17 D G   47  1_555 ? ? ? ? ? ? WATSON-CRICK         ?     
? ? 
hydrog33 hydrog ?    ? C C   3  N4    ? ? ? 1_555 D G   17 O6 ? ? C C   17 D G   47  1_555 ? ? ? ? ? ? WATSON-CRICK         ?     
? ? 
hydrog34 hydrog ?    ? C C   3  O2    ? ? ? 1_555 D G   17 N2 ? ? C C   17 D G   47  1_555 ? ? ? ? ? ? WATSON-CRICK         ?     
? ? 
hydrog35 hydrog ?    ? C A   4  N1    ? ? ? 1_555 D U   16 N3 ? ? C A   18 D U   46  1_555 ? ? ? ? ? ? WATSON-CRICK         ?     
? ? 
hydrog36 hydrog ?    ? C A   4  N6    ? ? ? 1_555 D U   16 O4 ? ? C A   18 D U   46  1_555 ? ? ? ? ? ? WATSON-CRICK         ?     
? ? 
hydrog37 hydrog ?    ? C G   5  N1    ? ? ? 1_555 D C   15 N3 ? ? C G   19 D C   45  1_555 ? ? ? ? ? ? WATSON-CRICK         ?     
? ? 
hydrog38 hydrog ?    ? C G   5  N2    ? ? ? 1_555 D C   15 O2 ? ? C G   19 D C   45  1_555 ? ? ? ? ? ? WATSON-CRICK         ?     
? ? 
hydrog39 hydrog ?    ? C G   5  O6    ? ? ? 1_555 D C   15 N4 ? ? C G   19 D C   45  1_555 ? ? ? ? ? ? WATSON-CRICK         ?     
? ? 
hydrog40 hydrog ?    ? C A   6  N1    ? ? ? 1_555 D C   14 N4 ? ? C A   20 D C   44  1_555 ? ? ? ? ? ? 'A-C MISPAIR'        ?     
? ? 
hydrog41 hydrog ?    ? C G   7  N2    ? ? ? 1_555 D A   13 N7 ? ? C G   21 D A   43  1_555 ? ? ? ? ? ? TYPE_11_PAIR         ?     
? ? 
hydrog42 hydrog ?    ? C G   7  N3    ? ? ? 1_555 D A   13 N6 ? ? C G   21 D A   43  1_555 ? ? ? ? ? ? TYPE_11_PAIR         ?     
? ? 
hydrog43 hydrog ?    ? C A   8  N6    ? ? ? 1_555 D U   11 O2 ? ? C A   22 D U   41  1_555 ? ? ? ? ? ? 'REVERSED HOOGSTEEN' ?     
? ? 
hydrog44 hydrog ?    ? C A   8  N7    ? ? ? 1_555 D U   11 N3 ? ? C A   22 D U   41  1_555 ? ? ? ? ? ? 'REVERSED HOOGSTEEN' ?     
? ? 
hydrog45 hydrog ?    ? C A   9  N6    ? ? ? 1_555 D A   10 N1 ? ? C A   23 D A   40  1_555 ? ? ? ? ? ? TYPE_5_PAIR          ?     
? ? 
hydrog46 hydrog ?    ? C A   9  N7    ? ? ? 1_555 D A   10 N6 ? ? C A   23 D A   40  1_555 ? ? ? ? ? ? TYPE_5_PAIR          ?     
? ? 
hydrog47 hydrog ?    ? C A   10 N6    ? ? ? 1_555 D A   8  N7 ? ? C A   24 D A   38  1_555 ? ? ? ? ? ? 'A-A MISPAIR'        ?     
? ? 
hydrog48 hydrog ?    ? C C   11 N3    ? ? ? 1_555 E G   1  N1 ? ? C C   25 P G   6   1_555 ? ? ? ? ? ? WATSON-CRICK         ?     
? ? 
hydrog49 hydrog ?    ? C C   11 N4    ? ? ? 1_555 E G   1  O6 ? ? C C   25 P G   6   1_555 ? ? ? ? ? ? WATSON-CRICK         ?     
? ? 
hydrog50 hydrog ?    ? C C   11 O2    ? ? ? 1_555 E G   1  N2 ? ? C C   25 P G   6   1_555 ? ? ? ? ? ? WATSON-CRICK         ?     
? ? 
hydrog51 hydrog ?    ? C A   12 N1    ? ? ? 1_555 D G   6  N1 ? ? C A   26 D G   36  1_555 ? ? ? ? ? ? TYPE_8_PAIR          ?     
? ? 
hydrog52 hydrog ?    ? C A   12 N6    ? ? ? 1_555 D G   6  O6 ? ? C A   26 D G   36  1_555 ? ? ? ? ? ? TYPE_8_PAIR          ?     
? ? 
hydrog53 hydrog ?    ? C C   13 N3    ? ? ? 1_555 D G   5  N1 ? ? C C   27 D G   35  1_555 ? ? ? ? ? ? WATSON-CRICK         ?     
? ? 
hydrog54 hydrog ?    ? C C   13 N4    ? ? ? 1_555 D G   5  O6 ? ? C C   27 D G   35  1_555 ? ? ? ? ? ? WATSON-CRICK         ?     
? ? 
hydrog55 hydrog ?    ? C C   13 O2    ? ? ? 1_555 D G   5  N2 ? ? C C   27 D G   35  1_555 ? ? ? ? ? ? WATSON-CRICK         ?     
? ? 
hydrog56 hydrog ?    ? C A   14 N1    ? ? ? 1_555 D U   4  N3 ? ? C A   28 D U   34  1_555 ? ? ? ? ? ? WATSON-CRICK         ?     
? ? 
hydrog57 hydrog ?    ? C A   14 N6    ? ? ? 1_555 D U   4  O4 ? ? C A   28 D U   34  1_555 ? ? ? ? ? ? WATSON-CRICK         ?     
? ? 
hydrog58 hydrog ?    ? C C   15 N3    ? ? ? 1_555 D G   3  N1 ? ? C C   29 D G   33  1_555 ? ? ? ? ? ? WATSON-CRICK         ?     
? ? 
hydrog59 hydrog ?    ? C C   15 N4    ? ? ? 1_555 D G   3  O6 ? ? C C   29 D G   33  1_555 ? ? ? ? ? ? WATSON-CRICK         ?     
? ? 
hydrog60 hydrog ?    ? C C   15 O2    ? ? ? 1_555 D G   3  N2 ? ? C C   29 D G   33  1_555 ? ? ? ? ? ? WATSON-CRICK         ?     
? ? 
hydrog61 hydrog ?    ? C G   16 N1    ? ? ? 1_555 D C   2  N3 ? ? C G   30 D C   32  1_555 ? ? ? ? ? ? WATSON-CRICK         ?     
? ? 
hydrog62 hydrog ?    ? C G   16 N2    ? ? ? 1_555 D C   2  O2 ? ? C G   30 D C   32  1_555 ? ? ? ? ? ? WATSON-CRICK         ?     
? ? 
hydrog63 hydrog ?    ? C G   16 O6    ? ? ? 1_555 D C   2  N4 ? ? C G   30 D C   32  1_555 ? ? ? ? ? ? WATSON-CRICK         ?     
? ? 
hydrog64 hydrog ?    ? C A   17 N1    ? ? ? 1_555 D U   1  N3 ? ? C A   31 D U   31  1_555 ? ? ? ? ? ? WATSON-CRICK         ?     
? ? 
hydrog65 hydrog ?    ? C A   17 N6    ? ? ? 1_555 D U   1  O4 ? ? C A   31 D U   31  1_555 ? ? ? ? ? ? WATSON-CRICK         ?     
? ? 
# 
loop_
_struct_conn_type.id 
_struct_conn_type.criteria 
_struct_conn_type.reference 
covale ? ? 
metalc ? ? 
hydrog ? ? 
# 
loop_
_struct_site.id 
_struct_site.pdbx_evidence_code 
_struct_site.pdbx_auth_asym_id 
_struct_site.pdbx_auth_comp_id 
_struct_site.pdbx_auth_seq_id 
_struct_site.pdbx_auth_ins_code 
_struct_site.pdbx_num_residues 
_struct_site.details 
AC1 Software A SO4 103 ? 3 'BINDING SITE FOR RESIDUE SO4 A 103' 
AC2 Software A NA  104 ? 2 'BINDING SITE FOR RESIDUE NA A 104'  
AC3 Software D NCO 101 ? 4 'BINDING SITE FOR RESIDUE NCO D 101' 
AC4 Software B NCO 102 ? 6 'BINDING SITE FOR RESIDUE NCO B 102' 
# 
loop_
_struct_site_gen.id 
_struct_site_gen.site_id 
_struct_site_gen.pdbx_num_res 
_struct_site_gen.label_comp_id 
_struct_site_gen.label_asym_id 
_struct_site_gen.label_seq_id 
_struct_site_gen.pdbx_auth_ins_code 
_struct_site_gen.auth_comp_id 
_struct_site_gen.auth_asym_id 
_struct_site_gen.auth_seq_id 
_struct_site_gen.label_atom_id 
_struct_site_gen.label_alt_id 
_struct_site_gen.symmetry 
_struct_site_gen.details 
1  AC1 3 U   A 1  ? U   A 1   . ? 1_555 ? 
2  AC1 3 C   A 2  ? C   A 2   . ? 1_555 ? 
3  AC1 3 NCO H .  ? NCO B 102 . ? 1_555 ? 
4  AC2 2 A   A 5  ? A   A 5   . ? 1_555 ? 
5  AC2 2 G   B 7  ? G   B 8   . ? 1_555 ? 
6  AC3 4 A   C 6  ? A   C 20  . ? 1_555 ? 
7  AC3 4 G   C 7  ? G   C 21  . ? 1_555 ? 
8  AC3 4 A   D 10 ? A   D 40  . ? 1_555 ? 
9  AC3 4 U   D 11 ? U   D 41  . ? 1_555 ? 
10 AC4 6 C   A 2  ? C   A 2   . ? 1_555 ? 
11 AC4 6 C   A 3  ? C   A 3   . ? 1_555 ? 
12 AC4 6 SO4 F .  ? SO4 A 103 . ? 1_555 ? 
13 AC4 6 G   B 10 ? G   B 11  . ? 1_555 ? 
14 AC4 6 G   B 11 ? G   B 12  . ? 1_555 ? 
15 AC4 6 G   B 12 ? G   B 13  . ? 1_555 ? 
# 
_atom_sites.entry_id                    2P7D 
_atom_sites.fract_transf_matrix[1][1]   -0.00802689 
_atom_sites.fract_transf_matrix[1][2]   -0.00173227 
_atom_sites.fract_transf_matrix[1][3]   0.00915429 
_atom_sites.fract_transf_matrix[2][1]   -0.00384810 
_atom_sites.fract_transf_matrix[2][2]   0.00956895 
_atom_sites.fract_transf_matrix[2][3]   0.00669653 
_atom_sites.fract_transf_matrix[3][1]   -0.00563538 
_atom_sites.fract_transf_matrix[3][2]   0.00105244 
_atom_sites.fract_transf_matrix[3][3]   -0.00474220 
_atom_sites.fract_transf_vector[1]      0.434857 
_atom_sites.fract_transf_vector[2]      0.210487 
_atom_sites.fract_transf_vector[3]      0.385117 
# 
loop_
_atom_type.symbol 
C  
CO 
N  
NA 
O  
P  
S  
# 
loop_
_atom_site.group_PDB 
_atom_site.id 
_atom_site.type_symbol 
_atom_site.label_atom_id 
_atom_site.label_alt_id 
_atom_site.label_comp_id 
_atom_site.label_asym_id 
_atom_site.label_entity_id 
_atom_site.label_seq_id 
_atom_site.pdbx_PDB_ins_code 
_atom_site.Cartn_x 
_atom_site.Cartn_y 
_atom_site.Cartn_z 
_atom_site.occupancy 
_atom_site.B_iso_or_equiv 
_atom_site.pdbx_formal_charge 
_atom_site.auth_seq_id 
_atom_site.auth_comp_id 
_atom_site.auth_asym_id 
_atom_site.auth_atom_id 
_atom_site.pdbx_PDB_model_num 
ATOM   1    O  "O5'" A U   A 1 1  ? -16.744 6.437   6.050   0.50 87.74  ? 1   U   A "O5'" 1 
ATOM   2    O  "O5'" B U   A 1 1  ? -16.657 6.058   5.634   0.50 84.60  ? 1   U   A "O5'" 1 
ATOM   3    C  "C5'" A U   A 1 1  ? -17.711 7.382   6.491   0.50 89.91  ? 1   U   A "C5'" 1 
ATOM   4    C  "C5'" B U   A 1 1  ? -17.900 6.791   5.694   0.50 86.83  ? 1   U   A "C5'" 1 
ATOM   5    C  "C4'" A U   A 1 1  ? -17.504 8.667   5.722   0.50 89.48  ? 1   U   A "C4'" 1 
ATOM   6    C  "C4'" B U   A 1 1  ? -17.659 8.273   5.501   0.50 86.44  ? 1   U   A "C4'" 1 
ATOM   7    O  "O4'" A U   A 1 1  ? -17.273 9.756   6.657   0.50 91.87  ? 1   U   A "O4'" 1 
ATOM   8    O  "O4'" B U   A 1 1  ? -17.598 8.974   6.767   0.50 88.51  ? 1   U   A "O4'" 1 
ATOM   9    C  "C3'" A U   A 1 1  ? -16.310 8.692   4.781   0.50 89.85  ? 1   U   A "C3'" 1 
ATOM   10   C  "C3'" B U   A 1 1  ? -16.405 8.649   4.750   0.50 86.68  ? 1   U   A "C3'" 1 
ATOM   11   O  "O3'" A U   A 1 1  ? -16.714 8.216   3.490   0.50 88.11  ? 1   U   A "O3'" 1 
ATOM   12   O  "O3'" B U   A 1 1  ? -16.699 8.494   3.363   0.50 86.33  ? 1   U   A "O3'" 1 
ATOM   13   C  "C2'" A U   A 1 1  ? -16.009 10.186  4.697   0.50 90.96  ? 1   U   A "C2'" 1 
ATOM   14   C  "C2'" B U   A 1 1  ? -16.136 10.069  5.274   0.50 88.00  ? 1   U   A "C2'" 1 
ATOM   15   O  "O2'" A U   A 1 1  ? -16.812 10.856  3.754   0.50 97.23  ? 1   U   A "O2'" 1 
ATOM   16   O  "O2'" B U   A 1 1  ? -16.907 11.126  4.739   0.50 90.10  ? 1   U   A "O2'" 1 
ATOM   17   C  "C1'" A U   A 1 1  ? -16.337 10.666  6.114   0.50 89.60  ? 1   U   A "C1'" 1 
ATOM   18   C  "C1'" B U   A 1 1  ? -16.528 9.911   6.745   0.50 87.73  ? 1   U   A "C1'" 1 
ATOM   19   N  N1    A U   A 1 1  ? -15.130 10.602  6.966   0.50 86.83  ? 1   U   A N1    1 
ATOM   20   N  N1    B U   A 1 1  ? -15.531 9.108   7.441   0.50 85.36  ? 1   U   A N1    1 
ATOM   21   C  C2    A U   A 1 1  ? -14.387 11.759  7.111   0.50 85.73  ? 1   U   A C2    1 
ATOM   22   C  C2    B U   A 1 1  ? -14.401 9.776   7.849   0.50 84.24  ? 1   U   A C2    1 
ATOM   23   O  O2    A U   A 1 1  ? -14.702 12.818  6.603   0.50 84.37  ? 1   U   A O2    1 
ATOM   24   O  O2    B U   A 1 1  ? -14.199 10.940  7.600   0.50 83.99  ? 1   U   A O2    1 
ATOM   25   N  N3    A U   A 1 1  ? -13.255 11.617  7.862   0.50 82.84  ? 1   U   A N3    1 
ATOM   26   N  N3    B U   A 1 1  ? -13.509 9.026   8.543   0.50 83.48  ? 1   U   A N3    1 
ATOM   27   C  C4    A U   A 1 1  ? -12.808 10.455  8.453   0.50 83.79  ? 1   U   A C4    1 
ATOM   28   C  C4    B U   A 1 1  ? -13.616 7.708   8.838   0.50 82.92  ? 1   U   A C4    1 
ATOM   29   O  O4    A U   A 1 1  ? -11.751 10.477  9.079   0.50 81.41  ? 1   U   A O4    1 
ATOM   30   O  O4    B U   A 1 1  ? -12.691 7.193   9.432   0.50 82.32  ? 1   U   A O4    1 
ATOM   31   C  C5    A U   A 1 1  ? -13.641 9.310   8.276   0.50 84.29  ? 1   U   A C5    1 
ATOM   32   C  C5    B U   A 1 1  ? -14.809 7.057   8.387   0.50 83.89  ? 1   U   A C5    1 
ATOM   33   C  C6    A U   A 1 1  ? -14.750 9.422   7.561   0.50 85.19  ? 1   U   A C6    1 
ATOM   34   C  C6    B U   A 1 1  ? -15.710 7.770   7.712   0.50 85.10  ? 1   U   A C6    1 
ATOM   35   P  P     . C   A 1 2  ? -15.619 7.829   2.376   1.00 85.83  ? 2   C   A P     1 
ATOM   36   O  OP1   . C   A 1 2  ? -16.080 8.307   1.043   1.00 84.08  ? 2   C   A OP1   1 
ATOM   37   O  OP2   . C   A 1 2  ? -15.385 6.369   2.604   1.00 75.44  ? 2   C   A OP2   1 
ATOM   38   O  "O5'" . C   A 1 2  ? -14.309 8.652   2.754   1.00 78.35  ? 2   C   A "O5'" 1 
ATOM   39   C  "C5'" . C   A 1 2  ? -14.181 9.996   2.324   1.00 65.16  ? 2   C   A "C5'" 1 
ATOM   40   C  "C4'" . C   A 1 2  ? -12.899 10.583  2.832   1.00 65.08  ? 2   C   A "C4'" 1 
ATOM   41   O  "O4'" . C   A 1 2  ? -12.845 10.412  4.271   1.00 66.69  ? 2   C   A "O4'" 1 
ATOM   42   C  "C3'" . C   A 1 2  ? -11.645 9.887   2.336   1.00 61.95  ? 2   C   A "C3'" 1 
ATOM   43   O  "O3'" . C   A 1 2  ? -11.229 10.317  1.043   1.00 59.86  ? 2   C   A "O3'" 1 
ATOM   44   C  "C2'" . C   A 1 2  ? -10.644 10.280  3.400   1.00 61.80  ? 2   C   A "C2'" 1 
ATOM   45   O  "O2'" . C   A 1 2  ? -10.189 11.605  3.209   1.00 60.25  ? 2   C   A "O2'" 1 
ATOM   46   C  "C1'" . C   A 1 2  ? -11.503 10.200  4.662   1.00 60.52  ? 2   C   A "C1'" 1 
ATOM   47   N  N1    . C   A 1 2  ? -11.402 8.916   5.363   1.00 56.03  ? 2   C   A N1    1 
ATOM   48   C  C2    . C   A 1 2  ? -10.263 8.676   6.131   1.00 56.35  ? 2   C   A C2    1 
ATOM   49   O  O2    . C   A 1 2  ? -9.400  9.573   6.220   1.00 58.35  ? 2   C   A O2    1 
ATOM   50   N  N3    . C   A 1 2  ? -10.118 7.501   6.763   1.00 51.28  ? 2   C   A N3    1 
ATOM   51   C  C4    . C   A 1 2  ? -11.076 6.583   6.657   1.00 54.93  ? 2   C   A C4    1 
ATOM   52   N  N4    . C   A 1 2  ? -10.879 5.426   7.302   1.00 54.11  ? 2   C   A N4    1 
ATOM   53   C  C5    . C   A 1 2  ? -12.262 6.783   5.904   1.00 52.30  ? 2   C   A C5    1 
ATOM   54   C  C6    . C   A 1 2  ? -12.375 7.962   5.271   1.00 54.60  ? 2   C   A C6    1 
ATOM   55   P  P     . C   A 1 3  ? -10.582 9.251   0.029   1.00 60.73  ? 3   C   A P     1 
ATOM   56   O  OP1   . C   A 1 3  ? -10.654 9.823   -1.347  1.00 62.27  ? 3   C   A OP1   1 
ATOM   57   O  OP2   . C   A 1 3  ? -11.135 7.888   0.304   1.00 61.97  ? 3   C   A OP2   1 
ATOM   58   O  "O5'" . C   A 1 3  ? -9.062  9.198   0.504   1.00 56.15  ? 3   C   A "O5'" 1 
ATOM   59   C  "C5'" . C   A 1 3  ? -8.241  10.337  0.429   1.00 55.86  ? 3   C   A "C5'" 1 
ATOM   60   C  "C4'" . C   A 1 3  ? -6.878  10.029  0.985   1.00 56.78  ? 3   C   A "C4'" 1 
ATOM   61   O  "O4'" . C   A 1 3  ? -6.991  9.776   2.406   1.00 53.12  ? 3   C   A "O4'" 1 
ATOM   62   C  "C3'" . C   A 1 3  ? -6.209  8.777   0.457   1.00 60.00  ? 3   C   A "C3'" 1 
ATOM   63   O  "O3'" . C   A 1 3  ? -5.554  9.035   -0.764  1.00 57.61  ? 3   C   A "O3'" 1 
ATOM   64   C  "C2'" . C   A 1 3  ? -5.203  8.492   1.559   1.00 59.83  ? 3   C   A "C2'" 1 
ATOM   65   O  "O2'" . C   A 1 3  ? -4.101  9.385   1.507   1.00 58.88  ? 3   C   A "O2'" 1 
ATOM   66   C  "C1'" . C   A 1 3  ? -6.029  8.816   2.793   1.00 61.48  ? 3   C   A "C1'" 1 
ATOM   67   N  N1    . C   A 1 3  ? -6.745  7.646   3.324   1.00 58.72  ? 3   C   A N1    1 
ATOM   68   C  C2    . C   A 1 3  ? -6.044  6.760   4.139   1.00 58.62  ? 3   C   A C2    1 
ATOM   69   O  O2    . C   A 1 3  ? -4.841  6.952   4.341   1.00 56.75  ? 3   C   A O2    1 
ATOM   70   N  N3    . C   A 1 3  ? -6.699  5.716   4.694   1.00 61.15  ? 3   C   A N3    1 
ATOM   71   C  C4    . C   A 1 3  ? -7.989  5.536   4.431   1.00 61.85  ? 3   C   A C4    1 
ATOM   72   N  N4    . C   A 1 3  ? -8.604  4.508   5.020   1.00 62.36  ? 3   C   A N4    1 
ATOM   73   C  C5    . C   A 1 3  ? -8.713  6.410   3.565   1.00 59.69  ? 3   C   A C5    1 
ATOM   74   C  C6    . C   A 1 3  ? -8.055  7.448   3.032   1.00 60.81  ? 3   C   A C6    1 
ATOM   75   P  P     . C   A 1 4  ? -5.595  7.941   -1.940  1.00 61.30  ? 4   C   A P     1 
ATOM   76   O  OP1   . C   A 1 4  ? -4.989  8.604   -3.128  1.00 67.64  ? 4   C   A OP1   1 
ATOM   77   O  OP2   . C   A 1 4  ? -6.960  7.353   -2.021  1.00 57.88  ? 4   C   A OP2   1 
ATOM   78   O  "O5'" . C   A 1 4  ? -4.627  6.775   -1.452  1.00 59.23  ? 4   C   A "O5'" 1 
ATOM   79   C  "C5'" . C   A 1 4  ? -3.278  7.033   -1.169  1.00 55.82  ? 4   C   A "C5'" 1 
ATOM   80   C  "C4'" . C   A 1 4  ? -2.651  5.865   -0.451  1.00 62.68  ? 4   C   A "C4'" 1 
ATOM   81   O  "O4'" . C   A 1 4  ? -3.325  5.677   0.825   1.00 58.82  ? 4   C   A "O4'" 1 
ATOM   82   C  "C3'" . C   A 1 4  ? -2.819  4.510   -1.132  1.00 59.89  ? 4   C   A "C3'" 1 
ATOM   83   O  "O3'" . C   A 1 4  ? -1.839  4.327   -2.168  1.00 67.12  ? 4   C   A "O3'" 1 
ATOM   84   C  "C2'" . C   A 1 4  ? -2.613  3.551   0.041   1.00 61.10  ? 4   C   A "C2'" 1 
ATOM   85   O  "O2'" . C   A 1 4  ? -1.273  3.291   0.408   1.00 58.89  ? 4   C   A "O2'" 1 
ATOM   86   C  "C1'" . C   A 1 4  ? -3.235  4.321   1.192   1.00 62.78  ? 4   C   A "C1'" 1 
ATOM   87   N  N1    . C   A 1 4  ? -4.515  3.801   1.668   1.00 62.87  ? 4   C   A N1    1 
ATOM   88   C  C2    . C   A 1 4  ? -4.446  2.771   2.574   1.00 63.96  ? 4   C   A C2    1 
ATOM   89   O  O2    . C   A 1 4  ? -3.346  2.397   2.951   1.00 65.69  ? 4   C   A O2    1 
ATOM   90   N  N3    . C   A 1 4  ? -5.564  2.221   3.051   1.00 61.41  ? 4   C   A N3    1 
ATOM   91   C  C4    . C   A 1 4  ? -6.739  2.657   2.623   1.00 61.99  ? 4   C   A C4    1 
ATOM   92   N  N4    . C   A 1 4  ? -7.835  2.092   3.129   1.00 57.77  ? 4   C   A N4    1 
ATOM   93   C  C5    . C   A 1 4  ? -6.859  3.708   1.679   1.00 58.16  ? 4   C   A C5    1 
ATOM   94   C  C6    . C   A 1 4  ? -5.721  4.251   1.225   1.00 60.17  ? 4   C   A C6    1 
ATOM   95   P  P     . A   A 1 5  ? -2.284  3.843   -3.643  1.00 72.97  ? 5   A   A P     1 
ATOM   96   O  OP1   . A   A 1 5  ? -1.055  3.948   -4.471  1.00 72.53  ? 5   A   A OP1   1 
ATOM   97   O  OP2   . A   A 1 5  ? -3.534  4.524   -4.070  1.00 67.14  ? 5   A   A OP2   1 
ATOM   98   O  "O5'" . A   A 1 5  ? -2.623  2.305   -3.429  1.00 74.33  ? 5   A   A "O5'" 1 
ATOM   99   C  "C5'" . A   A 1 5  ? -1.837  1.588   -2.496  1.00 78.22  ? 5   A   A "C5'" 1 
ATOM   100  C  "C4'" . A   A 1 5  ? -2.129  0.108   -2.489  1.00 81.26  ? 5   A   A "C4'" 1 
ATOM   101  O  "O4'" . A   A 1 5  ? -2.985  -0.056  -1.388  1.00 76.42  ? 5   A   A "O4'" 1 
ATOM   102  C  "C3'" . A   A 1 5  ? -2.906  -0.317  -3.691  1.00 82.75  ? 5   A   A "C3'" 1 
ATOM   103  O  "O3'" . A   A 1 5  ? -2.371  -1.505  -4.186  1.00 91.54  ? 5   A   A "O3'" 1 
ATOM   104  C  "C2'" . A   A 1 5  ? -4.328  -0.563  -3.249  1.00 83.38  ? 5   A   A "C2'" 1 
ATOM   105  O  "O2'" . A   A 1 5  ? -4.736  -1.877  -3.600  1.00 87.22  ? 5   A   A "O2'" 1 
ATOM   106  C  "C1'" . A   A 1 5  ? -4.240  -0.517  -1.705  1.00 77.73  ? 5   A   A "C1'" 1 
ATOM   107  N  N9    . A   A 1 5  ? -5.366  0.378   -1.465  1.00 74.99  ? 5   A   A N9    1 
ATOM   108  C  C8    . A   A 1 5  ? -5.533  1.689   -1.816  1.00 73.11  ? 5   A   A C8    1 
ATOM   109  N  N7    . A   A 1 5  ? -6.709  2.175   -1.494  1.00 72.70  ? 5   A   A N7    1 
ATOM   110  C  C5    . A   A 1 5  ? -7.350  1.114   -0.873  1.00 75.52  ? 5   A   A C5    1 
ATOM   111  C  C6    . A   A 1 5  ? -8.634  0.973   -0.310  1.00 77.88  ? 5   A   A C6    1 
ATOM   112  N  N6    . A   A 1 5  ? -9.545  1.949   -0.274  1.00 80.80  ? 5   A   A N6    1 
ATOM   113  N  N1    . A   A 1 5  ? -8.960  -0.221  0.225   1.00 77.50  ? 5   A   A N1    1 
ATOM   114  C  C2    . A   A 1 5  ? -8.053  -1.204  0.192   1.00 74.47  ? 5   A   A C2    1 
ATOM   115  N  N3    . A   A 1 5  ? -6.823  -1.196  -0.309  1.00 75.95  ? 5   A   A N3    1 
ATOM   116  C  C4    . A   A 1 5  ? -6.528  0.005   -0.835  1.00 75.01  ? 5   A   A C4    1 
ATOM   117  O  "O5'" . C   B 2 1  ? 1.074   -10.154 -16.273 1.00 121.37 ? 2   C   B "O5'" 1 
ATOM   118  C  "C5'" . C   B 2 1  ? 2.298   -9.818  -16.916 1.00 121.91 ? 2   C   B "C5'" 1 
ATOM   119  C  "C4'" . C   B 2 1  ? 2.144   -8.723  -17.945 1.00 122.95 ? 2   C   B "C4'" 1 
ATOM   120  O  "O4'" . C   B 2 1  ? 1.293   -9.204  -19.021 1.00 121.65 ? 2   C   B "O4'" 1 
ATOM   121  C  "C3'" . C   B 2 1  ? 1.420   -7.467  -17.480 1.00 125.24 ? 2   C   B "C3'" 1 
ATOM   122  O  "O3'" . C   B 2 1  ? 2.207   -6.560  -16.734 1.00 129.98 ? 2   C   B "O3'" 1 
ATOM   123  C  "C2'" . C   B 2 1  ? 0.927   -6.870  -18.791 1.00 122.41 ? 2   C   B "C2'" 1 
ATOM   124  O  "O2'" . C   B 2 1  ? 1.927   -6.202  -19.547 1.00 123.30 ? 2   C   B "O2'" 1 
ATOM   125  C  "C1'" . C   B 2 1  ? 0.495   -8.133  -19.525 1.00 118.94 ? 2   C   B "C1'" 1 
ATOM   126  N  N1    . C   B 2 1  ? -0.937  -8.416  -19.265 1.00 114.62 ? 2   C   B N1    1 
ATOM   127  C  C2    . C   B 2 1  ? -1.894  -7.712  -20.008 1.00 113.00 ? 2   C   B C2    1 
ATOM   128  O  O2    . C   B 2 1  ? -1.511  -6.873  -20.847 1.00 111.94 ? 2   C   B O2    1 
ATOM   129  N  N3    . C   B 2 1  ? -3.211  -7.956  -19.788 1.00 111.70 ? 2   C   B N3    1 
ATOM   130  C  C4    . C   B 2 1  ? -3.578  -8.860  -18.874 1.00 111.71 ? 2   C   B C4    1 
ATOM   131  N  N4    . C   B 2 1  ? -4.887  -9.081  -18.700 1.00 111.08 ? 2   C   B N4    1 
ATOM   132  C  C5    . C   B 2 1  ? -2.627  -9.582  -18.098 1.00 111.72 ? 2   C   B C5    1 
ATOM   133  C  C6    . C   B 2 1  ? -1.326  -9.334  -18.328 1.00 113.16 ? 2   C   B C6    1 
ATOM   134  P  P     . G   B 2 2  ? 1.478   -5.526  -15.738 1.00 129.37 ? 3   G   B P     1 
ATOM   135  O  OP1   . G   B 2 2  ? 2.568   -4.818  -15.021 1.00 130.59 ? 3   G   B OP1   1 
ATOM   136  O  OP2   . G   B 2 2  ? 0.445   -6.274  -14.956 1.00 126.68 ? 3   G   B OP2   1 
ATOM   137  O  "O5'" . G   B 2 2  ? 0.751   -4.479  -16.710 1.00 128.37 ? 3   G   B "O5'" 1 
ATOM   138  C  "C5'" . G   B 2 2  ? 1.518   -3.529  -17.459 1.00 126.11 ? 3   G   B "C5'" 1 
ATOM   139  C  "C4'" . G   B 2 2  ? 0.624   -2.595  -18.256 1.00 125.21 ? 3   G   B "C4'" 1 
ATOM   140  O  "O4'" . G   B 2 2  ? -0.156  -3.368  -19.213 1.00 123.36 ? 3   G   B "O4'" 1 
ATOM   141  C  "C3'" . G   B 2 2  ? -0.431  -1.799  -17.494 1.00 126.64 ? 3   G   B "C3'" 1 
ATOM   142  O  "O3'" . G   B 2 2  ? 0.067   -0.644  -16.817 1.00 128.53 ? 3   G   B "O3'" 1 
ATOM   143  C  "C2'" . G   B 2 2  ? -1.440  -1.472  -18.593 1.00 124.50 ? 3   G   B "C2'" 1 
ATOM   144  O  "O2'" . G   B 2 2  ? -1.064  -0.410  -19.458 1.00 125.41 ? 3   G   B "O2'" 1 
ATOM   145  C  "C1'" . G   B 2 2  ? -1.446  -2.781  -19.376 1.00 120.26 ? 3   G   B "C1'" 1 
ATOM   146  N  N9    . G   B 2 2  ? -2.456  -3.678  -18.830 1.00 115.32 ? 3   G   B N9    1 
ATOM   147  C  C8    . G   B 2 2  ? -2.251  -4.774  -18.024 1.00 113.30 ? 3   G   B C8    1 
ATOM   148  N  N7    . G   B 2 2  ? -3.358  -5.371  -17.670 1.00 111.88 ? 3   G   B N7    1 
ATOM   149  C  C5    . G   B 2 2  ? -4.359  -4.630  -18.284 1.00 112.30 ? 3   G   B C5    1 
ATOM   150  C  C6    . G   B 2 2  ? -5.783  -4.797  -18.262 1.00 112.06 ? 3   G   B C6    1 
ATOM   151  O  O6    . G   B 2 2  ? -6.449  -5.667  -17.678 1.00 111.91 ? 3   G   B O6    1 
ATOM   152  N  N1    . G   B 2 2  ? -6.431  -3.814  -19.015 1.00 111.51 ? 3   G   B N1    1 
ATOM   153  C  C2    . G   B 2 2  ? -5.804  -2.798  -19.699 1.00 111.58 ? 3   G   B C2    1 
ATOM   154  N  N2    . G   B 2 2  ? -6.612  -1.936  -20.360 1.00 109.90 ? 3   G   B N2    1 
ATOM   155  N  N3    . G   B 2 2  ? -4.478  -2.633  -19.733 1.00 112.12 ? 3   G   B N3    1 
ATOM   156  C  C4    . G   B 2 2  ? -3.831  -3.582  -19.006 1.00 113.40 ? 3   G   B C4    1 
ATOM   157  P  P     . G   B 2 3  ? -0.755  -0.043  -15.561 1.00 127.50 ? 4   G   B P     1 
ATOM   158  O  OP1   . G   B 2 3  ? -0.046  1.171   -15.077 1.00 128.69 ? 4   G   B OP1   1 
ATOM   159  O  OP2   . G   B 2 3  ? -1.089  -1.135  -14.601 1.00 124.95 ? 4   G   B OP2   1 
ATOM   160  O  "O5'" . G   B 2 3  ? -2.127  0.434   -16.209 1.00 124.18 ? 4   G   B "O5'" 1 
ATOM   161  C  "C5'" . G   B 2 3  ? -2.140  1.419   -17.237 1.00 123.66 ? 4   G   B "C5'" 1 
ATOM   162  C  "C4'" . G   B 2 3  ? -3.541  1.931   -17.438 1.00 122.57 ? 4   G   B "C4'" 1 
ATOM   163  O  "O4'" . G   B 2 3  ? -4.332  0.966   -18.181 1.00 121.43 ? 4   G   B "O4'" 1 
ATOM   164  C  "C3'" . G   B 2 3  ? -4.321  2.116   -16.156 1.00 122.31 ? 4   G   B "C3'" 1 
ATOM   165  O  "O3'" . G   B 2 3  ? -3.934  3.300   -15.495 1.00 123.56 ? 4   G   B "O3'" 1 
ATOM   166  C  "C2'" . G   B 2 3  ? -5.767  2.062   -16.639 1.00 120.97 ? 4   G   B "C2'" 1 
ATOM   167  O  "O2'" . G   B 2 3  ? -6.236  3.256   -17.239 1.00 122.22 ? 4   G   B "O2'" 1 
ATOM   168  C  "C1'" . G   B 2 3  ? -5.669  0.966   -17.698 1.00 118.68 ? 4   G   B "C1'" 1 
ATOM   169  N  N9    . G   B 2 3  ? -5.920  -0.320  -17.064 1.00 114.71 ? 4   G   B N9    1 
ATOM   170  C  C8    . G   B 2 3  ? -4.995  -1.158  -16.479 1.00 113.44 ? 4   G   B C8    1 
ATOM   171  N  N7    . G   B 2 3  ? -5.535  -2.218  -15.942 1.00 113.20 ? 4   G   B N7    1 
ATOM   172  C  C5    . G   B 2 3  ? -6.896  -2.079  -16.198 1.00 111.89 ? 4   G   B C5    1 
ATOM   173  C  C6    . G   B 2 3  ? -7.994  -2.919  -15.858 1.00 111.19 ? 4   G   B C6    1 
ATOM   174  O  O6    . G   B 2 3  ? -7.983  -3.997  -15.239 1.00 110.22 ? 4   G   B O6    1 
ATOM   175  N  N1    . G   B 2 3  ? -9.201  -2.388  -16.310 1.00 110.71 ? 4   G   B N1    1 
ATOM   176  C  C2    . G   B 2 3  ? -9.338  -1.204  -17.008 1.00 111.39 ? 4   G   B C2    1 
ATOM   177  N  N2    . G   B 2 3  ? -10.587 -0.850  -17.341 1.00 111.89 ? 4   G   B N2    1 
ATOM   178  N  N3    . G   B 2 3  ? -8.325  -0.420  -17.337 1.00 111.80 ? 4   G   B N3    1 
ATOM   179  C  C4    . G   B 2 3  ? -7.142  -0.912  -16.904 1.00 112.47 ? 4   G   B C4    1 
ATOM   180  P  P     . U   B 2 4  ? -4.503  3.600   -14.032 1.00 121.46 ? 5   U   B P     1 
ATOM   181  O  OP1   . U   B 2 4  ? -3.660  4.683   -13.463 1.00 121.48 ? 5   U   B OP1   1 
ATOM   182  O  OP2   . U   B 2 4  ? -4.666  2.319   -13.282 1.00 119.64 ? 5   U   B OP2   1 
ATOM   183  O  "O5'" . U   B 2 4  ? -5.960  4.158   -14.353 1.00 118.46 ? 5   U   B "O5'" 1 
ATOM   184  C  "C5'" . U   B 2 4  ? -6.986  4.059   -13.393 1.00 114.31 ? 5   U   B "C5'" 1 
ATOM   185  C  "C4'" . U   B 2 4  ? -8.317  3.850   -14.061 1.00 112.34 ? 5   U   B "C4'" 1 
ATOM   186  O  "O4'" . U   B 2 4  ? -8.258  2.733   -14.975 1.00 112.21 ? 5   U   B "O4'" 1 
ATOM   187  C  "C3'" . U   B 2 4  ? -9.443  3.504   -13.119 1.00 112.70 ? 5   U   B "C3'" 1 
ATOM   188  O  "O3'" . U   B 2 4  ? -9.930  4.664   -12.525 1.00 115.18 ? 5   U   B "O3'" 1 
ATOM   189  C  "C2'" . U   B 2 4  ? -10.422 2.800   -14.027 1.00 109.44 ? 5   U   B "C2'" 1 
ATOM   190  O  "O2'" . U   B 2 4  ? -11.135 3.698   -14.845 1.00 106.25 ? 5   U   B "O2'" 1 
ATOM   191  C  "C1'" . U   B 2 4  ? -9.455  1.980   -14.868 1.00 109.58 ? 5   U   B "C1'" 1 
ATOM   192  N  N1    . U   B 2 4  ? -9.094  0.768   -14.120 1.00 107.83 ? 5   U   B N1    1 
ATOM   193  C  C2    . U   B 2 4  ? -10.098 -0.090  -13.736 1.00 106.86 ? 5   U   B C2    1 
ATOM   194  O  O2    . U   B 2 4  ? -11.275 0.113   -13.973 1.00 106.49 ? 5   U   B O2    1 
ATOM   195  N  N3    . U   B 2 4  ? -9.669  -1.203  -13.053 1.00 105.78 ? 5   U   B N3    1 
ATOM   196  C  C4    . U   B 2 4  ? -8.364  -1.519  -12.702 1.00 106.32 ? 5   U   B C4    1 
ATOM   197  O  O4    . U   B 2 4  ? -8.134  -2.554  -12.064 1.00 106.97 ? 5   U   B O4    1 
ATOM   198  C  C5    . U   B 2 4  ? -7.391  -0.566  -13.122 1.00 106.15 ? 5   U   B C5    1 
ATOM   199  C  C6    . U   B 2 4  ? -7.780  0.518   -13.800 1.00 106.82 ? 5   U   B C6    1 
ATOM   200  P  P     . G   B 2 5  ? -9.609  4.918   -10.987 1.00 115.06 ? 6   G   B P     1 
ATOM   201  O  OP1   . G   B 2 5  ? -9.639  6.389   -10.783 1.00 117.22 ? 6   G   B OP1   1 
ATOM   202  O  OP2   . G   B 2 5  ? -8.384  4.135   -10.620 1.00 113.63 ? 6   G   B OP2   1 
ATOM   203  O  "O5'" . G   B 2 5  ? -10.856 4.248   -10.267 1.00 108.74 ? 6   G   B "O5'" 1 
ATOM   204  C  "C5'" . G   B 2 5  ? -12.163 4.660   -10.614 1.00 105.54 ? 6   G   B "C5'" 1 
ATOM   205  C  "C4'" . G   B 2 5  ? -13.135 3.523   -10.479 1.00 105.32 ? 6   G   B "C4'" 1 
ATOM   206  O  "O4'" . G   B 2 5  ? -12.694 2.414   -11.314 1.00 105.09 ? 6   G   B "O4'" 1 
ATOM   207  C  "C3'" . G   B 2 5  ? -13.181 2.900   -9.095  1.00 103.37 ? 6   G   B "C3'" 1 
ATOM   208  O  "O3'" . G   B 2 5  ? -13.918 3.679   -8.168  1.00 103.37 ? 6   G   B "O3'" 1 
ATOM   209  C  "C2'" . G   B 2 5  ? -13.776 1.533   -9.388  1.00 102.49 ? 6   G   B "C2'" 1 
ATOM   210  O  "O2'" . G   B 2 5  ? -15.171 1.574   -9.612  1.00 102.21 ? 6   G   B "O2'" 1 
ATOM   211  C  "C1'" . G   B 2 5  ? -13.070 1.187   -10.696 1.00 102.06 ? 6   G   B "C1'" 1 
ATOM   212  N  N9    . G   B 2 5  ? -11.905 0.370   -10.410 1.00 99.61  ? 6   G   B N9    1 
ATOM   213  C  C8    . G   B 2 5  ? -10.567 0.684   -10.510 1.00 99.46  ? 6   G   B C8    1 
ATOM   214  N  N7    . G   B 2 5  ? -9.780  -0.294  -10.139 1.00 97.86  ? 6   G   B N7    1 
ATOM   215  C  C5    . G   B 2 5  ? -10.653 -1.315  -9.781  1.00 96.94  ? 6   G   B C5    1 
ATOM   216  C  C6    . G   B 2 5  ? -10.394 -2.634  -9.295  1.00 95.51  ? 6   G   B C6    1 
ATOM   217  O  O6    . G   B 2 5  ? -9.303  -3.180  -9.078  1.00 92.30  ? 6   G   B O6    1 
ATOM   218  N  N1    . G   B 2 5  ? -11.576 -3.330  -9.054  1.00 93.66  ? 6   G   B N1    1 
ATOM   219  C  C2    . G   B 2 5  ? -12.835 -2.830  -9.244  1.00 94.85  ? 6   G   B C2    1 
ATOM   220  N  N2    . G   B 2 5  ? -13.853 -3.639  -8.936  1.00 93.46  ? 6   G   B N2    1 
ATOM   221  N  N3    . G   B 2 5  ? -13.089 -1.620  -9.701  1.00 96.16  ? 6   G   B N3    1 
ATOM   222  C  C4    . G   B 2 5  ? -11.956 -0.929  -9.941  1.00 97.46  ? 6   G   B C4    1 
ATOM   223  P  P     . A   B 2 6  ? -13.325 3.926   -6.692  1.00 100.39 ? 7   A   B P     1 
ATOM   224  O  OP1   . A   B 2 6  ? -13.904 5.210   -6.211  1.00 103.34 ? 7   A   B OP1   1 
ATOM   225  O  OP2   . A   B 2 6  ? -11.846 3.742   -6.741  1.00 100.07 ? 7   A   B OP2   1 
ATOM   226  O  "O5'" . A   B 2 6  ? -13.944 2.737   -5.833  1.00 102.64 ? 7   A   B "O5'" 1 
ATOM   227  C  "C5'" . A   B 2 6  ? -15.303 2.362   -6.021  1.00 98.87  ? 7   A   B "C5'" 1 
ATOM   228  C  "C4'" . A   B 2 6  ? -15.487 0.881   -5.799  1.00 99.88  ? 7   A   B "C4'" 1 
ATOM   229  O  "O4'" . A   B 2 6  ? -14.701 0.133   -6.772  1.00 100.92 ? 7   A   B "O4'" 1 
ATOM   230  C  "C3'" . A   B 2 6  ? -14.973 0.384   -4.461  1.00 98.16  ? 7   A   B "C3'" 1 
ATOM   231  O  "O3'" . A   B 2 6  ? -15.938 0.560   -3.440  1.00 98.57  ? 7   A   B "O3'" 1 
ATOM   232  C  "C2'" . A   B 2 6  ? -14.733 -1.093  -4.734  1.00 97.80  ? 7   A   B "C2'" 1 
ATOM   233  O  "O2'" . A   B 2 6  ? -15.925 -1.844  -4.632  1.00 95.27  ? 7   A   B "O2'" 1 
ATOM   234  C  "C1'" . A   B 2 6  ? -14.222 -1.064  -6.173  1.00 98.14  ? 7   A   B "C1'" 1 
ATOM   235  N  N9    . A   B 2 6  ? -12.759 -1.107  -6.267  1.00 97.45  ? 7   A   B N9    1 
ATOM   236  C  C8    . A   B 2 6  ? -11.879 -0.089  -6.548  1.00 97.35  ? 7   A   B C8    1 
ATOM   237  N  N7    . A   B 2 6  ? -10.621 -0.461  -6.540  1.00 96.94  ? 7   A   B N7    1 
ATOM   238  C  C5    . A   B 2 6  ? -10.677 -1.818  -6.238  1.00 97.49  ? 7   A   B C5    1 
ATOM   239  C  C6    . A   B 2 6  ? -9.673  -2.800  -6.079  1.00 97.49  ? 7   A   B C6    1 
ATOM   240  N  N6    . A   B 2 6  ? -8.362  -2.555  -6.209  1.00 96.81  ? 7   A   B N6    1 
ATOM   241  N  N1    . A   B 2 6  ? -10.071 -4.059  -5.777  1.00 95.81  ? 7   A   B N1    1 
ATOM   242  C  C2    . A   B 2 6  ? -11.383 -4.306  -5.644  1.00 95.07  ? 7   A   B C2    1 
ATOM   243  N  N3    . A   B 2 6  ? -12.414 -3.473  -5.768  1.00 96.11  ? 7   A   B N3    1 
ATOM   244  C  C4    . A   B 2 6  ? -11.989 -2.230  -6.069  1.00 97.43  ? 7   A   B C4    1 
ATOM   245  P  P     A G   B 2 7  ? -15.466 0.978   -1.970  0.50 99.07  ? 8   G   B P     1 
ATOM   246  P  P     B G   B 2 7  ? -15.460 0.685   -1.914  0.50 98.70  ? 8   G   B P     1 
ATOM   247  O  OP1   A G   B 2 7  ? -16.676 1.209   -1.148  0.50 100.40 ? 8   G   B OP1   1 
ATOM   248  O  OP1   B G   B 2 7  ? -16.666 0.550   -1.061  0.50 99.68  ? 8   G   B OP1   1 
ATOM   249  O  OP2   A G   B 2 7  ? -14.475 2.064   -2.141  0.50 96.98  ? 8   G   B OP2   1 
ATOM   250  O  OP2   B G   B 2 7  ? -14.638 1.915   -1.836  0.50 96.37  ? 8   G   B OP2   1 
ATOM   251  O  "O5'" A G   B 2 7  ? -14.707 -0.319  -1.435  0.50 99.47  ? 8   G   B "O5'" 1 
ATOM   252  O  "O5'" B G   B 2 7  ? -14.528 -0.592  -1.692  0.50 97.98  ? 8   G   B "O5'" 1 
ATOM   253  C  "C5'" A G   B 2 7  ? -15.257 -1.634  -1.607  0.50 97.84  ? 8   G   B "C5'" 1 
ATOM   254  C  "C5'" B G   B 2 7  ? -15.052 -1.915  -1.832  0.50 94.41  ? 8   G   B "C5'" 1 
ATOM   255  C  "C4'" A G   B 2 7  ? -14.234 -2.689  -1.205  0.50 97.74  ? 8   G   B "C4'" 1 
ATOM   256  C  "C4'" B G   B 2 7  ? -14.098 -2.931  -1.235  0.50 91.94  ? 8   G   B "C4'" 1 
ATOM   257  O  "O4'" A G   B 2 7  ? -13.098 -2.664  -2.127  0.50 97.87  ? 8   G   B "O4'" 1 
ATOM   258  O  "O4'" B G   B 2 7  ? -12.879 -3.064  -2.014  0.50 89.24  ? 8   G   B "O4'" 1 
ATOM   259  C  "C3'" A G   B 2 7  ? -13.676 -2.352  0.185   0.50 96.66  ? 8   G   B "C3'" 1 
ATOM   260  C  "C3'" B G   B 2 7  ? -13.642 -2.436  0.136   0.50 90.87  ? 8   G   B "C3'" 1 
ATOM   261  O  "O3'" A G   B 2 7  ? -13.668 -3.466  1.077   0.50 96.75  ? 8   G   B "O3'" 1 
ATOM   262  O  "O3'" B G   B 2 7  ? -13.686 -3.518  1.057   0.50 94.13  ? 8   G   B "O3'" 1 
ATOM   263  C  "C2'" A G   B 2 7  ? -12.344 -1.645  -0.059  0.50 97.29  ? 8   G   B "C2'" 1 
ATOM   264  C  "C2'" B G   B 2 7  ? -12.275 -1.776  -0.062  0.50 89.42  ? 8   G   B "C2'" 1 
ATOM   265  O  "O2'" A G   B 2 7  ? -11.328 -2.012  0.861   0.50 97.54  ? 8   G   B "O2'" 1 
ATOM   266  O  "O2'" B G   B 2 7  ? -11.377 -2.005  1.010   0.50 88.88  ? 8   G   B "O2'" 1 
ATOM   267  C  "C1'" A G   B 2 7  ? -11.958 -2.182  -1.445  0.50 96.34  ? 8   G   B "C1'" 1 
ATOM   268  C  "C1'" B G   B 2 7  ? -11.788 -2.568  -1.266  0.50 86.11  ? 8   G   B "C1'" 1 
ATOM   269  N  N9    A G   B 2 7  ? -11.240 -1.247  -2.291  0.50 95.96  ? 8   G   B N9    1 
ATOM   270  N  N9    B G   B 2 7  ? -10.702 -2.106  -2.114  0.50 82.95  ? 8   G   B N9    1 
ATOM   271  C  C8    A G   B 2 7  ? -11.652 -0.008  -2.714  0.50 95.84  ? 8   G   B C8    1 
ATOM   272  C  C8    B G   B 2 7  ? -9.610  -2.855  -2.491  0.50 82.57  ? 8   G   B C8    1 
ATOM   273  N  N7    A G   B 2 7  ? -10.762 0.601   -3.444  0.50 95.10  ? 8   G   B N7    1 
ATOM   274  N  N7    B G   B 2 7  ? -8.743  -2.185  -3.200  0.50 82.31  ? 8   G   B N7    1 
ATOM   275  C  C5    A G   B 2 7  ? -9.700  -0.288  -3.508  0.50 95.01  ? 8   G   B C5    1 
ATOM   276  C  C5    B G   B 2 7  ? -9.299  -0.923  -3.311  0.50 81.50  ? 8   G   B C5    1 
ATOM   277  C  C6    A G   B 2 7  ? -8.438  -0.171  -4.164  0.50 94.89  ? 8   G   B C6    1 
ATOM   278  C  C6    B G   B 2 7  ? -8.809  0.239   -3.971  0.50 81.08  ? 8   G   B C6    1 
ATOM   279  O  O6    A G   B 2 7  ? -8.004  0.783   -4.828  0.50 95.68  ? 8   G   B O6    1 
ATOM   280  O  O6    B G   B 2 7  ? -7.746  0.382   -4.587  0.50 80.99  ? 8   G   B O6    1 
ATOM   281  N  N1    A G   B 2 7  ? -7.655  -1.308  -3.984  0.50 94.53  ? 8   G   B N1    1 
ATOM   282  N  N1    B G   B 2 7  ? -9.691  1.306   -3.854  0.50 80.57  ? 8   G   B N1    1 
ATOM   283  C  C2    A G   B 2 7  ? -8.034  -2.417  -3.269  0.50 93.77  ? 8   G   B C2    1 
ATOM   284  C  C2    B G   B 2 7  ? -10.897 1.267   -3.195  0.50 80.13  ? 8   G   B C2    1 
ATOM   285  N  N2    A G   B 2 7  ? -7.148  -3.410  -3.211  0.50 90.16  ? 8   G   B N2    1 
ATOM   286  N  N2    B G   B 2 7  ? -11.611 2.402   -3.209  0.50 78.13  ? 8   G   B N2    1 
ATOM   287  N  N3    A G   B 2 7  ? -9.202  -2.540  -2.652  0.50 94.04  ? 8   G   B N3    1 
ATOM   288  N  N3    B G   B 2 7  ? -11.364 0.195   -2.562  0.50 81.26  ? 8   G   B N3    1 
ATOM   289  C  C4    A G   B 2 7  ? -9.973  -1.439  -2.815  0.50 94.86  ? 8   G   B C4    1 
ATOM   290  C  C4    B G   B 2 7  ? -10.518 -0.852  -2.665  0.50 82.56  ? 8   G   B C4    1 
ATOM   291  P  P     . A   B 2 8  ? -13.754 -3.268  2.640   1.00 95.52  ? 9   A   B P     1 
ATOM   292  O  OP1   . A   B 2 8  ? -15.203 -3.342  2.982   1.00 99.89  ? 9   A   B OP1   1 
ATOM   293  O  OP2   . A   B 2 8  ? -12.948 -2.070  2.984   1.00 94.46  ? 9   A   B OP2   1 
ATOM   294  O  "O5'" . A   B 2 8  ? -13.054 -4.573  3.205   1.00 93.54  ? 9   A   B "O5'" 1 
ATOM   295  C  "C5'" . A   B 2 8  ? -13.652 -5.850  2.964   1.00 87.78  ? 9   A   B "C5'" 1 
ATOM   296  C  "C4'" . A   B 2 8  ? -12.639 -6.961  3.024   1.00 87.60  ? 9   A   B "C4'" 1 
ATOM   297  O  "O4'" . A   B 2 8  ? -11.844 -6.985  1.809   1.00 86.39  ? 9   A   B "O4'" 1 
ATOM   298  C  "C3'" . A   B 2 8  ? -11.631 -6.852  4.149   1.00 85.61  ? 9   A   B "C3'" 1 
ATOM   299  O  "O3'" . A   B 2 8  ? -12.175 -7.352  5.363   1.00 85.90  ? 9   A   B "O3'" 1 
ATOM   300  C  "C2'" . A   B 2 8  ? -10.508 -7.730  3.624   1.00 85.61  ? 9   A   B "C2'" 1 
ATOM   301  O  "O2'" . A   B 2 8  ? -10.826 -9.108  3.768   1.00 83.83  ? 9   A   B "O2'" 1 
ATOM   302  C  "C1'" . A   B 2 8  ? -10.533 -7.403  2.129   1.00 84.79  ? 9   A   B "C1'" 1 
ATOM   303  N  N9    . A   B 2 8  ? -9.579  -6.388  1.669   1.00 86.43  ? 9   A   B N9    1 
ATOM   304  C  C8    . A   B 2 8  ? -9.838  -5.103  1.253   1.00 86.35  ? 9   A   B C8    1 
ATOM   305  N  N7    . A   B 2 8  ? -8.775  -4.456  0.829   1.00 85.95  ? 9   A   B N7    1 
ATOM   306  C  C5    . A   B 2 8  ? -7.748  -5.370  0.992   1.00 85.55  ? 9   A   B C5    1 
ATOM   307  C  C6    . A   B 2 8  ? -6.382  -5.306  0.701   1.00 84.34  ? 9   A   B C6    1 
ATOM   308  N  N6    . A   B 2 8  ? -5.782  -4.235  0.149   1.00 80.49  ? 9   A   B N6    1 
ATOM   309  N  N1    . A   B 2 8  ? -5.639  -6.400  0.990   1.00 83.59  ? 9   A   B N1    1 
ATOM   310  C  C2    . A   B 2 8  ? -6.244  -7.486  1.519   1.00 85.70  ? 9   A   B C2    1 
ATOM   311  N  N3    . A   B 2 8  ? -7.520  -7.666  1.821   1.00 86.40  ? 9   A   B N3    1 
ATOM   312  C  C4    . A   B 2 8  ? -8.225  -6.562  1.529   1.00 85.93  ? 9   A   B C4    1 
ATOM   313  P  P     . A   B 2 9  ? -11.862 -6.597  6.736   1.00 88.22  ? 10  A   B P     1 
ATOM   314  O  OP1   . A   B 2 9  ? -12.593 -7.336  7.784   1.00 92.36  ? 10  A   B OP1   1 
ATOM   315  O  OP2   . A   B 2 9  ? -12.092 -5.148  6.559   1.00 85.72  ? 10  A   B OP2   1 
ATOM   316  O  "O5'" . A   B 2 9  ? -10.304 -6.821  6.932   1.00 86.26  ? 10  A   B "O5'" 1 
ATOM   317  C  "C5'" . A   B 2 9  ? -9.801  -8.113  7.177   1.00 80.07  ? 10  A   B "C5'" 1 
ATOM   318  C  "C4'" . A   B 2 9  ? -8.300  -8.066  7.278   1.00 76.30  ? 10  A   B "C4'" 1 
ATOM   319  O  "O4'" . A   B 2 9  ? -7.730  -7.907  5.951   1.00 72.67  ? 10  A   B "O4'" 1 
ATOM   320  C  "C3'" . A   B 2 9  ? -7.739  -6.893  8.072   1.00 73.15  ? 10  A   B "C3'" 1 
ATOM   321  O  "O3'" . A   B 2 9  ? -7.705  -7.181  9.466   1.00 74.00  ? 10  A   B "O3'" 1 
ATOM   322  C  "C2'" . A   B 2 9  ? -6.328  -6.782  7.517   1.00 74.19  ? 10  A   B "C2'" 1 
ATOM   323  O  "O2'" . A   B 2 9  ? -5.490  -7.747  8.115   1.00 76.67  ? 10  A   B "O2'" 1 
ATOM   324  C  "C1'" . A   B 2 9  ? -6.550  -7.124  6.040   1.00 72.15  ? 10  A   B "C1'" 1 
ATOM   325  N  N9    . A   B 2 9  ? -6.666  -5.939  5.177   1.00 76.52  ? 10  A   B N9    1 
ATOM   326  C  C8    . A   B 2 9  ? -7.792  -5.249  4.843   1.00 77.28  ? 10  A   B C8    1 
ATOM   327  N  N7    . A   B 2 9  ? -7.557  -4.172  4.124   1.00 76.19  ? 10  A   B N7    1 
ATOM   328  C  C5    . A   B 2 9  ? -6.187  -4.166  3.961   1.00 73.76  ? 10  A   B C5    1 
ATOM   329  C  C6    . A   B 2 9  ? -5.309  -3.276  3.310   1.00 72.36  ? 10  A   B C6    1 
ATOM   330  N  N6    . A   B 2 9  ? -5.713  -2.164  2.712   1.00 71.24  ? 10  A   B N6    1 
ATOM   331  N  N1    . A   B 2 9  ? -3.995  -3.563  3.306   1.00 73.20  ? 10  A   B N1    1 
ATOM   332  C  C2    . A   B 2 9  ? -3.595  -4.666  3.930   1.00 72.96  ? 10  A   B C2    1 
ATOM   333  N  N3    . A   B 2 9  ? -4.313  -5.572  4.593   1.00 73.91  ? 10  A   B N3    1 
ATOM   334  C  C4    . A   B 2 9  ? -5.616  -5.260  4.574   1.00 75.12  ? 10  A   B C4    1 
ATOM   335  P  P     . G   B 2 10 ? -7.643  -5.979  10.530  1.00 73.25  ? 11  G   B P     1 
ATOM   336  O  OP1   . G   B 2 10 ? -7.489  -6.574  11.881  1.00 77.95  ? 11  G   B OP1   1 
ATOM   337  O  OP2   . G   B 2 10 ? -8.812  -5.107  10.239  1.00 68.55  ? 11  G   B OP2   1 
ATOM   338  O  "O5'" . G   B 2 10 ? -6.292  -5.212  10.163  1.00 72.24  ? 11  G   B "O5'" 1 
ATOM   339  C  "C5'" . G   B 2 10 ? -5.027  -5.744  10.534  1.00 67.51  ? 11  G   B "C5'" 1 
ATOM   340  C  "C4'" . G   B 2 10 ? -3.903  -4.888  10.002  1.00 67.62  ? 11  G   B "C4'" 1 
ATOM   341  O  "O4'" . G   B 2 10 ? -4.016  -4.825  8.559   1.00 64.69  ? 11  G   B "O4'" 1 
ATOM   342  C  "C3'" . G   B 2 10 ? -3.902  -3.432  10.423  1.00 69.29  ? 11  G   B "C3'" 1 
ATOM   343  O  "O3'" . G   B 2 10 ? -3.248  -3.230  11.659  1.00 67.02  ? 11  G   B "O3'" 1 
ATOM   344  C  "C2'" . G   B 2 10 ? -3.091  -2.787  9.312   1.00 62.44  ? 11  G   B "C2'" 1 
ATOM   345  O  "O2'" . G   B 2 10 ? -1.704  -3.021  9.449   1.00 65.16  ? 11  G   B "O2'" 1 
ATOM   346  C  "C1'" . G   B 2 10 ? -3.594  -3.551  8.096   1.00 63.58  ? 11  G   B "C1'" 1 
ATOM   347  N  N9    . G   B 2 10 ? -4.728  -2.883  7.440   1.00 64.82  ? 11  G   B N9    1 
ATOM   348  C  C8    . G   B 2 10 ? -6.061  -3.201  7.581   1.00 62.40  ? 11  G   B C8    1 
ATOM   349  N  N7    . G   B 2 10 ? -6.854  -2.398  6.914   1.00 62.47  ? 11  G   B N7    1 
ATOM   350  C  C5    . G   B 2 10 ? -5.995  -1.516  6.263   1.00 61.23  ? 11  G   B C5    1 
ATOM   351  C  C6    . G   B 2 10 ? -6.268  -0.463  5.393   1.00 61.97  ? 11  G   B C6    1 
ATOM   352  O  O6    . G   B 2 10 ? -7.371  -0.053  5.000   1.00 63.03  ? 11  G   B O6    1 
ATOM   353  N  N1    . G   B 2 10 ? -5.099  0.161   4.964   1.00 58.15  ? 11  G   B N1    1 
ATOM   354  C  C2    . G   B 2 10 ? -3.829  -0.180  5.338   1.00 63.90  ? 11  G   B C2    1 
ATOM   355  N  N2    . G   B 2 10 ? -2.835  0.538   4.823   1.00 63.58  ? 11  G   B N2    1 
ATOM   356  N  N3    . G   B 2 10 ? -3.553  -1.155  6.162   1.00 64.62  ? 11  G   B N3    1 
ATOM   357  C  C4    . G   B 2 10 ? -4.676  -1.796  6.581   1.00 62.60  ? 11  G   B C4    1 
ATOM   358  P  P     . G   B 2 11 ? -3.537  -1.891  12.488  1.00 69.40  ? 12  G   B P     1 
ATOM   359  O  OP1   . G   B 2 11 ? -2.865  -1.978  13.819  1.00 73.41  ? 12  G   B OP1   1 
ATOM   360  O  OP2   . G   B 2 11 ? -5.009  -1.720  12.430  1.00 66.02  ? 12  G   B OP2   1 
ATOM   361  O  "O5'" . G   B 2 11 ? -2.796  -0.765  11.632  1.00 69.68  ? 12  G   B "O5'" 1 
ATOM   362  C  "C5'" . G   B 2 11 ? -1.381  -0.688  11.668  1.00 65.75  ? 12  G   B "C5'" 1 
ATOM   363  C  "C4'" . G   B 2 11 ? -0.865  0.391   10.767  1.00 64.66  ? 12  G   B "C4'" 1 
ATOM   364  O  "O4'" . G   B 2 11 ? -1.364  0.169   9.430   1.00 60.86  ? 12  G   B "O4'" 1 
ATOM   365  C  "C3'" . G   B 2 11 ? -1.344  1.787   11.079  1.00 67.23  ? 12  G   B "C3'" 1 
ATOM   366  O  "O3'" . G   B 2 11 ? -0.621  2.351   12.137  1.00 70.23  ? 12  G   B "O3'" 1 
ATOM   367  C  "C2'" . G   B 2 11 ? -1.111  2.492   9.757   1.00 61.79  ? 12  G   B "C2'" 1 
ATOM   368  O  "O2'" . G   B 2 11 ? 0.273   2.721   9.539   1.00 65.89  ? 12  G   B "O2'" 1 
ATOM   369  C  "C1'" . G   B 2 11 ? -1.569  1.414   8.790   1.00 55.58  ? 12  G   B "C1'" 1 
ATOM   370  N  N9    . G   B 2 11 ? -2.982  1.550   8.493   1.00 56.85  ? 12  G   B N9    1 
ATOM   371  C  C8    . G   B 2 11 ? -4.015  0.786   8.985   1.00 55.87  ? 12  G   B C8    1 
ATOM   372  N  N7    . G   B 2 11 ? -5.188  1.145   8.527   1.00 56.45  ? 12  G   B N7    1 
ATOM   373  C  C5    . G   B 2 11 ? -4.902  2.198   7.667   1.00 54.58  ? 12  G   B C5    1 
ATOM   374  C  C6    . G   B 2 11 ? -5.761  2.952   6.851   1.00 56.56  ? 12  G   B C6    1 
ATOM   375  O  O6    . G   B 2 11 ? -6.967  2.842   6.731   1.00 57.42  ? 12  G   B O6    1 
ATOM   376  N  N1    . G   B 2 11 ? -5.070  3.924   6.123   1.00 55.81  ? 12  G   B N1    1 
ATOM   377  C  C2    . G   B 2 11 ? -3.714  4.146   6.197   1.00 58.38  ? 12  G   B C2    1 
ATOM   378  N  N2    . G   B 2 11 ? -3.233  5.137   5.456   1.00 58.95  ? 12  G   B N2    1 
ATOM   379  N  N3    . G   B 2 11 ? -2.889  3.436   6.955   1.00 55.26  ? 12  G   B N3    1 
ATOM   380  C  C4    . G   B 2 11 ? -3.556  2.480   7.650   1.00 54.61  ? 12  G   B C4    1 
ATOM   381  P  P     . G   B 2 12 ? -1.334  3.435   13.059  1.00 71.69  ? 13  G   B P     1 
ATOM   382  O  OP1   . G   B 2 12 ? -0.353  3.836   14.076  1.00 69.85  ? 13  G   B OP1   1 
ATOM   383  O  OP2   . G   B 2 12 ? -2.646  2.888   13.472  1.00 64.49  ? 13  G   B OP2   1 
ATOM   384  O  "O5'" . G   B 2 12 ? -1.597  4.650   12.069  1.00 68.77  ? 13  G   B "O5'" 1 
ATOM   385  C  "C5'" . G   B 2 12 ? -0.505  5.369   11.507  1.00 61.62  ? 13  G   B "C5'" 1 
ATOM   386  C  "C4'" . G   B 2 12 ? -0.987  6.407   10.527  1.00 66.03  ? 13  G   B "C4'" 1 
ATOM   387  O  "O4'" . G   B 2 12 ? -1.780  5.741   9.510   1.00 65.07  ? 13  G   B "O4'" 1 
ATOM   388  C  "C3'" . G   B 2 12 ? -1.936  7.451   11.095  1.00 64.23  ? 13  G   B "C3'" 1 
ATOM   389  O  "O3'" . G   B 2 12 ? -1.219  8.504   11.739  1.00 76.14  ? 13  G   B "O3'" 1 
ATOM   390  C  "C2'" . G   B 2 12 ? -2.666  7.918   9.844   1.00 63.58  ? 13  G   B "C2'" 1 
ATOM   391  O  "O2'" . G   B 2 12 ? -1.934  8.849   9.063   1.00 67.70  ? 13  G   B "O2'" 1 
ATOM   392  C  "C1'" . G   B 2 12 ? -2.810  6.605   9.077   1.00 60.35  ? 13  G   B "C1'" 1 
ATOM   393  N  N9    . G   B 2 12 ? -4.115  5.957   9.250   1.00 55.02  ? 13  G   B N9    1 
ATOM   394  C  C8    . G   B 2 12 ? -4.455  4.856   9.999   1.00 56.18  ? 13  G   B C8    1 
ATOM   395  N  N7    . G   B 2 12 ? -5.733  4.551   9.904   1.00 57.34  ? 13  G   B N7    1 
ATOM   396  C  C5    . G   B 2 12 ? -6.247  5.516   9.056   1.00 54.35  ? 13  G   B C5    1 
ATOM   397  C  C6    . G   B 2 12 ? -7.561  5.699   8.592   1.00 55.41  ? 13  G   B C6    1 
ATOM   398  O  O6    . G   B 2 12 ? -8.566  5.009   8.861   1.00 56.08  ? 13  G   B O6    1 
ATOM   399  N  N1    . G   B 2 12 ? -7.655  6.797   7.726   1.00 59.69  ? 13  G   B N1    1 
ATOM   400  C  C2    . G   B 2 12 ? -6.596  7.613   7.354   1.00 56.03  ? 13  G   B C2    1 
ATOM   401  N  N2    . G   B 2 12 ? -6.868  8.615   6.481   1.00 57.12  ? 13  G   B N2    1 
ATOM   402  N  N3    . G   B 2 12 ? -5.360  7.443   7.797   1.00 53.87  ? 13  G   B N3    1 
ATOM   403  C  C4    . G   B 2 12 ? -5.263  6.397   8.633   1.00 54.39  ? 13  G   B C4    1 
HETATM 404  P  P     . S9L B 2 13 ? -1.864  9.263   13.006  1.00 76.85  ? 14  S9L B P     1 
HETATM 405  O  O1P   . S9L B 2 13 ? -0.740  9.623   13.919  1.00 78.12  ? 14  S9L B O1P   1 
HETATM 406  O  O2P   . S9L B 2 13 ? -2.999  8.448   13.513  1.00 77.72  ? 14  S9L B O2P   1 
HETATM 407  O  "O5'" . S9L B 2 13 ? -2.386  10.625  12.400  1.00 83.60  ? 14  S9L B "O5'" 1 
HETATM 408  C  C12   . S9L B 2 13 ? -1.415  11.482  11.833  1.00 92.15  ? 14  S9L B C12   1 
HETATM 409  C  C22   . S9L B 2 13 ? -1.779  11.789  10.369  1.00 98.07  ? 14  S9L B C22   1 
HETATM 410  O  OH3   . S9L B 2 13 ? -2.898  12.685  10.326  1.00 106.65 ? 14  S9L B OH3   1 
HETATM 411  C  C13   . S9L B 2 13 ? -3.513  14.373  12.009  1.00 111.67 ? 14  S9L B C13   1 
HETATM 412  C  C23   . S9L B 2 13 ? -2.573  13.982  10.845  1.00 110.99 ? 14  S9L B C23   1 
HETATM 413  O  OH4   . S9L B 2 13 ? -3.959  15.727  11.842  1.00 113.28 ? 14  S9L B OH4   1 
HETATM 414  C  C14   . S9L B 2 13 ? -3.080  17.999  11.676  1.00 103.52 ? 14  S9L B C14   1 
HETATM 415  C  C24   . S9L B 2 13 ? -3.089  16.681  12.479  1.00 109.17 ? 14  S9L B C24   1 
HETATM 416  O  "O3'" . S9L B 2 13 ? -2.667  17.768  10.311  1.00 85.64  ? 14  S9L B "O3'" 1 
ATOM   417  P  P     . G   C 3 1  ? -1.781  17.510  8.996   1.00 77.86  ? 15  G   C P     1 
ATOM   418  O  OP1   . G   C 3 1  ? -2.088  16.140  8.488   1.00 82.77  ? 15  G   C OP1   1 
ATOM   419  O  OP2   . G   C 3 1  ? -0.377  17.863  9.358   1.00 79.22  ? 15  G   C OP2   1 
ATOM   420  O  "O5'" . G   C 3 1  ? -2.293  18.598  7.941   1.00 73.67  ? 15  G   C "O5'" 1 
ATOM   421  C  "C5'" . G   C 3 1  ? -3.679  18.850  7.723   1.00 62.63  ? 15  G   C "C5'" 1 
ATOM   422  C  "C4'" . G   C 3 1  ? -3.853  19.832  6.586   1.00 67.28  ? 15  G   C "C4'" 1 
ATOM   423  O  "O4'" . G   C 3 1  ? -3.352  21.122  7.008   1.00 69.61  ? 15  G   C "O4'" 1 
ATOM   424  C  "C3'" . G   C 3 1  ? -3.075  19.531  5.314   1.00 63.98  ? 15  G   C "C3'" 1 
ATOM   425  O  "O3'" . G   C 3 1  ? -3.857  18.703  4.485   1.00 65.53  ? 15  G   C "O3'" 1 
ATOM   426  C  "C2'" . G   C 3 1  ? -2.939  20.907  4.678   1.00 64.76  ? 15  G   C "C2'" 1 
ATOM   427  O  "O2'" . G   C 3 1  ? -4.099  21.315  3.986   1.00 64.81  ? 15  G   C "O2'" 1 
ATOM   428  C  "C1'" . G   C 3 1  ? -2.751  21.784  5.913   1.00 67.42  ? 15  G   C "C1'" 1 
ATOM   429  N  N9    . G   C 3 1  ? -1.346  22.031  6.240   1.00 68.10  ? 15  G   C N9    1 
ATOM   430  C  C8    . G   C 3 1  ? -0.628  21.462  7.257   1.00 66.83  ? 15  G   C C8    1 
ATOM   431  N  N7    . G   C 3 1  ? 0.608   21.882  7.311   1.00 68.66  ? 15  G   C N7    1 
ATOM   432  C  C5    . G   C 3 1  ? 0.710   22.778  6.252   1.00 67.63  ? 15  G   C C5    1 
ATOM   433  C  C6    . G   C 3 1  ? 1.804   23.534  5.812   1.00 66.40  ? 15  G   C C6    1 
ATOM   434  O  O6    . G   C 3 1  ? 2.953   23.565  6.260   1.00 59.68  ? 15  G   C O6    1 
ATOM   435  N  N1    . G   C 3 1  ? 1.463   24.318  4.714   1.00 62.90  ? 15  G   C N1    1 
ATOM   436  C  C2    . G   C 3 1  ? 0.224   24.365  4.125   1.00 66.06  ? 15  G   C C2    1 
ATOM   437  N  N2    . G   C 3 1  ? 0.089   25.178  3.083   1.00 65.58  ? 15  G   C N2    1 
ATOM   438  N  N3    . G   C 3 1  ? -0.804  23.656  4.526   1.00 65.70  ? 15  G   C N3    1 
ATOM   439  C  C4    . G   C 3 1  ? -0.499  22.881  5.594   1.00 67.33  ? 15  G   C C4    1 
ATOM   440  P  P     . G   C 3 2  ? -3.152  17.681  3.474   1.00 63.55  ? 16  G   C P     1 
ATOM   441  O  OP1   . G   C 3 2  ? -4.192  16.669  3.127   1.00 74.13  ? 16  G   C OP1   1 
ATOM   442  O  OP2   . G   C 3 2  ? -1.838  17.226  3.979   1.00 55.31  ? 16  G   C OP2   1 
ATOM   443  O  "O5'" . G   C 3 2  ? -2.817  18.593  2.218   1.00 64.86  ? 16  G   C "O5'" 1 
ATOM   444  C  "C5'" . G   C 3 2  ? -3.840  19.103  1.390   1.00 63.46  ? 16  G   C "C5'" 1 
ATOM   445  C  "C4'" . G   C 3 2  ? -3.236  20.039  0.393   1.00 67.60  ? 16  G   C "C4'" 1 
ATOM   446  O  "O4'" . G   C 3 2  ? -2.680  21.157  1.126   1.00 66.46  ? 16  G   C "O4'" 1 
ATOM   447  C  "C3'" . G   C 3 2  ? -2.032  19.478  -0.337  1.00 68.83  ? 16  G   C "C3'" 1 
ATOM   448  O  "O3'" . G   C 3 2  ? -2.386  18.693  -1.449  1.00 63.13  ? 16  G   C "O3'" 1 
ATOM   449  C  "C2'" . G   C 3 2  ? -1.308  20.738  -0.759  1.00 65.06  ? 16  G   C "C2'" 1 
ATOM   450  O  "O2'" . G   C 3 2  ? -1.918  21.340  -1.888  1.00 62.31  ? 16  G   C "O2'" 1 
ATOM   451  C  "C1'" . G   C 3 2  ? -1.499  21.602  0.485   1.00 66.03  ? 16  G   C "C1'" 1 
ATOM   452  N  N9    . G   C 3 2  ? -0.388  21.457  1.418   1.00 67.69  ? 16  G   C N9    1 
ATOM   453  C  C8    . G   C 3 2  ? -0.350  20.665  2.543   1.00 70.78  ? 16  G   C C8    1 
ATOM   454  N  N7    . G   C 3 2  ? 0.783   20.752  3.200   1.00 72.24  ? 16  G   C N7    1 
ATOM   455  C  C5    . G   C 3 2  ? 1.531   21.660  2.462   1.00 67.62  ? 16  G   C C5    1 
ATOM   456  C  C6    . G   C 3 2  ? 2.839   22.181  2.692   1.00 70.43  ? 16  G   C C6    1 
ATOM   457  O  O6    . G   C 3 2  ? 3.615   21.956  3.618   1.00 62.78  ? 16  G   C O6    1 
ATOM   458  N  N1    . G   C 3 2  ? 3.213   23.071  1.690   1.00 70.61  ? 16  G   C N1    1 
ATOM   459  C  C2    . G   C 3 2  ? 2.446   23.419  0.609   1.00 71.70  ? 16  G   C C2    1 
ATOM   460  N  N2    . G   C 3 2  ? 2.999   24.270  -0.263  1.00 69.75  ? 16  G   C N2    1 
ATOM   461  N  N3    . G   C 3 2  ? 1.225   22.967  0.393   1.00 69.98  ? 16  G   C N3    1 
ATOM   462  C  C4    . G   C 3 2  ? 0.839   22.095  1.356   1.00 67.00  ? 16  G   C C4    1 
ATOM   463  P  P     . C   C 3 3  ? -1.474  17.440  -1.831  1.00 67.25  ? 17  C   C P     1 
ATOM   464  O  OP1   . C   C 3 3  ? -2.209  16.682  -2.866  1.00 66.87  ? 17  C   C OP1   1 
ATOM   465  O  OP2   . C   C 3 3  ? -1.068  16.770  -0.582  1.00 59.77  ? 17  C   C OP2   1 
ATOM   466  O  "O5'" . C   C 3 3  ? -0.178  18.086  -2.480  1.00 68.66  ? 17  C   C "O5'" 1 
ATOM   467  C  "C5'" . C   C 3 3  ? -0.282  18.695  -3.741  1.00 71.00  ? 17  C   C "C5'" 1 
ATOM   468  C  "C4'" . C   C 3 3  ? 0.979   19.426  -4.073  1.00 70.34  ? 17  C   C "C4'" 1 
ATOM   469  O  "O4'" . C   C 3 3  ? 1.197   20.429  -3.050  1.00 73.63  ? 17  C   C "O4'" 1 
ATOM   470  C  "C3'" . C   C 3 3  ? 2.266   18.621  -4.045  1.00 71.06  ? 17  C   C "C3'" 1 
ATOM   471  O  "O3'" . C   C 3 3  ? 2.490   17.878  -5.215  1.00 72.35  ? 17  C   C "O3'" 1 
ATOM   472  C  "C2'" . C   C 3 3  ? 3.301   19.708  -3.858  1.00 68.49  ? 17  C   C "C2'" 1 
ATOM   473  O  "O2'" . C   C 3 3  ? 3.479   20.406  -5.076  1.00 67.29  ? 17  C   C "O2'" 1 
ATOM   474  C  "C1'" . C   C 3 3  ? 2.591   20.587  -2.839  1.00 68.11  ? 17  C   C "C1'" 1 
ATOM   475  N  N1    . C   C 3 3  ? 2.919   20.145  -1.484  1.00 69.21  ? 17  C   C N1    1 
ATOM   476  C  C2    . C   C 3 3  ? 4.145   20.523  -0.939  1.00 70.24  ? 17  C   C C2    1 
ATOM   477  O  O2    . C   C 3 3  ? 4.901   21.251  -1.613  1.00 72.77  ? 17  C   C O2    1 
ATOM   478  N  N3    . C   C 3 3  ? 4.476   20.110  0.297   1.00 70.46  ? 17  C   C N3    1 
ATOM   479  C  C4    . C   C 3 3  ? 3.642   19.334  0.978   1.00 68.24  ? 17  C   C C4    1 
ATOM   480  N  N4    . C   C 3 3  ? 4.019   18.948  2.177   1.00 60.61  ? 17  C   C N4    1 
ATOM   481  C  C5    . C   C 3 3  ? 2.387   18.933  0.452   1.00 67.53  ? 17  C   C C5    1 
ATOM   482  C  C6    . C   C 3 3  ? 2.069   19.350  -0.771  1.00 69.60  ? 17  C   C C6    1 
ATOM   483  P  P     . A   C 3 4  ? 3.209   16.463  -5.092  1.00 77.57  ? 18  A   C P     1 
ATOM   484  O  OP1   . A   C 3 4  ? 3.084   15.836  -6.424  1.00 78.15  ? 18  A   C OP1   1 
ATOM   485  O  OP2   . A   C 3 4  ? 2.706   15.774  -3.881  1.00 74.20  ? 18  A   C OP2   1 
ATOM   486  O  "O5'" . A   C 3 4  ? 4.724   16.824  -4.823  1.00 73.77  ? 18  A   C "O5'" 1 
ATOM   487  C  "C5'" . A   C 3 4  ? 5.480   17.434  -5.832  1.00 73.28  ? 18  A   C "C5'" 1 
ATOM   488  C  "C4'" . A   C 3 4  ? 6.849   17.742  -5.320  1.00 72.50  ? 18  A   C "C4'" 1 
ATOM   489  O  "O4'" . A   C 3 4  ? 6.746   18.677  -4.218  1.00 76.14  ? 18  A   C "O4'" 1 
ATOM   490  C  "C3'" . A   C 3 4  ? 7.571   16.567  -4.707  1.00 73.23  ? 18  A   C "C3'" 1 
ATOM   491  O  "O3'" . A   C 3 4  ? 8.188   15.783  -5.680  1.00 78.73  ? 18  A   C "O3'" 1 
ATOM   492  C  "C2'" . A   C 3 4  ? 8.592   17.245  -3.824  1.00 75.04  ? 18  A   C "C2'" 1 
ATOM   493  O  "O2'" . A   C 3 4  ? 9.681   17.748  -4.573  1.00 80.28  ? 18  A   C "O2'" 1 
ATOM   494  C  "C1'" . A   C 3 4  ? 7.763   18.397  -3.272  1.00 73.76  ? 18  A   C "C1'" 1 
ATOM   495  N  N9    . A   C 3 4  ? 7.143   17.956  -2.033  1.00 70.62  ? 18  A   C N9    1 
ATOM   496  C  C8    . A   C 3 4  ? 5.880   17.488  -1.798  1.00 70.00  ? 18  A   C C8    1 
ATOM   497  N  N7    . A   C 3 4  ? 5.681   17.129  -0.546  1.00 68.75  ? 18  A   C N7    1 
ATOM   498  C  C5    . A   C 3 4  ? 6.888   17.385  0.072   1.00 67.15  ? 18  A   C C5    1 
ATOM   499  C  C6    . A   C 3 4  ? 7.352   17.210  1.395   1.00 65.41  ? 18  A   C C6    1 
ATOM   500  N  N6    . A   C 3 4  ? 6.591   16.708  2.366   1.00 63.10  ? 18  A   C N6    1 
ATOM   501  N  N1    . A   C 3 4  ? 8.623   17.567  1.687   1.00 67.76  ? 18  A   C N1    1 
ATOM   502  C  C2    . A   C 3 4  ? 9.388   18.068  0.699   1.00 70.84  ? 18  A   C C2    1 
ATOM   503  N  N3    . A   C 3 4  ? 9.074   18.275  -0.583  1.00 69.93  ? 18  A   C N3    1 
ATOM   504  C  C4    . A   C 3 4  ? 7.811   17.909  -0.822  1.00 70.75  ? 18  A   C C4    1 
ATOM   505  P  P     . G   C 3 5  ? 8.461   14.247  -5.359  1.00 82.07  ? 19  G   C P     1 
ATOM   506  O  OP1   . G   C 3 5  ? 8.954   13.632  -6.613  1.00 81.95  ? 19  G   C OP1   1 
ATOM   507  O  OP2   . G   C 3 5  ? 7.261   13.693  -4.679  1.00 81.61  ? 19  G   C OP2   1 
ATOM   508  O  "O5'" . G   C 3 5  ? 9.639   14.302  -4.292  1.00 77.93  ? 19  G   C "O5'" 1 
ATOM   509  C  "C5'" . G   C 3 5  ? 10.892  14.845  -4.666  1.00 75.82  ? 19  G   C "C5'" 1 
ATOM   510  C  "C4'" . G   C 3 5  ? 11.878  14.804  -3.525  1.00 76.76  ? 19  G   C "C4'" 1 
ATOM   511  O  "O4'" . G   C 3 5  ? 11.434  15.703  -2.478  1.00 76.04  ? 19  G   C "O4'" 1 
ATOM   512  C  "C3'" . G   C 3 5  ? 12.029  13.467  -2.818  1.00 76.14  ? 19  G   C "C3'" 1 
ATOM   513  O  "O3'" . G   C 3 5  ? 12.881  12.570  -3.534  1.00 82.53  ? 19  G   C "O3'" 1 
ATOM   514  C  "C2'" . G   C 3 5  ? 12.606  13.902  -1.474  1.00 75.63  ? 19  G   C "C2'" 1 
ATOM   515  O  "O2'" . G   C 3 5  ? 13.980  14.227  -1.513  1.00 76.82  ? 19  G   C "O2'" 1 
ATOM   516  C  "C1'" . G   C 3 5  ? 11.843  15.192  -1.226  1.00 74.14  ? 19  G   C "C1'" 1 
ATOM   517  N  N9    . G   C 3 5  ? 10.647  14.901  -0.421  1.00 71.69  ? 19  G   C N9    1 
ATOM   518  C  C8    . G   C 3 5  ? 9.360   14.807  -0.854  1.00 69.18  ? 19  G   C C8    1 
ATOM   519  N  N7    . G   C 3 5  ? 8.541   14.471  0.114   1.00 69.53  ? 19  G   C N7    1 
ATOM   520  C  C5    . G   C 3 5  ? 9.352   14.357  1.228   1.00 70.20  ? 19  G   C C5    1 
ATOM   521  C  C6    . G   C 3 5  ? 9.039   14.018  2.568   1.00 70.51  ? 19  G   C C6    1 
ATOM   522  O  O6    . G   C 3 5  ? 7.927   13.731  3.052   1.00 70.20  ? 19  G   C O6    1 
ATOM   523  N  N1    . G   C 3 5  ? 10.172  14.024  3.377   1.00 72.63  ? 19  G   C N1    1 
ATOM   524  C  C2    . G   C 3 5  ? 11.448  14.324  2.956   1.00 71.05  ? 19  G   C C2    1 
ATOM   525  N  N2    . G   C 3 5  ? 12.406  14.264  3.897   1.00 74.44  ? 19  G   C N2    1 
ATOM   526  N  N3    . G   C 3 5  ? 11.750  14.641  1.711   1.00 70.41  ? 19  G   C N3    1 
ATOM   527  C  C4    . G   C 3 5  ? 10.677  14.640  0.909   1.00 69.80  ? 19  G   C C4    1 
ATOM   528  P  P     . A   C 3 6  ? 12.695  10.974  -3.379  1.00 81.50  ? 20  A   C P     1 
ATOM   529  O  OP1   . A   C 3 6  ? 13.807  10.335  -4.134  1.00 83.98  ? 20  A   C OP1   1 
ATOM   530  O  OP2   . A   C 3 6  ? 11.288  10.631  -3.697  1.00 80.98  ? 20  A   C OP2   1 
ATOM   531  O  "O5'" . A   C 3 6  ? 12.950  10.696  -1.830  1.00 77.24  ? 20  A   C "O5'" 1 
ATOM   532  C  "C5'" . A   C 3 6  ? 14.258  10.824  -1.301  1.00 74.68  ? 20  A   C "C5'" 1 
ATOM   533  C  "C4'" . A   C 3 6  ? 14.268  10.582  0.188   1.00 74.47  ? 20  A   C "C4'" 1 
ATOM   534  O  "O4'" . A   C 3 6  ? 13.423  11.568  0.839   1.00 73.80  ? 20  A   C "O4'" 1 
ATOM   535  C  "C3'" . A   C 3 6  ? 13.717  9.244   0.655   1.00 75.74  ? 20  A   C "C3'" 1 
ATOM   536  O  "O3'" . A   C 3 6  ? 14.681  8.201   0.613   1.00 78.37  ? 20  A   C "O3'" 1 
ATOM   537  C  "C2'" . A   C 3 6  ? 13.333  9.555   2.091   1.00 73.49  ? 20  A   C "C2'" 1 
ATOM   538  O  "O2'" . A   C 3 6  ? 14.456  9.559   2.944   1.00 74.55  ? 20  A   C "O2'" 1 
ATOM   539  C  "C1'" . A   C 3 6  ? 12.791  10.976  1.957   1.00 73.79  ? 20  A   C "C1'" 1 
ATOM   540  N  N9    . A   C 3 6  ? 11.354  10.954  1.699   1.00 70.84  ? 20  A   C N9    1 
ATOM   541  C  C8    . A   C 3 6  ? 10.691  11.140  0.502   1.00 71.41  ? 20  A   C C8    1 
ATOM   542  N  N7    . A   C 3 6  ? 9.386   11.024  0.602   1.00 71.46  ? 20  A   C N7    1 
ATOM   543  C  C5    . A   C 3 6  ? 9.178   10.758  1.960   1.00 67.06  ? 20  A   C C5    1 
ATOM   544  C  C6    . A   C 3 6  ? 8.005   10.530  2.708   1.00 67.03  ? 20  A   C C6    1 
ATOM   545  N  N6    . A   C 3 6  ? 6.762   10.541  2.181   1.00 66.19  ? 20  A   C N6    1 
ATOM   546  N  N1    . A   C 3 6  ? 8.160   10.279  4.042   1.00 68.65  ? 20  A   C N1    1 
ATOM   547  C  C2    . A   C 3 6  ? 9.409   10.253  4.569   1.00 69.72  ? 20  A   C C2    1 
ATOM   548  N  N3    . A   C 3 6  ? 10.579  10.452  3.959   1.00 70.39  ? 20  A   C N3    1 
ATOM   549  C  C4    . A   C 3 6  ? 10.390  10.709  2.638   1.00 69.07  ? 20  A   C C4    1 
ATOM   550  P  P     . G   C 3 7  ? 14.212  6.726   0.235   1.00 83.33  ? 21  G   C P     1 
ATOM   551  O  OP1   . G   C 3 7  ? 15.391  5.837   0.235   1.00 84.17  ? 21  G   C OP1   1 
ATOM   552  O  OP2   . G   C 3 7  ? 13.392  6.869   -0.987  1.00 74.05  ? 21  G   C OP2   1 
ATOM   553  O  "O5'" . G   C 3 7  ? 13.275  6.305   1.444   1.00 77.72  ? 21  G   C "O5'" 1 
ATOM   554  C  "C5'" . G   C 3 7  ? 13.816  6.188   2.748   1.00 74.39  ? 21  G   C "C5'" 1 
ATOM   555  C  "C4'" . G   C 3 7  ? 12.719  5.979   3.760   1.00 75.64  ? 21  G   C "C4'" 1 
ATOM   556  O  "O4'" . G   C 3 7  ? 11.831  7.132   3.742   1.00 76.37  ? 21  G   C "O4'" 1 
ATOM   557  C  "C3'" . G   C 3 7  ? 11.795  4.806   3.497   1.00 74.30  ? 21  G   C "C3'" 1 
ATOM   558  O  "O3'" . G   C 3 7  ? 12.328  3.625   4.049   1.00 75.27  ? 21  G   C "O3'" 1 
ATOM   559  C  "C2'" . G   C 3 7  ? 10.557  5.213   4.271   1.00 72.75  ? 21  G   C "C2'" 1 
ATOM   560  O  "O2'" . G   C 3 7  ? 10.771  5.044   5.657   1.00 76.48  ? 21  G   C "O2'" 1 
ATOM   561  C  "C1'" . G   C 3 7  ? 10.494  6.712   3.984   1.00 70.27  ? 21  G   C "C1'" 1 
ATOM   562  N  N9    . G   C 3 7  ? 9.651   7.023   2.823   1.00 66.45  ? 21  G   C N9    1 
ATOM   563  C  C8    . G   C 3 7  ? 10.063  7.204   1.521   1.00 64.13  ? 21  G   C C8    1 
ATOM   564  N  N7    . G   C 3 7  ? 9.078   7.460   0.695   1.00 63.25  ? 21  G   C N7    1 
ATOM   565  C  C5    . G   C 3 7  ? 7.943   7.456   1.499   1.00 61.64  ? 21  G   C C5    1 
ATOM   566  C  C6    . G   C 3 7  ? 6.581   7.675   1.174   1.00 62.02  ? 21  G   C C6    1 
ATOM   567  O  O6    . G   C 3 7  ? 6.093   7.926   0.085   1.00 62.06  ? 21  G   C O6    1 
ATOM   568  N  N1    . G   C 3 7  ? 5.757   7.568   2.282   1.00 58.93  ? 21  G   C N1    1 
ATOM   569  C  C2    . G   C 3 7  ? 6.182   7.284   3.550   1.00 61.91  ? 21  G   C C2    1 
ATOM   570  N  N2    . G   C 3 7  ? 5.243   7.209   4.488   1.00 59.16  ? 21  G   C N2    1 
ATOM   571  N  N3    . G   C 3 7  ? 7.446   7.077   3.877   1.00 63.78  ? 21  G   C N3    1 
ATOM   572  C  C4    . G   C 3 7  ? 8.268   7.182   2.812   1.00 63.76  ? 21  G   C C4    1 
ATOM   573  P  P     . A   C 3 8  ? 12.638  2.382   3.104   1.00 78.55  ? 22  A   C P     1 
ATOM   574  O  OP1   . A   C 3 8  ? 14.018  2.551   2.602   1.00 78.58  ? 22  A   C OP1   1 
ATOM   575  O  OP2   . A   C 3 8  ? 11.519  2.187   2.150   1.00 70.80  ? 22  A   C OP2   1 
ATOM   576  O  "O5'" . A   C 3 8  ? 12.650  1.168   4.116   1.00 74.82  ? 22  A   C "O5'" 1 
ATOM   577  C  "C5'" . A   C 3 8  ? 11.445  0.564   4.548   1.00 74.21  ? 22  A   C "C5'" 1 
ATOM   578  C  "C4'" . A   C 3 8  ? 11.255  0.799   6.018   1.00 76.89  ? 22  A   C "C4'" 1 
ATOM   579  O  "O4'" . A   C 3 8  ? 10.704  2.128   6.207   1.00 78.26  ? 22  A   C "O4'" 1 
ATOM   580  C  "C3'" . A   C 3 8  ? 10.237  -0.111  6.672   1.00 76.66  ? 22  A   C "C3'" 1 
ATOM   581  O  "O3'" . A   C 3 8  ? 10.870  -1.314  7.039   1.00 77.58  ? 22  A   C "O3'" 1 
ATOM   582  C  "C2'" . A   C 3 8  ? 9.819   0.697   7.890   1.00 75.21  ? 22  A   C "C2'" 1 
ATOM   583  O  "O2'" . A   C 3 8  ? 10.760  0.615   8.941   1.00 76.17  ? 22  A   C "O2'" 1 
ATOM   584  C  "C1'" . A   C 3 8  ? 9.802   2.112   7.309   1.00 76.94  ? 22  A   C "C1'" 1 
ATOM   585  N  N9    . A   C 3 8  ? 8.459   2.508   6.849   1.00 76.08  ? 22  A   C N9    1 
ATOM   586  C  C8    . A   C 3 8  ? 8.014   2.695   5.560   1.00 72.99  ? 22  A   C C8    1 
ATOM   587  N  N7    . A   C 3 8  ? 6.742   3.013   5.483   1.00 71.55  ? 22  A   C N7    1 
ATOM   588  C  C5    . A   C 3 8  ? 6.318   3.040   6.811   1.00 72.61  ? 22  A   C C5    1 
ATOM   589  C  C6    . A   C 3 8  ? 5.058   3.271   7.401   1.00 72.52  ? 22  A   C C6    1 
ATOM   590  N  N6    . A   C 3 8  ? 3.953   3.523   6.713   1.00 71.32  ? 22  A   C N6    1 
ATOM   591  N  N1    . A   C 3 8  ? 4.973   3.217   8.745   1.00 71.83  ? 22  A   C N1    1 
ATOM   592  C  C2    . A   C 3 8  ? 6.077   2.938   9.444   1.00 74.79  ? 22  A   C C2    1 
ATOM   593  N  N3    . A   C 3 8  ? 7.317   2.685   9.006   1.00 75.48  ? 22  A   C N3    1 
ATOM   594  C  C4    . A   C 3 8  ? 7.369   2.749   7.660   1.00 73.47  ? 22  A   C C4    1 
ATOM   595  P  P     . A   C 3 9  ? 10.077  -2.688  6.898   1.00 79.42  ? 23  A   C P     1 
ATOM   596  O  OP1   . A   C 3 9  ? 10.979  -3.806  7.267   1.00 82.48  ? 23  A   C OP1   1 
ATOM   597  O  OP2   . A   C 3 9  ? 9.377   -2.691  5.594   1.00 71.99  ? 23  A   C OP2   1 
ATOM   598  O  "O5'" . A   C 3 9  ? 8.978   -2.562  8.027   1.00 78.17  ? 23  A   C "O5'" 1 
ATOM   599  C  "C5'" . A   C 3 9  ? 9.353   -2.286  9.358   1.00 73.97  ? 23  A   C "C5'" 1 
ATOM   600  C  "C4'" . A   C 3 9  ? 8.124   -2.001  10.167  1.00 76.30  ? 23  A   C "C4'" 1 
ATOM   601  O  "O4'" . A   C 3 9  ? 7.588   -0.723  9.744   1.00 77.24  ? 23  A   C "O4'" 1 
ATOM   602  C  "C3'" . A   C 3 9  ? 6.970   -2.971  9.944   1.00 74.78  ? 23  A   C "C3'" 1 
ATOM   603  O  "O3'" . A   C 3 9  ? 7.107   -4.119  10.769  1.00 71.23  ? 23  A   C "O3'" 1 
ATOM   604  C  "C2'" . A   C 3 9  ? 5.773   -2.132  10.365  1.00 75.45  ? 23  A   C "C2'" 1 
ATOM   605  O  "O2'" . A   C 3 9  ? 5.611   -2.092  11.764  1.00 71.06  ? 23  A   C "O2'" 1 
ATOM   606  C  "C1'" . A   C 3 9  ? 6.176   -0.758  9.837   1.00 76.05  ? 23  A   C "C1'" 1 
ATOM   607  N  N9    . A   C 3 9  ? 5.621   -0.560  8.493   1.00 72.40  ? 23  A   C N9    1 
ATOM   608  C  C8    . A   C 3 9  ? 6.258   -0.643  7.282   1.00 71.14  ? 23  A   C C8    1 
ATOM   609  N  N7    . A   C 3 9  ? 5.450   -0.452  6.264   1.00 71.55  ? 23  A   C N7    1 
ATOM   610  C  C5    . A   C 3 9  ? 4.216   -0.227  6.851   1.00 68.79  ? 23  A   C C5    1 
ATOM   611  C  C6    . A   C 3 9  ? 2.953   0.026   6.315   1.00 68.30  ? 23  A   C C6    1 
ATOM   612  N  N6    . A   C 3 9  ? 2.698   0.068   5.005   1.00 66.36  ? 23  A   C N6    1 
ATOM   613  N  N1    . A   C 3 9  ? 1.933   0.227   7.179   1.00 68.83  ? 23  A   C N1    1 
ATOM   614  C  C2    . A   C 3 9  ? 2.178   0.158   8.501   1.00 68.82  ? 23  A   C C2    1 
ATOM   615  N  N3    . A   C 3 9  ? 3.321   -0.091  9.124   1.00 70.40  ? 23  A   C N3    1 
ATOM   616  C  C4    . A   C 3 9  ? 4.310   -0.276  8.237   1.00 69.07  ? 23  A   C C4    1 
ATOM   617  P  P     . A   C 3 10 ? 6.249   -5.444  10.463  1.00 73.04  ? 24  A   C P     1 
ATOM   618  O  OP1   . A   C 3 10 ? 6.484   -6.333  11.621  1.00 76.14  ? 24  A   C OP1   1 
ATOM   619  O  OP2   . A   C 3 10 ? 6.507   -5.945  9.098   1.00 72.16  ? 24  A   C OP2   1 
ATOM   620  O  "O5'" . A   C 3 10 ? 4.742   -4.965  10.508  1.00 72.65  ? 24  A   C "O5'" 1 
ATOM   621  C  "C5'" . A   C 3 10 ? 4.095   -4.812  11.740  1.00 72.10  ? 24  A   C "C5'" 1 
ATOM   622  C  "C4'" . A   C 3 10 ? 2.650   -4.559  11.506  1.00 70.06  ? 24  A   C "C4'" 1 
ATOM   623  O  "O4'" . A   C 3 10 ? 2.543   -3.360  10.707  1.00 66.92  ? 24  A   C "O4'" 1 
ATOM   624  C  "C3'" . A   C 3 10 ? 1.956   -5.610  10.673  1.00 70.61  ? 24  A   C "C3'" 1 
ATOM   625  O  "O3'" . A   C 3 10 ? 1.517   -6.651  11.510  1.00 70.66  ? 24  A   C "O3'" 1 
ATOM   626  C  "C2'" . A   C 3 10 ? 0.785   -4.829  10.114  1.00 71.29  ? 24  A   C "C2'" 1 
ATOM   627  O  "O2'" . A   C 3 10 ? -0.225  -4.660  11.085  1.00 77.22  ? 24  A   C "O2'" 1 
ATOM   628  C  "C1'" . A   C 3 10 ? 1.447   -3.484  9.828   1.00 67.35  ? 24  A   C "C1'" 1 
ATOM   629  N  N9    . A   C 3 10 ? 1.947   -3.428  8.466   1.00 66.31  ? 24  A   C N9    1 
ATOM   630  C  C8    . A   C 3 10 ? 3.231   -3.648  8.050   1.00 65.69  ? 24  A   C C8    1 
ATOM   631  N  N7    . A   C 3 10 ? 3.384   -3.551  6.756   1.00 63.08  ? 24  A   C N7    1 
ATOM   632  C  C5    . A   C 3 10 ? 2.109   -3.242  6.289   1.00 62.25  ? 24  A   C C5    1 
ATOM   633  C  C6    . A   C 3 10 ? 1.600   -3.029  5.003   1.00 63.35  ? 24  A   C C6    1 
ATOM   634  N  N6    . A   C 3 10 ? 2.329   -3.092  3.904   1.00 60.75  ? 24  A   C N6    1 
ATOM   635  N  N1    . A   C 3 10 ? 0.285   -2.743  4.877   1.00 62.39  ? 24  A   C N1    1 
ATOM   636  C  C2    . A   C 3 10 ? -0.452  -2.685  5.976   1.00 63.50  ? 24  A   C C2    1 
ATOM   637  N  N3    . A   C 3 10 ? -0.093  -2.874  7.241   1.00 63.77  ? 24  A   C N3    1 
ATOM   638  C  C4    . A   C 3 10 ? 1.225   -3.157  7.331   1.00 63.07  ? 24  A   C C4    1 
ATOM   639  P  P     . C   C 3 11 ? 1.398   -8.129  10.923  1.00 73.58  ? 25  C   C P     1 
ATOM   640  O  OP1   . C   C 3 11 ? 0.816   -9.025  11.943  1.00 76.30  ? 25  C   C OP1   1 
ATOM   641  O  OP2   . C   C 3 11 ? 2.708   -8.462  10.299  1.00 69.91  ? 25  C   C OP2   1 
ATOM   642  O  "O5'" . C   C 3 11 ? 0.326   -7.985  9.761   1.00 69.78  ? 25  C   C "O5'" 1 
ATOM   643  C  "C5'" . C   C 3 11 ? -1.043  -7.766  10.054  1.00 64.89  ? 25  C   C "C5'" 1 
ATOM   644  C  "C4'" . C   C 3 11 ? -1.794  -7.470  8.785   1.00 66.03  ? 25  C   C "C4'" 1 
ATOM   645  O  "O4'" . C   C 3 11 ? -1.128  -6.364  8.127   1.00 66.65  ? 25  C   C "O4'" 1 
ATOM   646  C  "C3'" . C   C 3 11 ? -1.759  -8.579  7.741   1.00 65.87  ? 25  C   C "C3'" 1 
ATOM   647  O  "O3'" . C   C 3 11 ? -2.812  -9.524  7.913   1.00 64.58  ? 25  C   C "O3'" 1 
ATOM   648  C  "C2'" . C   C 3 11 ? -2.004  -7.809  6.461   1.00 61.26  ? 25  C   C "C2'" 1 
ATOM   649  O  "O2'" . C   C 3 11 ? -3.362  -7.489  6.302   1.00 62.05  ? 25  C   C "O2'" 1 
ATOM   650  C  "C1'" . C   C 3 11 ? -1.228  -6.531  6.730   1.00 63.62  ? 25  C   C "C1'" 1 
ATOM   651  N  N1    . C   C 3 11 ? 0.114   -6.569  6.160   1.00 62.04  ? 25  C   C N1    1 
ATOM   652  C  C2    . C   C 3 11 ? 0.249   -6.328  4.807   1.00 61.44  ? 25  C   C C2    1 
ATOM   653  O  O2    . C   C 3 11 ? -0.763  -6.164  4.146   1.00 61.50  ? 25  C   C O2    1 
ATOM   654  N  N3    . C   C 3 11 ? 1.472   -6.283  4.246   1.00 60.21  ? 25  C   C N3    1 
ATOM   655  C  C4    . C   C 3 11 ? 2.542   -6.483  5.007   1.00 61.93  ? 25  C   C C4    1 
ATOM   656  N  N4    . C   C 3 11 ? 3.749   -6.410  4.425   1.00 60.70  ? 25  C   C N4    1 
ATOM   657  C  C5    . C   C 3 11 ? 2.437   -6.768  6.400   1.00 61.79  ? 25  C   C C5    1 
ATOM   658  C  C6    . C   C 3 11 ? 1.206   -6.807  6.931   1.00 64.40  ? 25  C   C C6    1 
ATOM   659  P  P     . A   C 3 12 ? -2.668  -11.012 7.305   1.00 64.73  ? 26  A   C P     1 
ATOM   660  O  OP1   . A   C 3 12 ? -3.843  -11.797 7.758   1.00 65.19  ? 26  A   C OP1   1 
ATOM   661  O  OP2   . A   C 3 12 ? -1.303  -11.550 7.542   1.00 63.53  ? 26  A   C OP2   1 
ATOM   662  O  "O5'" . A   C 3 12 ? -2.812  -10.777 5.742   1.00 62.46  ? 26  A   C "O5'" 1 
ATOM   663  C  "C5'" . A   C 3 12 ? -4.082  -10.572 5.170   1.00 63.90  ? 26  A   C "C5'" 1 
ATOM   664  C  "C4'" . A   C 3 12 ? -3.933  -10.314 3.713   1.00 69.84  ? 26  A   C "C4'" 1 
ATOM   665  O  "O4'" . A   C 3 12 ? -2.949  -9.268  3.579   1.00 68.64  ? 26  A   C "O4'" 1 
ATOM   666  C  "C3'" . A   C 3 12 ? -3.313  -11.453 2.943   1.00 71.40  ? 26  A   C "C3'" 1 
ATOM   667  O  "O3'" . A   C 3 12 ? -4.253  -12.426 2.579   1.00 73.49  ? 26  A   C "O3'" 1 
ATOM   668  C  "C2'" . A   C 3 12 ? -2.748  -10.732 1.739   1.00 67.69  ? 26  A   C "C2'" 1 
ATOM   669  O  "O2'" . A   C 3 12 ? -3.783  -10.347 0.848   1.00 67.96  ? 26  A   C "O2'" 1 
ATOM   670  C  "C1'" . A   C 3 12 ? -2.182  -9.489  2.414   1.00 65.08  ? 26  A   C "C1'" 1 
ATOM   671  N  N9    . A   C 3 12 ? -0.787  -9.619  2.822   1.00 61.32  ? 26  A   C N9    1 
ATOM   672  C  C8    . A   C 3 12 ? -0.298  -9.801  4.096   1.00 61.12  ? 26  A   C C8    1 
ATOM   673  N  N7    . A   C 3 12 ? 1.010   -9.810  4.163   1.00 61.80  ? 26  A   C N7    1 
ATOM   674  C  C5    . A   C 3 12 ? 1.407   -9.621  2.837   1.00 59.46  ? 26  A   C C5    1 
ATOM   675  C  C6    . A   C 3 12 ? 2.668   -9.531  2.247   1.00 62.06  ? 26  A   C C6    1 
ATOM   676  N  N6    . A   C 3 12 ? 3.801   -9.587  2.923   1.00 59.25  ? 26  A   C N6    1 
ATOM   677  N  N1    . A   C 3 12 ? 2.726   -9.383  0.905   1.00 63.49  ? 26  A   C N1    1 
ATOM   678  C  C2    . A   C 3 12 ? 1.585   -9.344  0.219   1.00 62.38  ? 26  A   C C2    1 
ATOM   679  N  N3    . A   C 3 12 ? 0.335   -9.410  0.665   1.00 62.99  ? 26  A   C N3    1 
ATOM   680  C  C4    . A   C 3 12 ? 0.315   -9.541  2.013   1.00 59.75  ? 26  A   C C4    1 
ATOM   681  P  P     . C   C 3 13 ? -3.791  -13.955 2.512   1.00 75.31  ? 27  C   C P     1 
ATOM   682  O  OP1   . C   C 3 13 ? -4.995  -14.702 2.072   1.00 72.05  ? 27  C   C OP1   1 
ATOM   683  O  OP2   . C   C 3 13 ? -3.095  -14.295 3.778   1.00 67.42  ? 27  C   C OP2   1 
ATOM   684  O  "O5'" . C   C 3 13 ? -2.733  -13.983 1.325   1.00 67.42  ? 27  C   C "O5'" 1 
ATOM   685  C  "C5'" . C   C 3 13 ? -3.202  -13.814 0.002   1.00 62.41  ? 27  C   C "C5'" 1 
ATOM   686  C  "C4'" . C   C 3 13 ? -2.064  -13.653 -0.974  1.00 62.13  ? 27  C   C "C4'" 1 
ATOM   687  O  "O4'" . C   C 3 13 ? -1.221  -12.539 -0.585  1.00 57.31  ? 27  C   C "O4'" 1 
ATOM   688  C  "C3'" . C   C 3 13 ? -1.096  -14.810 -1.061  1.00 60.82  ? 27  C   C "C3'" 1 
ATOM   689  O  "O3'" . C   C 3 13 ? -1.621  -15.833 -1.872  1.00 68.79  ? 27  C   C "O3'" 1 
ATOM   690  C  "C2'" . C   C 3 13 ? 0.135   -14.156 -1.662  1.00 59.39  ? 27  C   C "C2'" 1 
ATOM   691  O  "O2'" . C   C 3 13 ? 0.011   -13.920 -3.050  1.00 65.39  ? 27  C   C "O2'" 1 
ATOM   692  C  "C1'" . C   C 3 13 ? 0.123   -12.815 -0.946  1.00 57.68  ? 27  C   C "C1'" 1 
ATOM   693  N  N1    . C   C 3 13 ? 0.959   -12.857 0.255   1.00 56.20  ? 27  C   C N1    1 
ATOM   694  C  C2    . C   C 3 13 ? 2.332   -12.624 0.109   1.00 55.69  ? 27  C   C C2    1 
ATOM   695  O  O2    . C   C 3 13 ? 2.785   -12.384 -1.033  1.00 55.18  ? 27  C   C O2    1 
ATOM   696  N  N3    . C   C 3 13 ? 3.125   -12.659 1.199   1.00 56.84  ? 27  C   C N3    1 
ATOM   697  C  C4    . C   C 3 13 ? 2.592   -12.908 2.394   1.00 57.82  ? 27  C   C C4    1 
ATOM   698  N  N4    . C   C 3 13 ? 3.401   -12.910 3.440   1.00 57.33  ? 27  C   C N4    1 
ATOM   699  C  C5    . C   C 3 13 ? 1.204   -13.156 2.572   1.00 55.87  ? 27  C   C C5    1 
ATOM   700  C  C6    . C   C 3 13 ? 0.428   -13.122 1.484   1.00 55.52  ? 27  C   C C6    1 
ATOM   701  P  P     . A   C 3 14 ? -1.253  -17.359 -1.543  1.00 70.02  ? 28  A   C P     1 
ATOM   702  O  OP1   . A   C 3 14 ? -2.022  -18.163 -2.516  1.00 69.86  ? 28  A   C OP1   1 
ATOM   703  O  OP2   . A   C 3 14 ? -1.401  -17.620 -0.083  1.00 64.35  ? 28  A   C OP2   1 
ATOM   704  O  "O5'" . A   C 3 14 ? 0.281   -17.429 -1.954  1.00 64.36  ? 28  A   C "O5'" 1 
ATOM   705  C  "C5'" . A   C 3 14 ? 0.637   -17.262 -3.317  1.00 62.65  ? 28  A   C "C5'" 1 
ATOM   706  C  "C4'" . A   C 3 14 ? 2.126   -17.265 -3.490  1.00 66.49  ? 28  A   C "C4'" 1 
ATOM   707  O  "O4'" . A   C 3 14 ? 2.689   -16.111 -2.830  1.00 65.12  ? 28  A   C "O4'" 1 
ATOM   708  C  "C3'" . A   C 3 14 ? 2.869   -18.435 -2.888  1.00 63.50  ? 28  A   C "C3'" 1 
ATOM   709  O  "O3'" . A   C 3 14 ? 2.824   -19.531 -3.767  1.00 64.72  ? 28  A   C "O3'" 1 
ATOM   710  C  "C2'" . A   C 3 14 ? 4.268   -17.862 -2.751  1.00 63.28  ? 28  A   C "C2'" 1 
ATOM   711  O  "O2'" . A   C 3 14 ? 4.894   -17.760 -4.013  1.00 59.58  ? 28  A   C "O2'" 1 
ATOM   712  C  "C1'" . A   C 3 14 ? 3.952   -16.442 -2.299  1.00 63.55  ? 28  A   C "C1'" 1 
ATOM   713  N  N9    . A   C 3 14 ? 3.884   -16.321 -0.847  1.00 60.92  ? 28  A   C N9    1 
ATOM   714  C  C8    . A   C 3 14 ? 2.789   -16.423 -0.034  1.00 59.59  ? 28  A   C C8    1 
ATOM   715  N  N7    . A   C 3 14 ? 3.059   -16.247 1.232   1.00 63.36  ? 28  A   C N7    1 
ATOM   716  C  C5    . A   C 3 14 ? 4.426   -16.018 1.250   1.00 60.63  ? 28  A   C C5    1 
ATOM   717  C  C6    . A   C 3 14 ? 5.305   -15.775 2.288   1.00 61.77  ? 28  A   C C6    1 
ATOM   718  N  N6    . A   C 3 14 ? 4.936   -15.683 3.564   1.00 61.86  ? 28  A   C N6    1 
ATOM   719  N  N1    . A   C 3 14 ? 6.605   -15.625 1.982   1.00 65.19  ? 28  A   C N1    1 
ATOM   720  C  C2    . A   C 3 14 ? 6.975   -15.703 0.707   1.00 61.92  ? 28  A   C C2    1 
ATOM   721  N  N3    . A   C 3 14 ? 6.232   -15.913 -0.366  1.00 61.80  ? 28  A   C N3    1 
ATOM   722  C  C4    . A   C 3 14 ? 4.940   -16.069 -0.021  1.00 60.41  ? 28  A   C C4    1 
ATOM   723  P  P     . C   C 3 15 ? 2.938   -21.014 -3.177  1.00 67.44  ? 29  C   C P     1 
ATOM   724  O  OP1   . C   C 3 15 ? 2.770   -21.901 -4.361  1.00 72.66  ? 29  C   C OP1   1 
ATOM   725  O  OP2   . C   C 3 15 ? 2.046   -21.168 -1.981  1.00 65.81  ? 29  C   C OP2   1 
ATOM   726  O  "O5'" . C   C 3 15 ? 4.455   -21.120 -2.701  1.00 61.20  ? 29  C   C "O5'" 1 
ATOM   727  C  "C5'" . C   C 3 15 ? 5.502   -21.093 -3.657  1.00 54.24  ? 29  C   C "C5'" 1 
ATOM   728  C  "C4'" . C   C 3 15 ? 6.833   -20.912 -2.990  1.00 60.52  ? 29  C   C "C4'" 1 
ATOM   729  O  "O4'" . C   C 3 15 ? 6.815   -19.650 -2.276  1.00 60.19  ? 29  C   C "O4'" 1 
ATOM   730  C  "C3'" . C   C 3 15 ? 7.198   -21.940 -1.931  1.00 61.38  ? 29  C   C "C3'" 1 
ATOM   731  O  "O3'" . C   C 3 15 ? 7.727   -23.146 -2.493  1.00 60.76  ? 29  C   C "O3'" 1 
ATOM   732  C  "C2'" . C   C 3 15 ? 8.225   -21.163 -1.119  1.00 61.07  ? 29  C   C "C2'" 1 
ATOM   733  O  "O2'" . C   C 3 15 ? 9.492   -21.073 -1.746  1.00 60.31  ? 29  C   C "O2'" 1 
ATOM   734  C  "C1'" . C   C 3 15 ? 7.594   -19.769 -1.110  1.00 61.96  ? 29  C   C "C1'" 1 
ATOM   735  N  N1    . C   C 3 15 ? 6.740   -19.597 0.064   1.00 58.23  ? 29  C   C N1    1 
ATOM   736  C  C2    . C   C 3 15 ? 7.336   -19.139 1.222   1.00 58.31  ? 29  C   C C2    1 
ATOM   737  O  O2    . C   C 3 15 ? 8.565   -18.910 1.210   1.00 56.27  ? 29  C   C O2    1 
ATOM   738  N  N3    . C   C 3 15 ? 6.584   -18.997 2.339   1.00 59.09  ? 29  C   C N3    1 
ATOM   739  C  C4    . C   C 3 15 ? 5.275   -19.265 2.296   1.00 57.63  ? 29  C   C C4    1 
ATOM   740  N  N4    . C   C 3 15 ? 4.557   -19.124 3.420   1.00 59.35  ? 29  C   C N4    1 
ATOM   741  C  C5    . C   C 3 15 ? 4.639   -19.718 1.114   1.00 56.88  ? 29  C   C C5    1 
ATOM   742  C  C6    . C   C 3 15 ? 5.400   -19.854 0.024   1.00 59.82  ? 29  C   C C6    1 
ATOM   743  P  P     . G   C 3 16 ? 7.737   -24.511 -1.630  1.00 60.71  ? 30  G   C P     1 
ATOM   744  O  OP1   . G   C 3 16 ? 8.318   -25.569 -2.511  1.00 71.69  ? 30  G   C OP1   1 
ATOM   745  O  OP2   . G   C 3 16 ? 6.448   -24.758 -0.915  1.00 62.12  ? 30  G   C OP2   1 
ATOM   746  O  "O5'" . G   C 3 16 ? 8.773   -24.196 -0.474  1.00 57.41  ? 30  G   C "O5'" 1 
ATOM   747  C  "C5'" . G   C 3 16 ? 10.137  -23.964 -0.769  1.00 53.96  ? 30  G   C "C5'" 1 
ATOM   748  C  "C4'" . G   C 3 16 ? 10.919  -23.762 0.506   1.00 60.27  ? 30  G   C "C4'" 1 
ATOM   749  O  "O4'" . G   C 3 16 ? 10.595  -22.455 1.049   1.00 62.59  ? 30  G   C "O4'" 1 
ATOM   750  C  "C3'" . G   C 3 16 ? 10.656  -24.731 1.655   1.00 62.32  ? 30  G   C "C3'" 1 
ATOM   751  O  "O3'" . G   C 3 16 ? 11.423  -25.929 1.547   1.00 62.66  ? 30  G   C "O3'" 1 
ATOM   752  C  "C2'" . G   C 3 16 ? 11.133  -23.899 2.834   1.00 57.95  ? 30  G   C "C2'" 1 
ATOM   753  O  "O2'" . G   C 3 16 ? 12.548  -23.795 2.822   1.00 58.49  ? 30  G   C "O2'" 1 
ATOM   754  C  "C1'" . G   C 3 16 ? 10.579  -22.529 2.463   1.00 62.12  ? 30  G   C "C1'" 1 
ATOM   755  N  N9    . G   C 3 16 ? 9.209   -22.369 2.957   1.00 59.43  ? 30  G   C N9    1 
ATOM   756  C  C8    . G   C 3 16 ? 8.016   -22.516 2.269   1.00 59.36  ? 30  G   C C8    1 
ATOM   757  N  N7    . G   C 3 16 ? 6.955   -22.289 3.006   1.00 57.28  ? 30  G   C N7    1 
ATOM   758  C  C5    . G   C 3 16 ? 7.486   -21.989 4.265   1.00 61.17  ? 30  G   C C5    1 
ATOM   759  C  C6    . G   C 3 16 ? 6.828   -21.671 5.480   1.00 60.57  ? 30  G   C C6    1 
ATOM   760  O  O6    . G   C 3 16 ? 5.617   -21.561 5.699   1.00 60.20  ? 30  G   C O6    1 
ATOM   761  N  N1    . G   C 3 16 ? 7.753   -21.469 6.516   1.00 58.50  ? 30  G   C N1    1 
ATOM   762  C  C2    . G   C 3 16 ? 9.124   -21.552 6.394   1.00 59.19  ? 30  G   C C2    1 
ATOM   763  N  N2    . G   C 3 16 ? 9.857   -21.377 7.503   1.00 59.30  ? 30  G   C N2    1 
ATOM   764  N  N3    . G   C 3 16 ? 9.738   -21.806 5.265   1.00 58.64  ? 30  G   C N3    1 
ATOM   765  C  C4    . G   C 3 16 ? 8.862   -22.030 4.249   1.00 58.52  ? 30  G   C C4    1 
ATOM   766  P  P     . A   C 3 17 ? 10.865  -27.307 2.176   1.00 63.68  ? 31  A   C P     1 
ATOM   767  O  OP1   . A   C 3 17 ? 11.953  -28.292 1.932   1.00 68.83  ? 31  A   C OP1   1 
ATOM   768  O  OP2   . A   C 3 17 ? 9.483   -27.593 1.697   1.00 52.86  ? 31  A   C OP2   1 
ATOM   769  O  "O5'" . A   C 3 17 ? 10.751  -27.037 3.749   1.00 61.25  ? 31  A   C "O5'" 1 
ATOM   770  C  "C5'" . A   C 3 17 ? 11.918  -26.761 4.519   1.00 63.25  ? 31  A   C "C5'" 1 
ATOM   771  C  "C4'" . A   C 3 17 ? 11.600  -26.466 5.979   1.00 69.88  ? 31  A   C "C4'" 1 
ATOM   772  O  "O4'" . A   C 3 17 ? 10.874  -25.208 6.091   1.00 72.78  ? 31  A   C "O4'" 1 
ATOM   773  C  "C3'" . A   C 3 17 ? 10.704  -27.449 6.712   1.00 68.94  ? 31  A   C "C3'" 1 
ATOM   774  O  "O3'" . A   C 3 17 ? 11.336  -28.677 7.040   1.00 77.89  ? 31  A   C "O3'" 1 
ATOM   775  C  "C2'" . A   C 3 17 ? 10.196  -26.615 7.876   1.00 67.50  ? 31  A   C "C2'" 1 
ATOM   776  O  "O2'" . A   C 3 17 ? 11.175  -26.463 8.879   1.00 71.86  ? 31  A   C "O2'" 1 
ATOM   777  C  "C1'" . A   C 3 17 ? 10.001  -25.257 7.212   1.00 68.34  ? 31  A   C "C1'" 1 
ATOM   778  N  N9    . A   C 3 17 ? 8.615   -25.088 6.786   1.00 63.30  ? 31  A   C N9    1 
ATOM   779  C  C8    . A   C 3 17 ? 8.032   -25.423 5.594   1.00 65.17  ? 31  A   C C8    1 
ATOM   780  N  N7    . A   C 3 17 ? 6.736   -25.204 5.560   1.00 62.33  ? 31  A   C N7    1 
ATOM   781  C  C5    . A   C 3 17 ? 6.458   -24.668 6.806   1.00 61.08  ? 31  A   C C5    1 
ATOM   782  C  C6    . A   C 3 17 ? 5.266   -24.215 7.395   1.00 57.69  ? 31  A   C C6    1 
ATOM   783  N  N6    . A   C 3 17 ? 4.092   -24.251 6.772   1.00 50.88  ? 31  A   C N6    1 
ATOM   784  N  N1    . A   C 3 17 ? 5.324   -23.737 8.655   1.00 55.05  ? 31  A   C N1    1 
ATOM   785  C  C2    . A   C 3 17 ? 6.517   -23.720 9.277   1.00 55.01  ? 31  A   C C2    1 
ATOM   786  N  N3    . A   C 3 17 ? 7.709   -24.118 8.827   1.00 56.43  ? 31  A   C N3    1 
ATOM   787  C  C4    . A   C 3 17 ? 7.609   -24.580 7.574   1.00 60.53  ? 31  A   C C4    1 
ATOM   788  O  "O5'" . U   D 4 1  ? -0.322  -19.190 13.126  1.00 65.33  ? 31  U   D "O5'" 1 
ATOM   789  C  "C5'" . U   D 4 1  ? 0.015   -19.186 14.510  1.00 63.39  ? 31  U   D "C5'" 1 
ATOM   790  C  "C4'" . U   D 4 1  ? 1.398   -19.726 14.785  1.00 66.33  ? 31  U   D "C4'" 1 
ATOM   791  O  "O4'" . U   D 4 1  ? 1.433   -21.105 14.351  1.00 68.13  ? 31  U   D "O4'" 1 
ATOM   792  C  "C3'" . U   D 4 1  ? 2.551   -19.068 14.033  1.00 62.12  ? 31  U   D "C3'" 1 
ATOM   793  O  "O3'" . U   D 4 1  ? 3.034   -17.936 14.739  1.00 57.67  ? 31  U   D "O3'" 1 
ATOM   794  C  "C2'" . U   D 4 1  ? 3.592   -20.172 14.043  1.00 61.68  ? 31  U   D "C2'" 1 
ATOM   795  O  "O2'" . U   D 4 1  ? 4.192   -20.284 15.315  1.00 63.33  ? 31  U   D "O2'" 1 
ATOM   796  C  "C1'" . U   D 4 1  ? 2.713   -21.400 13.819  1.00 66.32  ? 31  U   D "C1'" 1 
ATOM   797  N  N1    . U   D 4 1  ? 2.559   -21.747 12.392  1.00 67.76  ? 31  U   D N1    1 
ATOM   798  C  C2    . U   D 4 1  ? 3.646   -22.257 11.711  1.00 65.54  ? 31  U   D C2    1 
ATOM   799  O  O2    . U   D 4 1  ? 4.723   -22.479 12.243  1.00 66.78  ? 31  U   D O2    1 
ATOM   800  N  N3    . U   D 4 1  ? 3.427   -22.518 10.378  1.00 65.00  ? 31  U   D N3    1 
ATOM   801  C  C4    . U   D 4 1  ? 2.265   -22.341 9.678   1.00 66.45  ? 31  U   D C4    1 
ATOM   802  O  O4    . U   D 4 1  ? 2.236   -22.572 8.463   1.00 61.22  ? 31  U   D O4    1 
ATOM   803  C  C5    . U   D 4 1  ? 1.193   -21.843 10.459  1.00 63.99  ? 31  U   D C5    1 
ATOM   804  C  C6    . U   D 4 1  ? 1.375   -21.566 11.756  1.00 66.15  ? 31  U   D C6    1 
ATOM   805  P  P     . C   D 4 2  ? 3.660   -16.687 13.941  1.00 62.27  ? 32  C   D P     1 
ATOM   806  O  OP1   . C   D 4 2  ? 3.697   -15.548 14.888  1.00 68.77  ? 32  C   D OP1   1 
ATOM   807  O  OP2   . C   D 4 2  ? 2.972   -16.533 12.645  1.00 59.33  ? 32  C   D OP2   1 
ATOM   808  O  "O5'" . C   D 4 2  ? 5.157   -17.126 13.631  1.00 56.48  ? 32  C   D "O5'" 1 
ATOM   809  C  "C5'" . C   D 4 2  ? 6.065   -17.405 14.685  1.00 60.03  ? 32  C   D "C5'" 1 
ATOM   810  C  "C4'" . C   D 4 2  ? 7.278   -18.138 14.152  1.00 64.76  ? 32  C   D "C4'" 1 
ATOM   811  O  "O4'" . C   D 4 2  ? 6.811   -19.386 13.587  1.00 63.20  ? 32  C   D "O4'" 1 
ATOM   812  C  "C3'" . C   D 4 2  ? 8.041   -17.487 13.003  1.00 60.62  ? 32  C   D "C3'" 1 
ATOM   813  O  "O3'" . C   D 4 2  ? 9.018   -16.567 13.442  1.00 56.29  ? 32  C   D "O3'" 1 
ATOM   814  C  "C2'" . C   D 4 2  ? 8.714   -18.685 12.359  1.00 59.86  ? 32  C   D "C2'" 1 
ATOM   815  O  "O2'" . C   D 4 2  ? 9.819   -19.131 13.117  1.00 54.08  ? 32  C   D "O2'" 1 
ATOM   816  C  "C1'" . C   D 4 2  ? 7.607   -19.722 12.465  1.00 57.34  ? 32  C   D "C1'" 1 
ATOM   817  N  N1    . C   D 4 2  ? 6.750   -19.762 11.280  1.00 62.40  ? 32  C   D N1    1 
ATOM   818  C  C2    . C   D 4 2  ? 7.239   -20.343 10.104  1.00 60.66  ? 32  C   D C2    1 
ATOM   819  O  O2    . C   D 4 2  ? 8.423   -20.756 10.067  1.00 57.93  ? 32  C   D O2    1 
ATOM   820  N  N3    . C   D 4 2  ? 6.423   -20.443 9.036   1.00 60.83  ? 32  C   D N3    1 
ATOM   821  C  C4    . C   D 4 2  ? 5.175   -19.985 9.092   1.00 64.59  ? 32  C   D C4    1 
ATOM   822  N  N4    . C   D 4 2  ? 4.414   -20.165 8.019   1.00 61.93  ? 32  C   D N4    1 
ATOM   823  C  C5    . C   D 4 2  ? 4.664   -19.343 10.250  1.00 63.55  ? 32  C   D C5    1 
ATOM   824  C  C6    . C   D 4 2  ? 5.477   -19.256 11.311  1.00 61.51  ? 32  C   D C6    1 
ATOM   825  P  P     . G   D 4 3  ? 9.297   -15.247 12.573  1.00 58.37  ? 33  G   D P     1 
ATOM   826  O  OP1   . G   D 4 3  ? 9.965   -14.294 13.480  1.00 57.75  ? 33  G   D OP1   1 
ATOM   827  O  OP2   . G   D 4 3  ? 8.055   -14.837 11.881  1.00 55.90  ? 33  G   D OP2   1 
ATOM   828  O  "O5'" . G   D 4 3  ? 10.302  -15.718 11.430  1.00 60.75  ? 33  G   D "O5'" 1 
ATOM   829  C  "C5'" . G   D 4 3  ? 11.562  -16.320 11.724  1.00 56.33  ? 33  G   D "C5'" 1 
ATOM   830  C  "C4'" . G   D 4 3  ? 12.171  -16.817 10.443  1.00 62.43  ? 33  G   D "C4'" 1 
ATOM   831  O  "O4'" . G   D 4 3  ? 11.295  -17.843 9.926   1.00 59.39  ? 33  G   D "O4'" 1 
ATOM   832  C  "C3'" . G   D 4 3  ? 12.205  -15.787 9.327   1.00 62.03  ? 33  G   D "C3'" 1 
ATOM   833  O  "O3'" . G   D 4 3  ? 13.403  -15.032 9.383   1.00 63.72  ? 33  G   D "O3'" 1 
ATOM   834  C  "C2'" . G   D 4 3  ? 12.203  -16.665 8.084   1.00 58.64  ? 33  G   D "C2'" 1 
ATOM   835  O  "O2'" . G   D 4 3  ? 13.462  -17.220 7.769   1.00 58.57  ? 33  G   D "O2'" 1 
ATOM   836  C  "C1'" . G   D 4 3  ? 11.269  -17.787 8.518   1.00 60.08  ? 33  G   D "C1'" 1 
ATOM   837  N  N9    . G   D 4 3  ? 9.871   -17.684 8.098   1.00 61.79  ? 33  G   D N9    1 
ATOM   838  C  C8    . G   D 4 3  ? 8.793   -17.361 8.892   1.00 61.04  ? 33  G   D C8    1 
ATOM   839  N  N7    . G   D 4 3  ? 7.651   -17.442 8.261   1.00 62.39  ? 33  G   D N7    1 
ATOM   840  C  C5    . G   D 4 3  ? 7.991   -17.832 6.970   1.00 61.79  ? 33  G   D C5    1 
ATOM   841  C  C6    . G   D 4 3  ? 7.182   -18.092 5.841   1.00 64.49  ? 33  G   D C6    1 
ATOM   842  O  O6    . G   D 4 3  ? 5.953   -18.059 5.759   1.00 65.02  ? 33  G   D O6    1 
ATOM   843  N  N1    . G   D 4 3  ? 7.944   -18.431 4.721   1.00 62.51  ? 33  G   D N1    1 
ATOM   844  C  C2    . G   D 4 3  ? 9.310   -18.522 4.695   1.00 64.60  ? 33  G   D C2    1 
ATOM   845  N  N2    . G   D 4 3  ? 9.870   -18.885 3.541   1.00 65.97  ? 33  G   D N2    1 
ATOM   846  N  N3    . G   D 4 3  ? 10.083  -18.280 5.736   1.00 64.20  ? 33  G   D N3    1 
ATOM   847  C  C4    . G   D 4 3  ? 9.361   -17.951 6.842   1.00 64.04  ? 33  G   D C4    1 
ATOM   848  P  P     . U   D 4 4  ? 13.480  -13.599 8.660   1.00 63.70  ? 34  U   D P     1 
ATOM   849  O  OP1   . U   D 4 4  ? 14.828  -13.003 8.898   1.00 66.45  ? 34  U   D OP1   1 
ATOM   850  O  OP2   . U   D 4 4  ? 12.279  -12.858 9.066   1.00 66.57  ? 34  U   D OP2   1 
ATOM   851  O  "O5'" . U   D 4 4  ? 13.353  -13.946 7.111   1.00 66.82  ? 34  U   D "O5'" 1 
ATOM   852  C  "C5'" . U   D 4 4  ? 14.469  -14.487 6.444   1.00 62.79  ? 34  U   D "C5'" 1 
ATOM   853  C  "C4'" . U   D 4 4  ? 14.120  -14.896 5.035   1.00 66.49  ? 34  U   D "C4'" 1 
ATOM   854  O  "O4'" . U   D 4 4  ? 13.012  -15.830 5.069   1.00 59.51  ? 34  U   D "O4'" 1 
ATOM   855  C  "C3'" . U   D 4 4  ? 13.601  -13.798 4.132   1.00 62.84  ? 34  U   D "C3'" 1 
ATOM   856  O  "O3'" . U   D 4 4  ? 14.660  -13.081 3.568   1.00 71.57  ? 34  U   D "O3'" 1 
ATOM   857  C  "C2'" . U   D 4 4  ? 12.867  -14.584 3.069   1.00 64.36  ? 34  U   D "C2'" 1 
ATOM   858  O  "O2'" . U   D 4 4  ? 13.785  -15.239 2.234   1.00 65.24  ? 34  U   D "O2'" 1 
ATOM   859  C  "C1'" . U   D 4 4  ? 12.225  -15.666 3.908   1.00 63.95  ? 34  U   D "C1'" 1 
ATOM   860  N  N1    . U   D 4 4  ? 10.859  -15.293 4.282   1.00 65.87  ? 34  U   D N1    1 
ATOM   861  C  C2    . U   D 4 4  ? 9.908   -15.521 3.318   1.00 67.47  ? 34  U   D C2    1 
ATOM   862  O  O2    . U   D 4 4  ? 10.197  -15.954 2.196   1.00 70.38  ? 34  U   D O2    1 
ATOM   863  N  N3    . U   D 4 4  ? 8.621   -15.225 3.689   1.00 68.35  ? 34  U   D N3    1 
ATOM   864  C  C4    . U   D 4 4  ? 8.206   -14.710 4.899   1.00 67.65  ? 34  U   D C4    1 
ATOM   865  O  O4    . U   D 4 4  ? 6.995   -14.616 5.126   1.00 66.63  ? 34  U   D O4    1 
ATOM   866  C  C5    . U   D 4 4  ? 9.270   -14.456 5.837   1.00 62.89  ? 34  U   D C5    1 
ATOM   867  C  C6    . U   D 4 4  ? 10.535  -14.754 5.503   1.00 66.02  ? 34  U   D C6    1 
ATOM   868  P  P     . G   D 4 5  ? 14.422  -11.568 3.102   1.00 66.65  ? 35  G   D P     1 
ATOM   869  O  OP1   . G   D 4 5  ? 15.768  -11.015 2.778   1.00 74.17  ? 35  G   D OP1   1 
ATOM   870  O  OP2   . G   D 4 5  ? 13.563  -10.900 4.131   1.00 70.35  ? 35  G   D OP2   1 
ATOM   871  O  "O5'" . G   D 4 5  ? 13.583  -11.711 1.755   1.00 67.01  ? 35  G   D "O5'" 1 
ATOM   872  C  "C5'" . G   D 4 5  ? 14.108  -12.430 0.642   1.00 64.27  ? 35  G   D "C5'" 1 
ATOM   873  C  "C4'" . G   D 4 5  ? 13.068  -12.566 -0.447  1.00 66.41  ? 35  G   D "C4'" 1 
ATOM   874  O  "O4'" . G   D 4 5  ? 11.955  -13.340 0.063   1.00 65.81  ? 35  G   D "O4'" 1 
ATOM   875  C  "C3'" . G   D 4 5  ? 12.444  -11.270 -0.920  1.00 64.73  ? 35  G   D "C3'" 1 
ATOM   876  O  "O3'" . G   D 4 5  ? 13.254  -10.688 -1.934  1.00 71.40  ? 35  G   D "O3'" 1 
ATOM   877  C  "C2'" . G   D 4 5  ? 11.110  -11.748 -1.475  1.00 67.87  ? 35  G   D "C2'" 1 
ATOM   878  O  "O2'" . G   D 4 5  ? 11.266  -12.319 -2.751  1.00 65.42  ? 35  G   D "O2'" 1 
ATOM   879  C  "C1'" . G   D 4 5  ? 10.743  -12.865 -0.496  1.00 67.59  ? 35  G   D "C1'" 1 
ATOM   880  N  N9    . G   D 4 5  ? 9.834   -12.507 0.595   1.00 66.36  ? 35  G   D N9    1 
ATOM   881  C  C8    . G   D 4 5  ? 10.197  -12.107 1.863   1.00 65.05  ? 35  G   D C8    1 
ATOM   882  N  N7    . G   D 4 5  ? 9.176   -11.905 2.654   1.00 66.26  ? 35  G   D N7    1 
ATOM   883  C  C5    . G   D 4 5  ? 8.065   -12.189 1.865   1.00 65.38  ? 35  G   D C5    1 
ATOM   884  C  C6    . G   D 4 5  ? 6.691   -12.178 2.184   1.00 65.96  ? 35  G   D C6    1 
ATOM   885  O  O6    . G   D 4 5  ? 6.152   -11.952 3.279   1.00 70.06  ? 35  G   D O6    1 
ATOM   886  N  N1    . G   D 4 5  ? 5.910   -12.488 1.076   1.00 63.58  ? 35  G   D N1    1 
ATOM   887  C  C2    . G   D 4 5  ? 6.384   -12.783 -0.176  1.00 64.97  ? 35  G   D C2    1 
ATOM   888  N  N2    . G   D 4 5  ? 5.467   -12.997 -1.118  1.00 63.65  ? 35  G   D N2    1 
ATOM   889  N  N3    . G   D 4 5  ? 7.662   -12.850 -0.479  1.00 63.96  ? 35  G   D N3    1 
ATOM   890  C  C4    . G   D 4 5  ? 8.447   -12.535 0.580   1.00 64.69  ? 35  G   D C4    1 
ATOM   891  P  P     . G   D 4 6  ? 13.227  -9.096  -2.174  1.00 73.11  ? 36  G   D P     1 
ATOM   892  O  OP1   . G   D 4 6  ? 14.467  -8.754  -2.903  1.00 77.38  ? 36  G   D OP1   1 
ATOM   893  O  OP2   . G   D 4 6  ? 12.929  -8.432  -0.880  1.00 74.69  ? 36  G   D OP2   1 
ATOM   894  O  "O5'" . G   D 4 6  ? 12.010  -8.871  -3.176  1.00 72.85  ? 36  G   D "O5'" 1 
ATOM   895  C  "C5'" . G   D 4 6  ? 11.940  -9.604  -4.390  1.00 69.01  ? 36  G   D "C5'" 1 
ATOM   896  C  "C4'" . G   D 4 6  ? 10.595  -9.414  -5.041  1.00 69.95  ? 36  G   D "C4'" 1 
ATOM   897  O  "O4'" . G   D 4 6  ? 9.553   -9.783  -4.122  1.00 70.94  ? 36  G   D "O4'" 1 
ATOM   898  C  "C3'" . G   D 4 6  ? 10.321  -7.970  -5.433  1.00 68.84  ? 36  G   D "C3'" 1 
ATOM   899  O  "O3'" . G   D 4 6  ? 9.514   -8.068  -6.601  1.00 70.62  ? 36  G   D "O3'" 1 
ATOM   900  C  "C2'" . G   D 4 6  ? 9.537   -7.392  -4.264  1.00 71.28  ? 36  G   D "C2'" 1 
ATOM   901  O  "O2'" . G   D 4 6  ? 8.554   -6.480  -4.671  1.00 70.20  ? 36  G   D "O2'" 1 
ATOM   902  C  "C1'" . G   D 4 6  ? 8.829   -8.646  -3.755  1.00 68.96  ? 36  G   D "C1'" 1 
ATOM   903  N  N9    . G   D 4 6  ? 8.441   -8.742  -2.357  1.00 63.81  ? 36  G   D N9    1 
ATOM   904  C  C8    . G   D 4 6  ? 9.202   -8.459  -1.258  1.00 65.91  ? 36  G   D C8    1 
ATOM   905  N  N7    . G   D 4 6  ? 8.543   -8.609  -0.141  1.00 64.24  ? 36  G   D N7    1 
ATOM   906  C  C5    . G   D 4 6  ? 7.274   -9.021  -0.539  1.00 62.26  ? 36  G   D C5    1 
ATOM   907  C  C6    . G   D 4 6  ? 6.122   -9.320  0.217   1.00 63.56  ? 36  G   D C6    1 
ATOM   908  O  O6    . G   D 4 6  ? 5.972   -9.258  1.449   1.00 71.19  ? 36  G   D O6    1 
ATOM   909  N  N1    . G   D 4 6  ? 5.058   -9.712  -0.591  1.00 62.94  ? 36  G   D N1    1 
ATOM   910  C  C2    . G   D 4 6  ? 5.088   -9.800  -1.954  1.00 62.66  ? 36  G   D C2    1 
ATOM   911  N  N2    . G   D 4 6  ? 3.964   -10.197 -2.557  1.00 58.21  ? 36  G   D N2    1 
ATOM   912  N  N3    . G   D 4 6  ? 6.148   -9.508  -2.670  1.00 61.82  ? 36  G   D N3    1 
ATOM   913  C  C4    . G   D 4 6  ? 7.201   -9.129  -1.907  1.00 60.78  ? 36  G   D C4    1 
ATOM   914  P  P     . U   D 4 7  ? 9.736   -7.102  -7.843  1.00 74.31  ? 37  U   D P     1 
ATOM   915  O  OP1   . U   D 4 7  ? 9.313   -7.875  -9.024  1.00 61.86  ? 37  U   D OP1   1 
ATOM   916  O  OP2   . U   D 4 7  ? 11.113  -6.582  -7.756  1.00 72.54  ? 37  U   D OP2   1 
ATOM   917  O  "O5'" . U   D 4 7  ? 8.652   -5.957  -7.633  1.00 73.70  ? 37  U   D "O5'" 1 
ATOM   918  C  "C5'" . U   D 4 7  ? 8.151   -5.245  -8.744  1.00 69.93  ? 37  U   D "C5'" 1 
ATOM   919  C  "C4'" . U   D 4 7  ? 6.700   -4.914  -8.546  1.00 70.37  ? 37  U   D "C4'" 1 
ATOM   920  O  "O4'" . U   D 4 7  ? 5.928   -6.138  -8.555  1.00 75.43  ? 37  U   D "O4'" 1 
ATOM   921  C  "C3'" . U   D 4 7  ? 6.483   -4.286  -7.165  1.00 70.03  ? 37  U   D "C3'" 1 
ATOM   922  O  "O3'" . U   D 4 7  ? 5.506   -3.268  -7.229  1.00 65.39  ? 37  U   D "O3'" 1 
ATOM   923  C  "C2'" . U   D 4 7  ? 5.997   -5.412  -6.269  1.00 70.96  ? 37  U   D "C2'" 1 
ATOM   924  O  "O2'" . U   D 4 7  ? 4.990   -5.017  -5.357  1.00 69.78  ? 37  U   D "O2'" 1 
ATOM   925  C  "C1'" . U   D 4 7  ? 5.340   -6.329  -7.299  1.00 72.75  ? 37  U   D "C1'" 1 
ATOM   926  N  N1    . U   D 4 7  ? 5.263   -7.734  -6.957  1.00 71.50  ? 37  U   D N1    1 
ATOM   927  C  C2    . U   D 4 7  ? 4.009   -8.192  -6.566  1.00 73.50  ? 37  U   D C2    1 
ATOM   928  O  O2    . U   D 4 7  ? 2.998   -7.491  -6.626  1.00 71.69  ? 37  U   D O2    1 
ATOM   929  N  N3    . U   D 4 7  ? 3.977   -9.481  -6.109  1.00 76.27  ? 37  U   D N3    1 
ATOM   930  C  C4    . U   D 4 7  ? 5.051   -10.352 -6.010  1.00 75.60  ? 37  U   D C4    1 
ATOM   931  O  O4    . U   D 4 7  ? 4.908   -11.406 -5.371  1.00 77.94  ? 37  U   D O4    1 
ATOM   932  C  C5    . U   D 4 7  ? 6.307   -9.821  -6.510  1.00 75.84  ? 37  U   D C5    1 
ATOM   933  C  C6    . U   D 4 7  ? 6.362   -8.562  -6.959  1.00 74.27  ? 37  U   D C6    1 
ATOM   934  P  P     . A   D 4 8  ? 5.876   -1.771  -6.864  1.00 66.07  ? 38  A   D P     1 
ATOM   935  O  OP1   . A   D 4 8  ? 4.574   -1.070  -6.977  1.00 63.60  ? 38  A   D OP1   1 
ATOM   936  O  OP2   . A   D 4 8  ? 7.011   -1.341  -7.695  1.00 67.11  ? 38  A   D OP2   1 
ATOM   937  O  "O5'" . A   D 4 8  ? 6.394   -1.851  -5.363  1.00 67.16  ? 38  A   D "O5'" 1 
ATOM   938  C  "C5'" . A   D 4 8  ? 5.523   -1.638  -4.273  1.00 59.43  ? 38  A   D "C5'" 1 
ATOM   939  C  "C4'" . A   D 4 8  ? 6.287   -1.754  -2.979  1.00 66.12  ? 38  A   D "C4'" 1 
ATOM   940  O  "O4'" . A   D 4 8  ? 5.357   -1.537  -1.907  1.00 62.37  ? 38  A   D "O4'" 1 
ATOM   941  C  "C3'" . A   D 4 8  ? 6.848   -3.165  -2.781  1.00 61.61  ? 38  A   D "C3'" 1 
ATOM   942  O  "O3'" . A   D 4 8  ? 8.082   -3.159  -2.036  1.00 65.97  ? 38  A   D "O3'" 1 
ATOM   943  C  "C2'" . A   D 4 8  ? 5.791   -3.881  -1.949  1.00 62.88  ? 38  A   D "C2'" 1 
ATOM   944  O  "O2'" . A   D 4 8  ? 6.337   -4.754  -0.996  1.00 70.07  ? 38  A   D "O2'" 1 
ATOM   945  C  "C1'" . A   D 4 8  ? 5.195   -2.705  -1.178  1.00 62.15  ? 38  A   D "C1'" 1 
ATOM   946  N  N9    . A   D 4 8  ? 3.853   -2.748  -0.688  1.00 57.97  ? 38  A   D N9    1 
ATOM   947  C  C8    . A   D 4 8  ? 3.451   -2.666  0.622   1.00 55.65  ? 38  A   D C8    1 
ATOM   948  N  N7    . A   D 4 8  ? 2.160   -2.730  0.781   1.00 56.87  ? 38  A   D N7    1 
ATOM   949  C  C5    . A   D 4 8  ? 1.672   -2.860  -0.515  1.00 53.66  ? 38  A   D C5    1 
ATOM   950  C  C6    . A   D 4 8  ? 0.378   -3.010  -1.020  1.00 58.42  ? 38  A   D C6    1 
ATOM   951  N  N6    . A   D 4 8  ? -0.732  -3.026  -0.266  1.00 56.48  ? 38  A   D N6    1 
ATOM   952  N  N1    . A   D 4 8  ? 0.248   -3.154  -2.359  1.00 59.87  ? 38  A   D N1    1 
ATOM   953  C  C2    . A   D 4 8  ? 1.366   -3.144  -3.124  1.00 59.33  ? 38  A   D C2    1 
ATOM   954  N  N3    . A   D 4 8  ? 2.637   -3.004  -2.757  1.00 58.33  ? 38  A   D N3    1 
ATOM   955  C  C4    . A   D 4 8  ? 2.713   -2.869  -1.421  1.00 57.12  ? 38  A   D C4    1 
ATOM   956  P  P     . C   D 4 9  ? 9.518   -3.070  -2.763  1.00 70.22  ? 39  C   D P     1 
ATOM   957  O  OP1   . C   D 4 9  ? 9.594   -4.152  -3.791  1.00 70.86  ? 39  C   D OP1   1 
ATOM   958  O  OP2   . C   D 4 9  ? 10.528  -3.022  -1.669  1.00 65.66  ? 39  C   D OP2   1 
ATOM   959  O  "O5'" . C   D 4 9  ? 9.529   -1.634  -3.478  1.00 72.53  ? 39  C   D "O5'" 1 
ATOM   960  C  "C5'" . C   D 4 9  ? 10.226  -0.495  -2.916  1.00 71.99  ? 39  C   D "C5'" 1 
ATOM   961  C  "C4'" . C   D 4 9  ? 10.485  0.551   -3.996  1.00 75.31  ? 39  C   D "C4'" 1 
ATOM   962  O  "O4'" . C   D 4 9  ? 11.307  -0.060  -5.024  1.00 78.95  ? 39  C   D "O4'" 1 
ATOM   963  C  "C3'" . C   D 4 9  ? 9.172   0.972   -4.681  1.00 75.92  ? 39  C   D "C3'" 1 
ATOM   964  O  "O3'" . C   D 4 9  ? 9.170   2.336   -5.159  1.00 71.44  ? 39  C   D "O3'" 1 
ATOM   965  C  "C2'" . C   D 4 9  ? 9.079   0.072   -5.911  1.00 77.60  ? 39  C   D "C2'" 1 
ATOM   966  O  "O2'" . C   D 4 9  ? 8.551   0.738   -7.030  1.00 79.16  ? 39  C   D "O2'" 1 
ATOM   967  C  "C1'" . C   D 4 9  ? 10.557  -0.190  -6.199  1.00 80.60  ? 39  C   D "C1'" 1 
ATOM   968  N  N1    . C   D 4 9  ? 10.926  -1.384  -6.943  1.00 87.14  ? 39  C   D N1    1 
ATOM   969  C  C2    . C   D 4 9  ? 11.514  -1.202  -8.202  1.00 89.65  ? 39  C   D C2    1 
ATOM   970  O  O2    . C   D 4 9  ? 11.759  -0.033  -8.579  1.00 89.77  ? 39  C   D O2    1 
ATOM   971  N  N3    . C   D 4 9  ? 11.799  -2.272  -8.970  1.00 90.32  ? 39  C   D N3    1 
ATOM   972  C  C4    . C   D 4 9  ? 11.544  -3.502  -8.515  1.00 90.85  ? 39  C   D C4    1 
ATOM   973  N  N4    . C   D 4 9  ? 11.818  -4.529  -9.325  1.00 91.62  ? 39  C   D N4    1 
ATOM   974  C  C5    . C   D 4 9  ? 10.986  -3.735  -7.221  1.00 89.76  ? 39  C   D C5    1 
ATOM   975  C  C6    . C   D 4 9  ? 10.700  -2.656  -6.475  1.00 88.32  ? 39  C   D C6    1 
ATOM   976  P  P     . A   D 4 10 ? 8.648   3.572   -4.258  1.00 74.85  ? 40  A   D P     1 
ATOM   977  O  OP1   . A   D 4 10 ? 8.580   4.745   -5.173  1.00 74.08  ? 40  A   D OP1   1 
ATOM   978  O  OP2   . A   D 4 10 ? 9.435   3.681   -2.997  1.00 70.76  ? 40  A   D OP2   1 
ATOM   979  O  "O5'" . A   D 4 10 ? 7.152   3.197   -3.912  1.00 67.54  ? 40  A   D "O5'" 1 
ATOM   980  C  "C5'" . A   D 4 10 ? 6.221   2.973   -4.938  1.00 64.45  ? 40  A   D "C5'" 1 
ATOM   981  C  "C4'" . A   D 4 10 ? 4.939   2.498   -4.337  1.00 68.71  ? 40  A   D "C4'" 1 
ATOM   982  O  "O4'" . A   D 4 10 ? 5.224   1.306   -3.563  1.00 67.23  ? 40  A   D "O4'" 1 
ATOM   983  C  "C3'" . A   D 4 10 ? 4.346   3.436   -3.301  1.00 68.63  ? 40  A   D "C3'" 1 
ATOM   984  O  "O3'" . A   D 4 10 ? 3.556   4.428   -3.916  1.00 70.62  ? 40  A   D "O3'" 1 
ATOM   985  C  "C2'" . A   D 4 10 ? 3.480   2.490   -2.484  1.00 66.02  ? 40  A   D "C2'" 1 
ATOM   986  O  "O2'" . A   D 4 10 ? 2.267   2.126   -3.124  1.00 63.88  ? 40  A   D "O2'" 1 
ATOM   987  C  "C1'" . A   D 4 10 ? 4.377   1.257   -2.430  1.00 64.46  ? 40  A   D "C1'" 1 
ATOM   988  N  N9    . A   D 4 10 ? 5.189   1.164   -1.238  1.00 60.26  ? 40  A   D N9    1 
ATOM   989  C  C8    . A   D 4 10 ? 6.549   1.327   -1.034  1.00 61.54  ? 40  A   D C8    1 
ATOM   990  N  N7    . A   D 4 10 ? 6.947   1.119   0.204   1.00 59.24  ? 40  A   D N7    1 
ATOM   991  C  C5    . A   D 4 10 ? 5.766   0.808   0.866   1.00 60.84  ? 40  A   D C5    1 
ATOM   992  C  C6    . A   D 4 10 ? 5.492   0.492   2.205   1.00 61.19  ? 40  A   D C6    1 
ATOM   993  N  N6    . A   D 4 10 ? 6.431   0.409   3.151   1.00 61.24  ? 40  A   D N6    1 
ATOM   994  N  N1    . A   D 4 10 ? 4.204   0.254   2.541   1.00 60.05  ? 40  A   D N1    1 
ATOM   995  C  C2    . A   D 4 10 ? 3.257   0.328   1.583   1.00 61.72  ? 40  A   D C2    1 
ATOM   996  N  N3    . A   D 4 10 ? 3.390   0.608   0.289   1.00 60.93  ? 40  A   D N3    1 
ATOM   997  C  C4    . A   D 4 10 ? 4.682   0.839   0.012   1.00 60.38  ? 40  A   D C4    1 
ATOM   998  P  P     . U   D 4 11 ? 3.604   5.933   -3.374  1.00 67.83  ? 41  U   D P     1 
ATOM   999  O  OP1   . U   D 4 11 ? 2.711   6.677   -4.288  1.00 68.96  ? 41  U   D OP1   1 
ATOM   1000 O  OP2   . U   D 4 11 ? 5.010   6.369   -3.196  1.00 67.22  ? 41  U   D OP2   1 
ATOM   1001 O  "O5'" . U   D 4 11 ? 2.916   5.841   -1.946  1.00 63.76  ? 41  U   D "O5'" 1 
ATOM   1002 C  "C5'" . U   D 4 11 ? 1.548   5.514   -1.866  1.00 57.38  ? 41  U   D "C5'" 1 
ATOM   1003 C  "C4'" . U   D 4 11 ? 1.137   5.360   -0.435  1.00 60.02  ? 41  U   D "C4'" 1 
ATOM   1004 O  "O4'" . U   D 4 11 ? 2.099   4.500   0.214   1.00 59.95  ? 41  U   D "O4'" 1 
ATOM   1005 C  "C3'" . U   D 4 11 ? 1.222   6.703   0.304   1.00 61.45  ? 41  U   D "C3'" 1 
ATOM   1006 O  "O3'" . U   D 4 11 ? 0.030   6.848   1.068   1.00 65.57  ? 41  U   D "O3'" 1 
ATOM   1007 C  "C2'" . U   D 4 11 ? 2.563   6.707   1.030   1.00 61.68  ? 41  U   D "C2'" 1 
ATOM   1008 O  "O2'" . U   D 4 11 ? 2.607   7.305   2.311   1.00 61.96  ? 41  U   D "O2'" 1 
ATOM   1009 C  "C1'" . U   D 4 11 ? 2.755   5.219   1.232   1.00 59.75  ? 41  U   D "C1'" 1 
ATOM   1010 N  N1    . U   D 4 11 ? 4.111   4.743   1.443   1.00 57.76  ? 41  U   D N1    1 
ATOM   1011 C  C2    . U   D 4 11 ? 4.418   4.315   2.723   1.00 60.01  ? 41  U   D C2    1 
ATOM   1012 O  O2    . U   D 4 11 ? 3.564   4.236   3.616   1.00 61.43  ? 41  U   D O2    1 
ATOM   1013 N  N3    . U   D 4 11 ? 5.731   3.957   2.918   1.00 60.34  ? 41  U   D N3    1 
ATOM   1014 C  C4    . U   D 4 11 ? 6.742   3.988   1.982   1.00 62.76  ? 41  U   D C4    1 
ATOM   1015 O  O4    . U   D 4 11 ? 7.897   3.716   2.311   1.00 64.28  ? 41  U   D O4    1 
ATOM   1016 C  C5    . U   D 4 11 ? 6.330   4.411   0.688   1.00 56.09  ? 41  U   D C5    1 
ATOM   1017 C  C6    . U   D 4 11 ? 5.061   4.771   0.469   1.00 56.82  ? 41  U   D C6    1 
ATOM   1018 P  P     . U   D 4 12 ? -0.294  8.198   1.868   1.00 62.92  ? 42  U   D P     1 
ATOM   1019 O  OP1   . U   D 4 12 ? -1.469  8.801   1.186   1.00 57.35  ? 42  U   D OP1   1 
ATOM   1020 O  OP2   . U   D 4 12 ? 0.942   9.006   2.100   1.00 60.07  ? 42  U   D OP2   1 
ATOM   1021 O  "O5'" . U   D 4 12 ? -0.802  7.604   3.250   1.00 58.30  ? 42  U   D "O5'" 1 
ATOM   1022 C  "C5'" . U   D 4 12 ? -1.370  8.435   4.256   1.00 56.78  ? 42  U   D "C5'" 1 
ATOM   1023 C  "C4'" . U   D 4 12 ? -0.726  8.135   5.582   1.00 60.89  ? 42  U   D "C4'" 1 
ATOM   1024 O  "O4'" . U   D 4 12 ? -0.892  6.734   5.896   1.00 60.63  ? 42  U   D "O4'" 1 
ATOM   1025 C  "C3'" . U   D 4 12 ? 0.772   8.356   5.460   1.00 63.74  ? 42  U   D "C3'" 1 
ATOM   1026 O  "O3'" . U   D 4 12 ? 1.198   8.792   6.723   1.00 72.63  ? 42  U   D "O3'" 1 
ATOM   1027 C  "C2'" . U   D 4 12 ? 1.365   6.989   5.158   1.00 63.08  ? 42  U   D "C2'" 1 
ATOM   1028 O  "O2'" . U   D 4 12 ? 2.604   6.789   5.780   1.00 67.43  ? 42  U   D "O2'" 1 
ATOM   1029 C  "C1'" . U   D 4 12 ? 0.356   6.080   5.848   1.00 62.27  ? 42  U   D "C1'" 1 
ATOM   1030 N  N1    . U   D 4 12 ? 0.187   4.702   5.396   1.00 60.64  ? 42  U   D N1    1 
ATOM   1031 C  C2    . U   D 4 12 ? 0.628   3.706   6.244   1.00 60.31  ? 42  U   D C2    1 
ATOM   1032 O  O2    . U   D 4 12 ? 1.097   3.944   7.344   1.00 58.68  ? 42  U   D O2    1 
ATOM   1033 N  N3    . U   D 4 12 ? 0.478   2.429   5.771   1.00 59.40  ? 42  U   D N3    1 
ATOM   1034 C  C4    . U   D 4 12 ? -0.053  2.056   4.558   1.00 62.38  ? 42  U   D C4    1 
ATOM   1035 O  O4    . U   D 4 12 ? -0.080  0.871   4.243   1.00 65.35  ? 42  U   D O4    1 
ATOM   1036 C  C5    . U   D 4 12 ? -0.499  3.136   3.747   1.00 63.97  ? 42  U   D C5    1 
ATOM   1037 C  C6    . U   D 4 12 ? -0.362  4.390   4.181   1.00 62.05  ? 42  U   D C6    1 
ATOM   1038 P  P     . A   D 4 13 ? 2.182   10.021  6.873   1.00 68.84  ? 43  A   D P     1 
ATOM   1039 O  OP1   . A   D 4 13 ? 1.360   11.233  6.696   1.00 74.41  ? 43  A   D OP1   1 
ATOM   1040 O  OP2   . A   D 4 13 ? 3.433   9.849   6.073   1.00 77.18  ? 43  A   D OP2   1 
ATOM   1041 O  "O5'" . A   D 4 13 ? 2.521   9.891   8.422   1.00 68.12  ? 43  A   D "O5'" 1 
ATOM   1042 C  "C5'" . A   D 4 13 ? 1.491   9.541   9.373   1.00 67.43  ? 43  A   D "C5'" 1 
ATOM   1043 C  "C4'" . A   D 4 13 ? 2.022   8.599   10.444  1.00 68.30  ? 43  A   D "C4'" 1 
ATOM   1044 O  "O4'" . A   D 4 13 ? 2.351   7.326   9.854   1.00 73.73  ? 43  A   D "O4'" 1 
ATOM   1045 C  "C3'" . A   D 4 13 ? 3.277   9.029   11.177  1.00 71.09  ? 43  A   D "C3'" 1 
ATOM   1046 O  "O3'" . A   D 4 13 ? 2.929   9.866   12.269  1.00 74.85  ? 43  A   D "O3'" 1 
ATOM   1047 C  "C2'" . A   D 4 13 ? 3.851   7.704   11.650  1.00 72.70  ? 43  A   D "C2'" 1 
ATOM   1048 O  "O2'" . A   D 4 13 ? 3.188   7.225   12.794  1.00 69.81  ? 43  A   D "O2'" 1 
ATOM   1049 C  "C1'" . A   D 4 13 ? 3.509   6.799   10.469  1.00 69.58  ? 43  A   D "C1'" 1 
ATOM   1050 N  N9    . A   D 4 13 ? 4.547   6.753   9.450   1.00 70.29  ? 43  A   D N9    1 
ATOM   1051 C  C8    . A   D 4 13 ? 4.371   7.061   8.130   1.00 71.84  ? 43  A   D C8    1 
ATOM   1052 N  N7    . A   D 4 13 ? 5.448   6.910   7.403   1.00 70.47  ? 43  A   D N7    1 
ATOM   1053 C  C5    . A   D 4 13 ? 6.403   6.478   8.302   1.00 69.88  ? 43  A   D C5    1 
ATOM   1054 C  C6    . A   D 4 13 ? 7.762   6.154   8.154   1.00 69.40  ? 43  A   D C6    1 
ATOM   1055 N  N6    . A   D 4 13 ? 8.410   6.192   6.986   1.00 69.03  ? 43  A   D N6    1 
ATOM   1056 N  N1    . A   D 4 13 ? 8.445   5.789   9.252   1.00 70.49  ? 43  A   D N1    1 
ATOM   1057 C  C2    . A   D 4 13 ? 7.793   5.756   10.420  1.00 71.44  ? 43  A   D C2    1 
ATOM   1058 N  N3    . A   D 4 13 ? 6.515   6.032   10.691  1.00 73.70  ? 43  A   D N3    1 
ATOM   1059 C  C4    . A   D 4 13 ? 5.863   6.391   9.574   1.00 72.38  ? 43  A   D C4    1 
ATOM   1060 P  P     . C   D 4 14 ? 3.663   11.280  12.441  1.00 76.87  ? 44  C   D P     1 
ATOM   1061 O  OP1   . C   D 4 14 ? 3.365   11.748  13.795  1.00 77.22  ? 44  C   D OP1   1 
ATOM   1062 O  OP2   . C   D 4 14 ? 3.326   12.144  11.283  1.00 68.66  ? 44  C   D OP2   1 
ATOM   1063 O  "O5'" . C   D 4 14 ? 5.214   10.910  12.369  1.00 74.70  ? 44  C   D "O5'" 1 
ATOM   1064 C  "C5'" . C   D 4 14 ? 5.901   10.331  13.481  1.00 77.05  ? 44  C   D "C5'" 1 
ATOM   1065 C  "C4'" . C   D 4 14 ? 7.360   10.112  13.131  1.00 79.58  ? 44  C   D "C4'" 1 
ATOM   1066 O  "O4'" . C   D 4 14 ? 7.475   9.045   12.160  1.00 78.65  ? 44  C   D "O4'" 1 
ATOM   1067 C  "C3'" . C   D 4 14 ? 8.075   11.285  12.482  1.00 79.40  ? 44  C   D "C3'" 1 
ATOM   1068 O  "O3'" . C   D 4 14 ? 8.571   12.149  13.475  1.00 82.70  ? 44  C   D "O3'" 1 
ATOM   1069 C  "C2'" . C   D 4 14 ? 9.215   10.609  11.733  1.00 78.80  ? 44  C   D "C2'" 1 
ATOM   1070 O  "O2'" . C   D 4 14 ? 10.336  10.279  12.544  1.00 81.38  ? 44  C   D "O2'" 1 
ATOM   1071 C  "C1'" . C   D 4 14 ? 8.517   9.343   11.245  1.00 77.50  ? 44  C   D "C1'" 1 
ATOM   1072 N  N1    . C   D 4 14 ? 7.912   9.524   9.924   1.00 76.29  ? 44  C   D N1    1 
ATOM   1073 C  C2    . C   D 4 14 ? 8.730   9.423   8.804   1.00 76.74  ? 44  C   D C2    1 
ATOM   1074 O  O2    . C   D 4 14 ? 9.954   9.217   8.965   1.00 79.77  ? 44  C   D O2    1 
ATOM   1075 N  N3    . C   D 4 14 ? 8.179   9.550   7.577   1.00 74.62  ? 44  C   D N3    1 
ATOM   1076 C  C4    . C   D 4 14 ? 6.866   9.780   7.455   1.00 74.97  ? 44  C   D C4    1 
ATOM   1077 N  N4    . C   D 4 14 ? 6.361   9.886   6.231   1.00 73.03  ? 44  C   D N4    1 
ATOM   1078 C  C5    . C   D 4 14 ? 6.011   9.908   8.578   1.00 74.36  ? 44  C   D C5    1 
ATOM   1079 C  C6    . C   D 4 14 ? 6.571   9.778   9.783   1.00 75.35  ? 44  C   D C6    1 
ATOM   1080 P  P     . C   D 4 15 ? 8.649   13.726  13.192  1.00 84.80  ? 45  C   D P     1 
ATOM   1081 O  OP1   . C   D 4 15 ? 9.079   14.295  14.500  1.00 89.54  ? 45  C   D OP1   1 
ATOM   1082 O  OP2   . C   D 4 15 ? 7.385   14.207  12.561  1.00 81.87  ? 45  C   D OP2   1 
ATOM   1083 O  "O5'" . C   D 4 15 ? 9.817   13.871  12.112  1.00 84.97  ? 45  C   D "O5'" 1 
ATOM   1084 C  "C5'" . C   D 4 15 ? 11.154  13.498  12.430  1.00 80.05  ? 45  C   D "C5'" 1 
ATOM   1085 C  "C4'" . C   D 4 15 ? 12.059  13.690  11.239  1.00 81.92  ? 45  C   D "C4'" 1 
ATOM   1086 O  "O4'" . C   D 4 15 ? 11.749  12.701  10.226  1.00 81.48  ? 45  C   D "O4'" 1 
ATOM   1087 C  "C3'" . C   D 4 15 ? 11.894  15.015  10.515  1.00 84.05  ? 45  C   D "C3'" 1 
ATOM   1088 O  "O3'" . C   D 4 15 ? 12.634  16.049  11.142  1.00 87.70  ? 45  C   D "O3'" 1 
ATOM   1089 C  "C2'" . C   D 4 15 ? 12.428  14.702  9.124   1.00 82.26  ? 45  C   D "C2'" 1 
ATOM   1090 O  "O2'" . C   D 4 15 ? 13.830  14.787  9.001   1.00 84.43  ? 45  C   D "O2'" 1 
ATOM   1091 C  "C1'" . C   D 4 15 ? 11.958  13.261  8.940   1.00 80.79  ? 45  C   D "C1'" 1 
ATOM   1092 N  N1    . C   D 4 15 ? 10.712  13.190  8.181   1.00 78.28  ? 45  C   D N1    1 
ATOM   1093 C  C2    . C   D 4 15 ? 10.784  13.264  6.789   1.00 78.26  ? 45  C   D C2    1 
ATOM   1094 O  O2    . C   D 4 15 ? 11.908  13.380  6.258   1.00 80.17  ? 45  C   D O2    1 
ATOM   1095 N  N3    . C   D 4 15 ? 9.637   13.207  6.054   1.00 78.51  ? 45  C   D N3    1 
ATOM   1096 C  C4    . C   D 4 15 ? 8.458   13.090  6.679   1.00 77.70  ? 45  C   D C4    1 
ATOM   1097 N  N4    . C   D 4 15 ? 7.343   13.037  5.921   1.00 75.02  ? 45  C   D N4    1 
ATOM   1098 C  C5    . C   D 4 15 ? 8.357   13.016  8.104   1.00 76.42  ? 45  C   D C5    1 
ATOM   1099 C  C6    . C   D 4 15 ? 9.503   13.068  8.809   1.00 79.39  ? 45  C   D C6    1 
ATOM   1100 P  P     . U   D 4 16 ? 12.215  17.578  10.900  1.00 88.13  ? 46  U   D P     1 
ATOM   1101 O  OP1   . U   D 4 16 ? 13.097  18.413  11.763  1.00 92.00  ? 46  U   D OP1   1 
ATOM   1102 O  OP2   . U   D 4 16 ? 10.728  17.707  10.996  1.00 84.62  ? 46  U   D OP2   1 
ATOM   1103 O  "O5'" . U   D 4 16 ? 12.659  17.850  9.403   1.00 80.94  ? 46  U   D "O5'" 1 
ATOM   1104 C  "C5'" . U   D 4 16 ? 14.027  17.935  9.104   1.00 78.30  ? 46  U   D "C5'" 1 
ATOM   1105 C  "C4'" . U   D 4 16 ? 14.228  18.150  7.638   1.00 81.53  ? 46  U   D "C4'" 1 
ATOM   1106 O  "O4'" . U   D 4 16 ? 13.626  17.041  6.928   1.00 82.31  ? 46  U   D "O4'" 1 
ATOM   1107 C  "C3'" . U   D 4 16 ? 13.526  19.368  7.060   1.00 84.83  ? 46  U   D "C3'" 1 
ATOM   1108 O  "O3'" . U   D 4 16 ? 14.267  20.561  7.250   1.00 87.92  ? 46  U   D "O3'" 1 
ATOM   1109 C  "C2'" . U   D 4 16 ? 13.429  18.996  5.591   1.00 84.40  ? 46  U   D "C2'" 1 
ATOM   1110 O  "O2'" . U   D 4 16 ? 14.651  19.164  4.892   1.00 85.74  ? 46  U   D "O2'" 1 
ATOM   1111 C  "C1'" . U   D 4 16 ? 13.109  17.512  5.694   1.00 83.80  ? 46  U   D "C1'" 1 
ATOM   1112 N  N1    . U   D 4 16 ? 11.655  17.289  5.650   1.00 80.67  ? 46  U   D N1    1 
ATOM   1113 C  C2    . U   D 4 16 ? 11.078  17.326  4.403   1.00 80.68  ? 46  U   D C2    1 
ATOM   1114 O  O2    . U   D 4 16 ? 11.716  17.530  3.382   1.00 80.16  ? 46  U   D O2    1 
ATOM   1115 N  N3    . U   D 4 16 ? 9.728   17.104  4.385   1.00 80.50  ? 46  U   D N3    1 
ATOM   1116 C  C4    . U   D 4 16 ? 8.922   16.852  5.470   1.00 80.04  ? 46  U   D C4    1 
ATOM   1117 O  O4    . U   D 4 16 ? 7.723   16.627  5.296   1.00 80.83  ? 46  U   D O4    1 
ATOM   1118 C  C5    . U   D 4 16 ? 9.598   16.844  6.727   1.00 79.84  ? 46  U   D C5    1 
ATOM   1119 C  C6    . U   D 4 16 ? 10.912  17.064  6.774   1.00 80.38  ? 46  U   D C6    1 
ATOM   1120 P  P     . G   D 4 17 ? 13.510  21.986  7.271   1.00 89.30  ? 47  G   D P     1 
ATOM   1121 O  OP1   . G   D 4 17 ? 14.514  22.984  7.714   1.00 93.42  ? 47  G   D OP1   1 
ATOM   1122 O  OP2   . G   D 4 17 ? 12.211  21.882  7.984   1.00 82.64  ? 47  G   D OP2   1 
ATOM   1123 O  "O5'" . G   D 4 17 ? 13.227  22.293  5.740   1.00 83.61  ? 47  G   D "O5'" 1 
ATOM   1124 C  "C5'" . G   D 4 17 ? 14.314  22.496  4.848   1.00 81.83  ? 47  G   D "C5'" 1 
ATOM   1125 C  "C4'" . G   D 4 17 ? 13.807  22.675  3.455   1.00 83.24  ? 47  G   D "C4'" 1 
ATOM   1126 O  "O4'" . G   D 4 17 ? 13.150  21.456  3.055   1.00 83.28  ? 47  G   D "O4'" 1 
ATOM   1127 C  "C3'" . G   D 4 17 ? 12.735  23.733  3.318   1.00 82.51  ? 47  G   D "C3'" 1 
ATOM   1128 O  "O3'" . G   D 4 17 ? 13.334  25.000  3.225   1.00 81.63  ? 47  G   D "O3'" 1 
ATOM   1129 C  "C2'" . G   D 4 17 ? 12.018  23.291  2.054   1.00 83.05  ? 47  G   D "C2'" 1 
ATOM   1130 O  "O2'" . G   D 4 17 ? 12.710  23.618  0.866   1.00 82.26  ? 47  G   D "O2'" 1 
ATOM   1131 C  "C1'" . G   D 4 17 ? 12.035  21.777  2.243   1.00 80.35  ? 47  G   D "C1'" 1 
ATOM   1132 N  N9    . G   D 4 17 ? 10.818  21.309  2.904   1.00 76.64  ? 47  G   D N9    1 
ATOM   1133 C  C8    . G   D 4 17 ? 10.646  20.929  4.223   1.00 75.85  ? 47  G   D C8    1 
ATOM   1134 N  N7    . G   D 4 17 ? 9.427   20.530  4.485   1.00 74.95  ? 47  G   D N7    1 
ATOM   1135 C  C5    . G   D 4 17 ? 8.753   20.676  3.269   1.00 73.56  ? 47  G   D C5    1 
ATOM   1136 C  C6    . G   D 4 17 ? 7.396   20.401  2.926   1.00 74.95  ? 47  G   D C6    1 
ATOM   1137 O  O6    . G   D 4 17 ? 6.493   19.954  3.641   1.00 76.92  ? 47  G   D O6    1 
ATOM   1138 N  N1    . G   D 4 17 ? 7.136   20.699  1.586   1.00 72.95  ? 47  G   D N1    1 
ATOM   1139 C  C2    . G   D 4 17 ? 8.058   21.190  0.687   1.00 74.10  ? 47  G   D C2    1 
ATOM   1140 N  N2    . G   D 4 17 ? 7.620   21.437  -0.554  1.00 73.31  ? 47  G   D N2    1 
ATOM   1141 N  N3    . G   D 4 17 ? 9.324   21.428  0.986   1.00 70.68  ? 47  G   D N3    1 
ATOM   1142 C  C4    . G   D 4 17 ? 9.595   21.157  2.290   1.00 72.31  ? 47  G   D C4    1 
ATOM   1143 P  P     . C   D 4 18 ? 12.493  26.297  3.620   1.00 81.06  ? 48  C   D P     1 
ATOM   1144 O  OP1   . C   D 4 18 ? 13.420  27.413  3.315   1.00 86.96  ? 48  C   D OP1   1 
ATOM   1145 O  OP2   . C   D 4 18 ? 11.897  26.174  4.977   1.00 75.62  ? 48  C   D OP2   1 
ATOM   1146 O  "O5'" . C   D 4 18 ? 11.344  26.315  2.526   1.00 76.29  ? 48  C   D "O5'" 1 
ATOM   1147 C  "C5'" . C   D 4 18 ? 11.696  26.517  1.167   1.00 73.88  ? 48  C   D "C5'" 1 
ATOM   1148 C  "C4'" . C   D 4 18 ? 10.477  26.596  0.295   1.00 76.74  ? 48  C   D "C4'" 1 
ATOM   1149 O  "O4'" . C   D 4 18 ? 9.874   25.284  0.202   1.00 80.76  ? 48  C   D "O4'" 1 
ATOM   1150 C  "C3'" . C   D 4 18 ? 9.353   27.489  0.795   1.00 78.04  ? 48  C   D "C3'" 1 
ATOM   1151 O  "O3'" . C   D 4 18 ? 9.555   28.845  0.442   1.00 74.11  ? 48  C   D "O3'" 1 
ATOM   1152 C  "C2'" . C   D 4 18 ? 8.154   26.913  0.062   1.00 75.10  ? 48  C   D "C2'" 1 
ATOM   1153 O  "O2'" . C   D 4 18 ? 8.097   27.296  -1.295  1.00 72.42  ? 48  C   D "O2'" 1 
ATOM   1154 C  "C1'" . C   D 4 18 ? 8.465   25.423  0.132   1.00 75.11  ? 48  C   D "C1'" 1 
ATOM   1155 N  N1    . C   D 4 18 ? 7.865   24.831  1.345   1.00 75.09  ? 48  C   D N1    1 
ATOM   1156 C  C2    . C   D 4 18 ? 6.508   24.501  1.304   1.00 73.05  ? 48  C   D C2    1 
ATOM   1157 O  O2    . C   D 4 18 ? 5.872   24.736  0.269   1.00 69.13  ? 48  C   D O2    1 
ATOM   1158 N  N3    . C   D 4 18 ? 5.931   23.931  2.396   1.00 72.42  ? 48  C   D N3    1 
ATOM   1159 C  C4    . C   D 4 18 ? 6.661   23.697  3.495   1.00 74.05  ? 48  C   D C4    1 
ATOM   1160 N  N4    . C   D 4 18 ? 6.074   23.114  4.539   1.00 73.44  ? 48  C   D N4    1 
ATOM   1161 C  C5    . C   D 4 18 ? 8.047   24.047  3.561   1.00 74.24  ? 48  C   D C5    1 
ATOM   1162 C  C6    . C   D 4 18 ? 8.604   24.608  2.474   1.00 72.52  ? 48  C   D C6    1 
ATOM   1163 P  P     . C   D 4 19 ? 8.962   30.009  1.379   1.00 80.58  ? 49  C   D P     1 
ATOM   1164 O  OP1   . C   D 4 19 ? 9.498   31.302  0.864   1.00 85.06  ? 49  C   D OP1   1 
ATOM   1165 O  OP2   . C   D 4 19 ? 9.164   29.650  2.807   1.00 73.58  ? 49  C   D OP2   1 
ATOM   1166 O  "O5'" . C   D 4 19 ? 7.394   29.957  1.103   1.00 76.71  ? 49  C   D "O5'" 1 
ATOM   1167 C  "C5'" . C   D 4 19 ? 6.883   30.150  -0.206  1.00 73.95  ? 49  C   D "C5'" 1 
ATOM   1168 C  "C4'" . C   D 4 19 ? 5.398   29.843  -0.250  1.00 76.37  ? 49  C   D "C4'" 1 
ATOM   1169 O  "O4'" . C   D 4 19 ? 5.205   28.421  -0.019  1.00 76.82  ? 49  C   D "O4'" 1 
ATOM   1170 C  "C3'" . C   D 4 19 ? 4.532   30.503  0.817   1.00 73.08  ? 49  C   D "C3'" 1 
ATOM   1171 O  "O3'" . C   D 4 19 ? 4.214   31.886  0.653   1.00 74.40  ? 49  C   D "O3'" 1 
ATOM   1172 C  "C2'" . C   D 4 19 ? 3.330   29.582  0.850   1.00 70.21  ? 49  C   D "C2'" 1 
ATOM   1173 O  "O2'" . C   D 4 19 ? 2.582   29.775  -0.324  1.00 63.08  ? 49  C   D "O2'" 1 
ATOM   1174 C  "C1'" . C   D 4 19 ? 3.998   28.224  0.697   1.00 67.45  ? 49  C   D "C1'" 1 
ATOM   1175 N  N1    . C   D 4 19 ? 4.298   27.602  1.988   1.00 71.04  ? 49  C   D N1    1 
ATOM   1176 C  C2    . C   D 4 19 ? 3.376   26.703  2.518   1.00 69.59  ? 49  C   D C2    1 
ATOM   1177 O  O2    . C   D 4 19 ? 2.360   26.451  1.862   1.00 69.18  ? 49  C   D O2    1 
ATOM   1178 N  N3    . C   D 4 19 ? 3.626   26.121  3.701   1.00 70.95  ? 49  C   D N3    1 
ATOM   1179 C  C4    . C   D 4 19 ? 4.742   26.413  4.367   1.00 72.08  ? 49  C   D C4    1 
ATOM   1180 N  N4    . C   D 4 19 ? 4.957   25.808  5.522   1.00 70.73  ? 49  C   D N4    1 
ATOM   1181 C  C5    . C   D 4 19 ? 5.697   27.337  3.858   1.00 71.05  ? 49  C   D C5    1 
ATOM   1182 C  C6    . C   D 4 19 ? 5.431   27.906  2.680   1.00 71.18  ? 49  C   D C6    1 
ATOM   1183 O  "O5'" . G   E 5 1  ? -1.624  -3.938  -4.296  1.00 87.12  ? 6   G   P "O5'" 1 
ATOM   1184 C  "C5'" . G   E 5 1  ? -1.518  -5.300  -3.952  1.00 78.25  ? 6   G   P "C5'" 1 
ATOM   1185 C  "C4'" . G   E 5 1  ? -0.510  -6.114  -4.726  1.00 72.60  ? 6   G   P "C4'" 1 
ATOM   1186 O  "O4'" . G   E 5 1  ? 0.829   -5.851  -4.226  1.00 66.11  ? 6   G   P "O4'" 1 
ATOM   1187 C  "C3'" . G   E 5 1  ? -0.796  -7.578  -4.425  1.00 72.84  ? 6   G   P "C3'" 1 
ATOM   1188 O  "O3'" . G   E 5 1  ? -0.701  -8.406  -5.575  1.00 76.13  ? 6   G   P "O3'" 1 
ATOM   1189 C  "C2'" . G   E 5 1  ? 0.182   -7.972  -3.326  1.00 68.86  ? 6   G   P "C2'" 1 
ATOM   1190 O  "O2'" . G   E 5 1  ? 0.668   -9.298  -3.448  1.00 77.55  ? 6   G   P "O2'" 1 
ATOM   1191 C  "C1'" . G   E 5 1  ? 1.327   -6.997  -3.590  1.00 65.86  ? 6   G   P "C1'" 1 
ATOM   1192 N  N9    . G   E 5 1  ? 2.194   -6.635  -2.480  1.00 61.77  ? 6   G   P N9    1 
ATOM   1193 C  C8    . G   E 5 1  ? 3.560   -6.511  -2.526  1.00 61.75  ? 6   G   P C8    1 
ATOM   1194 N  N7    . G   E 5 1  ? 4.094   -6.302  -1.353  1.00 59.25  ? 6   G   P N7    1 
ATOM   1195 C  C5    . G   E 5 1  ? 3.007   -6.246  -0.491  1.00 58.52  ? 6   G   P C5    1 
ATOM   1196 C  C6    . G   E 5 1  ? 2.949   -6.050  0.915   1.00 58.76  ? 6   G   P C6    1 
ATOM   1197 O  O6    . G   E 5 1  ? 3.871   -5.929  1.706   1.00 59.65  ? 6   G   P O6    1 
ATOM   1198 N  N1    . G   E 5 1  ? 1.645   -6.031  1.382   1.00 58.10  ? 6   G   P N1    1 
ATOM   1199 C  C2    . G   E 5 1  ? 0.536   -6.205  0.603   1.00 59.28  ? 6   G   P C2    1 
ATOM   1200 N  N2    . G   E 5 1  ? -0.644  -6.128  1.226   1.00 58.92  ? 6   G   P N2    1 
ATOM   1201 N  N3    . G   E 5 1  ? 0.571   -6.433  -0.699  1.00 59.22  ? 6   G   P N3    1 
ATOM   1202 C  C4    . G   E 5 1  ? 1.828   -6.425  -1.174  1.00 59.97  ? 6   G   P C4    1 
ATOM   1203 P  P     . U   E 5 2  ? -2.013  -8.836  -6.386  1.00 78.68  ? 7   U   P P     1 
ATOM   1204 O  OP1   . U   E 5 2  ? -1.565  -9.723  -7.485  1.00 81.54  ? 7   U   P OP1   1 
ATOM   1205 O  OP2   . U   E 5 2  ? -2.763  -7.600  -6.718  1.00 82.45  ? 7   U   P OP2   1 
ATOM   1206 O  "O5'" . U   E 5 2  ? -2.816  -9.745  -5.353  1.00 79.46  ? 7   U   P "O5'" 1 
ATOM   1207 C  "C5'" . U   E 5 2  ? -2.290  -11.012 -4.955  1.00 82.86  ? 7   U   P "C5'" 1 
ATOM   1208 C  "C4'" . U   E 5 2  ? -3.291  -11.764 -4.115  1.00 85.77  ? 7   U   P "C4'" 1 
ATOM   1209 O  "O4'" . U   E 5 2  ? -3.520  -11.029 -2.887  1.00 90.03  ? 7   U   P "O4'" 1 
ATOM   1210 C  "C3'" . U   E 5 2  ? -4.671  -11.914 -4.726  1.00 85.97  ? 7   U   P "C3'" 1 
ATOM   1211 O  "O3'" . U   E 5 2  ? -4.710  -13.034 -5.598  1.00 87.13  ? 7   U   P "O3'" 1 
ATOM   1212 C  "C2'" . U   E 5 2  ? -5.544  -12.122 -3.497  1.00 88.98  ? 7   U   P "C2'" 1 
ATOM   1213 O  "O2'" . U   E 5 2  ? -5.510  -13.455 -3.019  1.00 94.35  ? 7   U   P "O2'" 1 
ATOM   1214 C  "C1'" . U   E 5 2  ? -4.876  -11.177 -2.492  1.00 89.46  ? 7   U   P "C1'" 1 
ATOM   1215 N  N1    . U   E 5 2  ? -5.513  -9.851  -2.456  1.00 88.93  ? 7   U   P N1    1 
ATOM   1216 C  C2    . U   E 5 2  ? -6.683  -9.720  -1.705  1.00 88.98  ? 7   U   P C2    1 
ATOM   1217 O  O2    . U   E 5 2  ? -7.166  -10.641 -1.052  1.00 87.28  ? 7   U   P O2    1 
ATOM   1218 N  N3    . U   E 5 2  ? -7.261  -8.468  -1.742  1.00 89.79  ? 7   U   P N3    1 
ATOM   1219 C  C4    . U   E 5 2  ? -6.795  -7.349  -2.427  1.00 90.26  ? 7   U   P C4    1 
ATOM   1220 O  O4    . U   E 5 2  ? -7.463  -6.304  -2.415  1.00 92.32  ? 7   U   P O4    1 
ATOM   1221 C  C5    . U   E 5 2  ? -5.570  -7.559  -3.155  1.00 89.65  ? 7   U   P C5    1 
ATOM   1222 C  C6    . U   E 5 2  ? -4.987  -8.772  -3.149  1.00 89.26  ? 7   U   P C6    1 
ATOM   1223 P  P     . C   E 5 3  ? -5.708  -13.028 -6.854  1.00 90.50  ? 8   C   P P     1 
ATOM   1224 O  OP1   . C   E 5 3  ? -5.702  -14.394 -7.417  1.00 90.19  ? 8   C   P OP1   1 
ATOM   1225 O  OP2   . C   E 5 3  ? -5.369  -11.879 -7.724  1.00 85.03  ? 8   C   P OP2   1 
ATOM   1226 O  "O5'" . C   E 5 3  ? -7.130  -12.751 -6.191  1.00 88.58  ? 8   C   P "O5'" 1 
ATOM   1227 C  "C5'" . C   E 5 3  ? -7.745  -13.724 -5.348  1.00 89.98  ? 8   C   P "C5'" 1 
ATOM   1228 C  "C4'" . C   E 5 3  ? -9.126  -13.269 -4.938  1.00 93.99  ? 8   C   P "C4'" 1 
ATOM   1229 O  "O4'" . C   E 5 3  ? -9.014  -12.178 -3.987  1.00 95.52  ? 8   C   P "O4'" 1 
ATOM   1230 C  "C3'" . C   E 5 3  ? -9.983  -12.698 -6.055  1.00 96.09  ? 8   C   P "C3'" 1 
ATOM   1231 O  "O3'" . C   E 5 3  ? -10.610 -13.719 -6.814  1.00 96.17  ? 8   C   P "O3'" 1 
ATOM   1232 C  "C2'" . C   E 5 3  ? -10.968 -11.834 -5.282  1.00 96.01  ? 8   C   P "C2'" 1 
ATOM   1233 O  "O2'" . C   E 5 3  ? -11.986 -12.598 -4.671  1.00 95.39  ? 8   C   P "O2'" 1 
ATOM   1234 C  "C1'" . C   E 5 3  ? -10.061 -11.243 -4.199  1.00 95.35  ? 8   C   P "C1'" 1 
ATOM   1235 N  N1    . C   E 5 3  ? -9.467  -9.954  -4.616  1.00 94.05  ? 8   C   P N1    1 
ATOM   1236 C  C2    . C   E 5 3  ? -10.130 -8.753  -4.282  1.00 95.39  ? 8   C   P C2    1 
ATOM   1237 O  O2    . C   E 5 3  ? -11.194 -8.802  -3.650  1.00 97.32  ? 8   C   P O2    1 
ATOM   1238 N  N3    . C   E 5 3  ? -9.597  -7.575  -4.675  1.00 95.51  ? 8   C   P N3    1 
ATOM   1239 C  C4    . C   E 5 3  ? -8.442  -7.552  -5.347  1.00 94.60  ? 8   C   P C4    1 
ATOM   1240 N  N4    . C   E 5 3  ? -7.948  -6.362  -5.702  1.00 92.87  ? 8   C   P N4    1 
ATOM   1241 C  C5    . C   E 5 3  ? -7.746  -8.752  -5.693  1.00 93.08  ? 8   C   P C5    1 
ATOM   1242 C  C6    . C   E 5 3  ? -8.285  -9.918  -5.304  1.00 92.12  ? 8   C   P C6    1 
ATOM   1243 P  P     . C   E 5 4  ? -10.991 -13.447 -8.351  1.00 100.40 ? 9   C   P P     1 
ATOM   1244 O  OP1   . C   E 5 4  ? -11.603 -14.704 -8.860  1.00 104.19 ? 9   C   P OP1   1 
ATOM   1245 O  OP2   . C   E 5 4  ? -9.819  -12.853 -9.057  1.00 97.99  ? 9   C   P OP2   1 
ATOM   1246 O  "O5'" . C   E 5 4  ? -12.126 -12.335 -8.260  1.00 101.65 ? 9   C   P "O5'" 1 
ATOM   1247 C  "C5'" . C   E 5 4  ? -13.295 -12.565 -7.481  1.00 104.85 ? 9   C   P "C5'" 1 
ATOM   1248 C  "C4'" . C   E 5 4  ? -14.207 -11.365 -7.514  1.00 108.18 ? 9   C   P "C4'" 1 
ATOM   1249 O  "O4'" . C   E 5 4  ? -13.629 -10.295 -6.722  1.00 107.81 ? 9   C   P "O4'" 1 
ATOM   1250 C  "C3'" . C   E 5 4  ? -14.408 -10.734 -8.882  1.00 111.32 ? 9   C   P "C3'" 1 
ATOM   1251 O  "O3'" . C   E 5 4  ? -15.394 -11.398 -9.655  1.00 113.33 ? 9   C   P "O3'" 1 
ATOM   1252 C  "C2'" . C   E 5 4  ? -14.835 -9.321  -8.517  1.00 111.18 ? 9   C   P "C2'" 1 
ATOM   1253 O  "O2'" . C   E 5 4  ? -16.196 -9.216  -8.132  1.00 114.74 ? 9   C   P "O2'" 1 
ATOM   1254 C  "C1'" . C   E 5 4  ? -13.936 -9.042  -7.315  1.00 108.23 ? 9   C   P "C1'" 1 
ATOM   1255 N  N1    . C   E 5 4  ? -12.689 -8.386  -7.730  1.00 106.54 ? 9   C   P N1    1 
ATOM   1256 C  C2    . C   E 5 4  ? -12.666 -6.993  -7.815  1.00 105.54 ? 9   C   P C2    1 
ATOM   1257 O  O2    . C   E 5 4  ? -13.699 -6.364  -7.525  1.00 107.80 ? 9   C   P O2    1 
ATOM   1258 N  N3    . C   E 5 4  ? -11.537 -6.369  -8.207  1.00 102.98 ? 9   C   P N3    1 
ATOM   1259 C  C4    . C   E 5 4  ? -10.452 -7.082  -8.507  1.00 101.65 ? 9   C   P C4    1 
ATOM   1260 N  N4    . C   E 5 4  ? -9.359  -6.424  -8.880  1.00 98.99  ? 9   C   P N4    1 
ATOM   1261 C  C5    . C   E 5 4  ? -10.441 -8.502  -8.433  1.00 102.47 ? 9   C   P C5    1 
ATOM   1262 C  C6    . C   E 5 4  ? -11.566 -9.108  -8.040  1.00 105.35 ? 9   C   P C6    1 
ATOM   1263 P  P     . A   E 5 5  ? -15.387 -11.242 -11.259 1.00 116.57 ? 10  A   P P     1 
ATOM   1264 O  OP1   . A   E 5 5  ? -16.473 -12.115 -11.767 1.00 117.10 ? 10  A   P OP1   1 
ATOM   1265 O  OP2   . A   E 5 5  ? -13.998 -11.423 -11.768 1.00 111.27 ? 10  A   P OP2   1 
ATOM   1266 O  "O5'" . A   E 5 5  ? -15.803 -9.725  -11.524 1.00 118.08 ? 10  A   P "O5'" 1 
ATOM   1267 C  "C5'" . A   E 5 5  ? -17.145 -9.279  -11.348 1.00 123.31 ? 10  A   P "C5'" 1 
ATOM   1268 C  "C4'" . A   E 5 5  ? -17.295 -7.850  -11.837 1.00 125.24 ? 10  A   P "C4'" 1 
ATOM   1269 O  "O4'" . A   E 5 5  ? -16.498 -6.962  -10.997 1.00 125.04 ? 10  A   P "O4'" 1 
ATOM   1270 C  "C3'" . A   E 5 5  ? -16.805 -7.567  -13.255 1.00 127.67 ? 10  A   P "C3'" 1 
ATOM   1271 O  "O3'" . A   E 5 5  ? -17.796 -7.866  -14.242 1.00 128.98 ? 10  A   P "O3'" 1 
ATOM   1272 C  "C2'" . A   E 5 5  ? -16.525 -6.068  -13.204 1.00 126.85 ? 10  A   P "C2'" 1 
ATOM   1273 O  "O2'" . A   E 5 5  ? -17.692 -5.285  -13.392 1.00 127.02 ? 10  A   P "O2'" 1 
ATOM   1274 C  "C1'" . A   E 5 5  ? -15.966 -5.903  -11.786 1.00 125.79 ? 10  A   P "C1'" 1 
ATOM   1275 N  N9    . A   E 5 5  ? -14.502 -5.977  -11.750 1.00 124.64 ? 10  A   P N9    1 
ATOM   1276 C  C8    . A   E 5 5  ? -13.718 -7.070  -11.457 1.00 124.06 ? 10  A   P C8    1 
ATOM   1277 N  N7    . A   E 5 5  ? -12.431 -6.831  -11.535 1.00 123.40 ? 10  A   P N7    1 
ATOM   1278 C  C5    . A   E 5 5  ? -12.360 -5.494  -11.902 1.00 123.50 ? 10  A   P C5    1 
ATOM   1279 C  C6    . A   E 5 5  ? -11.277 -4.637  -12.157 1.00 123.41 ? 10  A   P C6    1 
ATOM   1280 N  N6    . A   E 5 5  ? -10.001 -5.023  -12.095 1.00 123.13 ? 10  A   P N6    1 
ATOM   1281 N  N1    . A   E 5 5  ? -11.548 -3.356  -12.491 1.00 123.78 ? 10  A   P N1    1 
ATOM   1282 C  C2    . A   E 5 5  ? -12.826 -2.973  -12.565 1.00 124.85 ? 10  A   P C2    1 
ATOM   1283 N  N3    . A   E 5 5  ? -13.931 -3.682  -12.356 1.00 124.95 ? 10  A   P N3    1 
ATOM   1284 C  C4    . A   E 5 5  ? -13.628 -4.951  -12.026 1.00 124.22 ? 10  A   P C4    1 
ATOM   1285 P  P     . C   E 5 6  ? -17.346 -8.250  -15.737 1.00 131.03 ? 11  C   P P     1 
ATOM   1286 O  OP1   . C   E 5 6  ? -18.535 -8.809  -16.437 1.00 133.21 ? 11  C   P OP1   1 
ATOM   1287 O  OP2   . C   E 5 6  ? -16.113 -9.069  -15.608 1.00 129.57 ? 11  C   P OP2   1 
ATOM   1288 O  "O5'" . C   E 5 6  ? -16.954 -6.861  -16.417 1.00 130.94 ? 11  C   P "O5'" 1 
ATOM   1289 C  "C5'" . C   E 5 6  ? -17.964 -5.954  -16.843 1.00 131.23 ? 11  C   P "C5'" 1 
ATOM   1290 C  "C4'" . C   E 5 6  ? -17.368 -4.599  -17.159 1.00 132.59 ? 11  C   P "C4'" 1 
ATOM   1291 O  "O4'" . C   E 5 6  ? -16.625 -4.129  -15.997 1.00 131.83 ? 11  C   P "O4'" 1 
ATOM   1292 C  "C3'" . C   E 5 6  ? -16.322 -4.567  -18.260 1.00 133.40 ? 11  C   P "C3'" 1 
ATOM   1293 O  "O3'" . C   E 5 6  ? -16.838 -4.533  -19.571 1.00 133.98 ? 11  C   P "O3'" 1 
ATOM   1294 C  "C2'" . C   E 5 6  ? -15.541 -3.307  -17.941 1.00 133.20 ? 11  C   P "C2'" 1 
ATOM   1295 O  "O2'" . C   E 5 6  ? -16.199 -2.130  -18.364 1.00 134.46 ? 11  C   P "O2'" 1 
ATOM   1296 C  "C1'" . C   E 5 6  ? -15.483 -3.388  -16.420 1.00 130.94 ? 11  C   P "C1'" 1 
ATOM   1297 N  N1    . C   E 5 6  ? -14.262 -4.127  -16.047 1.00 128.73 ? 11  C   P N1    1 
ATOM   1298 C  C2    . C   E 5 6  ? -13.027 -3.489  -16.219 1.00 128.14 ? 11  C   P C2    1 
ATOM   1299 O  O2    . C   E 5 6  ? -13.004 -2.311  -16.619 1.00 127.22 ? 11  C   P O2    1 
ATOM   1300 N  N3    . C   E 5 6  ? -11.890 -4.172  -15.943 1.00 127.60 ? 11  C   P N3    1 
ATOM   1301 C  C4    . C   E 5 6  ? -11.956 -5.432  -15.509 1.00 127.55 ? 11  C   P C4    1 
ATOM   1302 N  N4    . C   E 5 6  ? -10.812 -6.071  -15.280 1.00 127.78 ? 11  C   P N4    1 
ATOM   1303 C  C5    . C   E 5 6  ? -13.201 -6.092  -15.298 1.00 127.41 ? 11  C   P C5    1 
ATOM   1304 C  C6    . C   E 5 6  ? -14.321 -5.408  -15.575 1.00 127.72 ? 11  C   P C6    1 
ATOM   1305 P  P     . C   E 5 7  ? -16.077 -5.357  -20.709 1.00 135.11 ? 12  C   P P     1 
ATOM   1306 O  OP1   . C   E 5 7  ? -17.085 -6.015  -21.564 1.00 134.53 ? 12  C   P OP1   1 
ATOM   1307 O  OP2   . C   E 5 7  ? -15.065 -6.177  -20.006 1.00 134.73 ? 12  C   P OP2   1 
ATOM   1308 O  "O5'" . C   E 5 7  ? -15.251 -4.281  -21.542 1.00 131.41 ? 12  C   P "O5'" 1 
ATOM   1309 C  "C5'" . C   E 5 7  ? -15.470 -2.893  -21.368 1.00 128.65 ? 12  C   P "C5'" 1 
ATOM   1310 C  "C4'" . C   E 5 7  ? -14.185 -2.117  -21.581 1.00 128.56 ? 12  C   P "C4'" 1 
ATOM   1311 O  "O4'" . C   E 5 7  ? -13.444 -2.044  -20.329 1.00 127.59 ? 12  C   P "O4'" 1 
ATOM   1312 C  "C3'" . C   E 5 7  ? -13.173 -2.740  -22.534 1.00 129.10 ? 12  C   P "C3'" 1 
ATOM   1313 O  "O3'" . C   E 5 7  ? -13.402 -2.533  -23.913 1.00 130.01 ? 12  C   P "O3'" 1 
ATOM   1314 C  "C2'" . C   E 5 7  ? -11.872 -2.082  -22.109 1.00 128.52 ? 12  C   P "C2'" 1 
ATOM   1315 O  "O2'" . C   E 5 7  ? -11.743 -0.765  -22.605 1.00 126.08 ? 12  C   P "O2'" 1 
ATOM   1316 C  "C1'" . C   E 5 7  ? -12.044 -2.039  -20.595 1.00 126.42 ? 12  C   P "C1'" 1 
ATOM   1317 N  N1    . C   E 5 7  ? -11.399 -3.198  -19.956 1.00 124.47 ? 12  C   P N1    1 
ATOM   1318 C  C2    . C   E 5 7  ? -9.999  -3.193  -19.808 1.00 123.93 ? 12  C   P C2    1 
ATOM   1319 O  O2    . C   E 5 7  ? -9.352  -2.212  -20.214 1.00 122.63 ? 12  C   P O2    1 
ATOM   1320 N  N3    . C   E 5 7  ? -9.388  -4.257  -19.240 1.00 123.20 ? 12  C   P N3    1 
ATOM   1321 C  C4    . C   E 5 7  ? -10.118 -5.291  -18.809 1.00 123.18 ? 12  C   P C4    1 
ATOM   1322 N  N4    . C   E 5 7  ? -9.477  -6.320  -18.249 1.00 122.43 ? 12  C   P N4    1 
ATOM   1323 C  C5    . C   E 5 7  ? -11.538 -5.321  -18.939 1.00 123.66 ? 12  C   P C5    1 
ATOM   1324 C  C6    . C   E 5 7  ? -12.132 -4.262  -19.509 1.00 124.26 ? 12  C   P C6    1 
ATOM   1325 P  P     . G   E 5 8  ? -12.715 -3.527  -24.974 1.00 130.35 ? 13  G   P P     1 
ATOM   1326 O  OP1   . G   E 5 8  ? -13.245 -3.209  -26.317 1.00 131.29 ? 13  G   P OP1   1 
ATOM   1327 O  OP2   . G   E 5 8  ? -12.861 -4.902  -24.434 1.00 127.65 ? 13  G   P OP2   1 
ATOM   1328 O  "O5'" . G   E 5 8  ? -11.162 -3.160  -24.959 1.00 125.04 ? 13  G   P "O5'" 1 
ATOM   1329 C  "C5'" . G   E 5 8  ? -10.664 -2.012  -25.648 1.00 118.95 ? 13  G   P "C5'" 1 
ATOM   1330 C  "C4'" . G   E 5 8  ? -9.156  -1.982  -25.586 1.00 117.86 ? 13  G   P "C4'" 1 
ATOM   1331 O  "O4'" . G   E 5 8  ? -8.754  -2.103  -24.199 1.00 116.08 ? 13  G   P "O4'" 1 
ATOM   1332 C  "C3'" . G   E 5 8  ? -8.440  -3.131  -26.277 1.00 118.48 ? 13  G   P "C3'" 1 
ATOM   1333 O  "O3'" . G   E 5 8  ? -8.339  -2.990  -27.685 1.00 119.11 ? 13  G   P "O3'" 1 
ATOM   1334 C  "C2'" . G   E 5 8  ? -7.113  -3.184  -25.534 1.00 116.54 ? 13  G   P "C2'" 1 
ATOM   1335 O  "O2'" . G   E 5 8  ? -6.195  -2.194  -25.953 1.00 117.04 ? 13  G   P "O2'" 1 
ATOM   1336 C  "C1'" . G   E 5 8  ? -7.567  -2.876  -24.107 1.00 112.38 ? 13  G   P "C1'" 1 
ATOM   1337 N  N9    . G   E 5 8  ? -7.843  -4.058  -23.273 1.00 107.78 ? 13  G   P N9    1 
ATOM   1338 C  C8    . G   E 5 8  ? -9.075  -4.616  -23.003 1.00 106.24 ? 13  G   P C8    1 
ATOM   1339 N  N7    . G   E 5 8  ? -9.006  -5.648  -22.203 1.00 104.37 ? 13  G   P N7    1 
ATOM   1340 C  C5    . G   E 5 8  ? -7.647  -5.791  -21.928 1.00 103.67 ? 13  G   P C5    1 
ATOM   1341 C  C6    . G   E 5 8  ? -6.962  -6.742  -21.114 1.00 102.90 ? 13  G   P C6    1 
ATOM   1342 O  O6    . G   E 5 8  ? -7.436  -7.675  -20.441 1.00 100.48 ? 13  G   P O6    1 
ATOM   1343 N  N1    . G   E 5 8  ? -5.585  -6.530  -21.134 1.00 101.35 ? 13  G   P N1    1 
ATOM   1344 C  C2    . G   E 5 8  ? -4.943  -5.528  -21.838 1.00 102.12 ? 13  G   P C2    1 
ATOM   1345 N  N2    . G   E 5 8  ? -3.596  -5.496  -21.747 1.00 100.24 ? 13  G   P N2    1 
ATOM   1346 N  N3    . G   E 5 8  ? -5.572  -4.633  -22.588 1.00 103.40 ? 13  G   P N3    1 
ATOM   1347 C  C4    . G   E 5 8  ? -6.915  -4.817  -22.592 1.00 105.03 ? 13  G   P C4    1 
HETATM 1348 S  S     . SO4 F 6 .  ? -13.373 2.915   6.299   0.40 84.70  ? 103 SO4 A S     1 
HETATM 1349 O  O1    . SO4 F 6 .  ? -13.902 1.564   6.525   0.40 81.84  ? 103 SO4 A O1    1 
HETATM 1350 O  O2    . SO4 F 6 .  ? -12.789 3.418   7.549   0.40 81.78  ? 103 SO4 A O2    1 
HETATM 1351 O  O3    . SO4 F 6 .  ? -12.332 2.861   5.262   0.40 80.96  ? 103 SO4 A O3    1 
HETATM 1352 O  O4    . SO4 F 6 .  ? -14.466 3.798   5.859   0.40 82.41  ? 103 SO4 A O4    1 
HETATM 1353 NA NA    . NA  G 7 .  ? -4.614  -1.027  -5.918  1.00 106.39 ? 104 NA  A NA    1 
HETATM 1354 CO CO    . NCO H 8 .  ? -9.795  0.923   9.038   0.25 72.24  ? 102 NCO B CO    1 
HETATM 1355 N  N1    . NCO H 8 .  ? -9.942  -0.302  7.437   0.25 69.35  ? 102 NCO B N1    1 
HETATM 1356 N  N2    . NCO H 8 .  ? -10.161 -0.694  10.167  0.25 68.84  ? 102 NCO B N2    1 
HETATM 1357 N  N3    . NCO H 8 .  ? -7.820  0.800   9.136   0.25 69.25  ? 102 NCO B N3    1 
HETATM 1358 N  N4    . NCO H 8 .  ? -11.727 1.181   9.053   0.25 69.79  ? 102 NCO B N4    1 
HETATM 1359 N  N5    . NCO H 8 .  ? -9.731  2.106   10.591  0.25 69.57  ? 102 NCO B N5    1 
HETATM 1360 N  N6    . NCO H 8 .  ? -9.501  2.502   7.820   0.25 70.57  ? 102 NCO B N6    1 
HETATM 1361 CO CO    . NCO I 8 .  ? 8.230   8.154   -3.541  0.85 76.31  ? 101 NCO D CO    1 
HETATM 1362 N  N1    . NCO I 8 .  ? 8.950   9.749   -4.486  0.85 70.77  ? 101 NCO D N1    1 
HETATM 1363 N  N2    . NCO I 8 .  ? 9.102   8.885   -1.894  0.85 68.23  ? 101 NCO D N2    1 
HETATM 1364 N  N3    . NCO I 8 .  ? 6.453   8.973   -3.240  0.85 70.08  ? 101 NCO D N3    1 
HETATM 1365 N  N4    . NCO I 8 .  ? 9.909   7.183   -3.763  0.85 71.46  ? 101 NCO D N4    1 
HETATM 1366 N  N5    . NCO I 8 .  ? 7.602   6.611   -2.588  0.85 70.53  ? 101 NCO D N5    1 
HETATM 1367 N  N6    . NCO I 8 .  ? 7.463   7.441   -5.276  0.85 67.34  ? 101 NCO D N6    1 
HETATM 1368 O  O     . HOH J 9 .  ? -0.069  0.844   -0.281  1.00 78.24  ? 105 HOH A O     1 
HETATM 1369 O  O     . HOH J 9 .  ? -8.011  12.246  4.842   1.00 65.26  ? 106 HOH A O     1 
HETATM 1370 O  O     . HOH J 9 .  ? -3.787  11.969  3.618   1.00 83.04  ? 107 HOH A O     1 
HETATM 1371 O  O     . HOH K 9 .  ? -3.357  -0.481  1.689   1.00 63.14  ? 103 HOH B O     1 
HETATM 1372 O  O     . HOH K 9 .  ? -3.213  -6.548  -0.358  1.00 62.20  ? 104 HOH B O     1 
HETATM 1373 O  O     . HOH K 9 .  ? -7.859  -10.516 3.171   1.00 89.08  ? 105 HOH B O     1 
HETATM 1374 O  O     . HOH L 9 .  ? 2.415   21.089  9.190   1.00 72.57  ? 32  HOH C O     1 
HETATM 1375 O  O     . HOH L 9 .  ? 3.107   11.931  1.400   1.00 80.40  ? 33  HOH C O     1 
HETATM 1376 O  O     . HOH L 9 .  ? 4.038   9.822   -0.639  1.00 62.77  ? 34  HOH C O     1 
HETATM 1377 O  O     . HOH L 9 .  ? 2.964   -22.930 0.238   1.00 73.08  ? 35  HOH C O     1 
HETATM 1378 O  O     . HOH L 9 .  ? 12.065  -20.114 -1.371  1.00 87.32  ? 36  HOH C O     1 
HETATM 1379 O  O     . HOH L 9 .  ? 5.065   -25.407 3.536   1.00 63.41  ? 37  HOH C O     1 
HETATM 1380 O  O     . HOH L 9 .  ? 1.705   -19.548 4.027   1.00 71.21  ? 38  HOH C O     1 
HETATM 1381 O  O     . HOH L 9 .  ? 2.976   -13.355 6.364   1.00 79.05  ? 39  HOH C O     1 
HETATM 1382 O  O     . HOH L 9 .  ? 4.643   -9.790  5.457   1.00 77.71  ? 40  HOH C O     1 
HETATM 1383 O  O     . HOH L 9 .  ? 5.519   -2.990  3.920   1.00 66.11  ? 41  HOH C O     1 
HETATM 1384 O  O     . HOH L 9 .  ? 3.474   20.148  6.259   1.00 81.58  ? 42  HOH C O     1 
HETATM 1385 O  O     . HOH L 9 .  ? -5.641  15.405  5.214   1.00 73.64  ? 43  HOH C O     1 
HETATM 1386 O  O     . HOH L 9 .  ? 1.429   15.630  -1.261  1.00 80.27  ? 44  HOH C O     1 
HETATM 1387 O  O     . HOH L 9 .  ? 5.576   22.266  -5.063  1.00 65.76  ? 45  HOH C O     1 
HETATM 1388 O  O     . HOH M 9 .  ? 2.634   -4.495  -5.990  1.00 67.98  ? 102 HOH D O     1 
HETATM 1389 O  O     . HOH M 9 .  ? 1.455   -0.946  -5.698  1.00 79.67  ? 103 HOH D O     1 
HETATM 1390 O  O     . HOH M 9 .  ? 8.758   -12.722 -4.160  1.00 72.96  ? 104 HOH D O     1 
HETATM 1391 O  O     . HOH M 9 .  ? 4.077   -16.620 6.878   1.00 79.53  ? 105 HOH D O     1 
HETATM 1392 O  O     . HOH M 9 .  ? 7.374   -10.857 5.957   1.00 88.62  ? 106 HOH D O     1 
HETATM 1393 O  O     . HOH M 9 .  ? 13.431  -2.626  -11.963 1.00 73.00  ? 107 HOH D O     1 
HETATM 1394 O  O     . HOH M 9 .  ? 5.577   16.867  7.846   1.00 90.15  ? 108 HOH D O     1 
HETATM 1395 O  O     . HOH M 9 .  ? 7.765   -8.630  4.334   1.00 95.31  ? 109 HOH D O     1 
HETATM 1396 O  O     . HOH M 9 .  ? 1.889   -18.650 8.050   1.00 67.79  ? 110 HOH D O     1 
HETATM 1397 O  O     . HOH M 9 .  ? 6.472   19.677  6.276   1.00 75.85  ? 111 HOH D O     1 
HETATM 1398 O  O     . HOH M 9 .  ? 7.891   22.348  6.528   1.00 71.56  ? 112 HOH D O     1 
HETATM 1399 O  O     . HOH M 9 .  ? 10.278  23.759  -2.735  1.00 92.71  ? 113 HOH D O     1 
HETATM 1400 O  O     . HOH M 9 .  ? 6.239   -13.457 -4.264  1.00 80.76  ? 114 HOH D O     1 
HETATM 1401 O  O     . HOH M 9 .  ? 13.627  -13.771 -4.078  1.00 85.33  ? 115 HOH D O     1 
HETATM 1402 O  O     . HOH M 9 .  ? 11.947  -16.679 -3.796  1.00 99.80  ? 116 HOH D O     1 
HETATM 1403 O  O     . HOH M 9 .  ? 11.927  -18.709 -5.509  1.00 98.09  ? 117 HOH D O     1 
HETATM 1404 O  O     . HOH N 9 .  ? 6.724   -6.092  2.139   1.00 66.61  ? 30  HOH P O     1 
# 
loop_
_pdbx_poly_seq_scheme.asym_id 
_pdbx_poly_seq_scheme.entity_id 
_pdbx_poly_seq_scheme.seq_id 
_pdbx_poly_seq_scheme.mon_id 
_pdbx_poly_seq_scheme.ndb_seq_num 
_pdbx_poly_seq_scheme.pdb_seq_num 
_pdbx_poly_seq_scheme.auth_seq_num 
_pdbx_poly_seq_scheme.pdb_mon_id 
_pdbx_poly_seq_scheme.auth_mon_id 
_pdbx_poly_seq_scheme.pdb_strand_id 
_pdbx_poly_seq_scheme.pdb_ins_code 
_pdbx_poly_seq_scheme.hetero 
A 1 1  U   1  1  1  U   U   A . n 
A 1 2  C   2  2  2  C   C   A . n 
A 1 3  C   3  3  3  C   C   A . n 
A 1 4  C   4  4  4  C   C   A . n 
A 1 5  A   5  5  5  A   A   A . n 
B 2 1  C   1  2  2  C   C   B . n 
B 2 2  G   2  3  3  G   G   B . n 
B 2 3  G   3  4  4  G   G   B . n 
B 2 4  U   4  5  5  U   U   B . n 
B 2 5  G   5  6  6  G   G   B . n 
B 2 6  A   6  7  7  A   A   B . n 
B 2 7  G   7  8  8  G   G   B . n 
B 2 8  A   8  9  9  A   A   B . n 
B 2 9  A   9  10 10 A   A   B . n 
B 2 10 G   10 11 11 G   G   B . n 
B 2 11 G   11 12 12 G   G   B . n 
B 2 12 G   12 13 13 G   G   B . n 
B 2 13 S9L 13 14 14 S9L S9L B . n 
C 3 1  G   1  15 15 G   G   C . n 
C 3 2  G   2  16 16 G   G   C . n 
C 3 3  C   3  17 17 C   C   C . n 
C 3 4  A   4  18 18 A   A   C . n 
C 3 5  G   5  19 19 G   G   C . n 
C 3 6  A   6  20 20 A   A   C . n 
C 3 7  G   7  21 21 G   G   C . n 
C 3 8  A   8  22 22 A   A   C . n 
C 3 9  A   9  23 23 A   A   C . n 
C 3 10 A   10 24 24 A   A   C . n 
C 3 11 C   11 25 25 C   C   C . n 
C 3 12 A   12 26 26 A   A   C . n 
C 3 13 C   13 27 27 C   C   C . n 
C 3 14 A   14 28 28 A   A   C . n 
C 3 15 C   15 29 29 C   C   C . n 
C 3 16 G   16 30 30 G   G   C . n 
C 3 17 A   17 31 31 A   A   C . n 
D 4 1  U   1  31 31 U   U   D . n 
D 4 2  C   2  32 32 C   C   D . n 
D 4 3  G   3  33 33 G   G   D . n 
D 4 4  U   4  34 34 U   U   D . n 
D 4 5  G   5  35 35 G   G   D . n 
D 4 6  G   6  36 36 G   G   D . n 
D 4 7  U   7  37 37 U   U   D . n 
D 4 8  A   8  38 38 A   A   D . n 
D 4 9  C   9  39 39 C   C   D . n 
D 4 10 A   10 40 40 A   A   D . n 
D 4 11 U   11 41 41 U   U   D . n 
D 4 12 U   12 42 42 U   U   D . n 
D 4 13 A   13 43 43 A   A   D . n 
D 4 14 C   14 44 44 C   C   D . n 
D 4 15 C   15 45 45 C   C   D . n 
D 4 16 U   16 46 46 U   U   D . n 
D 4 17 G   17 47 47 G   G   D . n 
D 4 18 C   18 48 48 C   C   D . n 
D 4 19 C   19 49 49 C   C   D . n 
E 5 1  G   1  6  6  G   G   P . n 
E 5 2  U   2  7  7  U   U   P . n 
E 5 3  C   3  8  8  C   C   P . n 
E 5 4  C   4  9  9  C   C   P . n 
E 5 5  A   5  10 10 A   A   P . n 
E 5 6  C   6  11 11 C   C   P . n 
E 5 7  C   7  12 12 C   C   P . n 
E 5 8  G   8  13 13 G   G   P . n 
# 
loop_
_pdbx_nonpoly_scheme.asym_id 
_pdbx_nonpoly_scheme.entity_id 
_pdbx_nonpoly_scheme.mon_id 
_pdbx_nonpoly_scheme.ndb_seq_num 
_pdbx_nonpoly_scheme.pdb_seq_num 
_pdbx_nonpoly_scheme.auth_seq_num 
_pdbx_nonpoly_scheme.pdb_mon_id 
_pdbx_nonpoly_scheme.auth_mon_id 
_pdbx_nonpoly_scheme.pdb_strand_id 
_pdbx_nonpoly_scheme.pdb_ins_code 
F 6 SO4 1  103 103 SO4 SO4 A . 
G 7 NA  1  104 104 NA  NA  A . 
H 8 NCO 1  102 102 NCO NCO B . 
I 8 NCO 1  101 101 NCO NCO D . 
J 9 HOH 1  105 2   HOH HOH A . 
J 9 HOH 2  106 6   HOH HOH A . 
J 9 HOH 3  107 19  HOH HOH A . 
K 9 HOH 1  103 1   HOH HOH B . 
K 9 HOH 2  104 5   HOH HOH B . 
K 9 HOH 3  105 10  HOH HOH B . 
L 9 HOH 1  32  7   HOH HOH C . 
L 9 HOH 2  33  8   HOH HOH C . 
L 9 HOH 3  34  9   HOH HOH C . 
L 9 HOH 4  35  12  HOH HOH C . 
L 9 HOH 5  36  13  HOH HOH C . 
L 9 HOH 6  37  14  HOH HOH C . 
L 9 HOH 7  38  16  HOH HOH C . 
L 9 HOH 8  39  21  HOH HOH C . 
L 9 HOH 9  40  22  HOH HOH C . 
L 9 HOH 10 41  24  HOH HOH C . 
L 9 HOH 11 42  26  HOH HOH C . 
L 9 HOH 12 43  29  HOH HOH C . 
L 9 HOH 13 44  31  HOH HOH C . 
L 9 HOH 14 45  32  HOH HOH C . 
M 9 HOH 1  102 3   HOH HOH D . 
M 9 HOH 2  103 4   HOH HOH D . 
M 9 HOH 3  104 11  HOH HOH D . 
M 9 HOH 4  105 15  HOH HOH D . 
M 9 HOH 5  106 17  HOH HOH D . 
M 9 HOH 6  107 18  HOH HOH D . 
M 9 HOH 7  108 20  HOH HOH D . 
M 9 HOH 8  109 23  HOH HOH D . 
M 9 HOH 9  110 25  HOH HOH D . 
M 9 HOH 10 111 27  HOH HOH D . 
M 9 HOH 11 112 28  HOH HOH D . 
M 9 HOH 12 113 33  HOH HOH D . 
M 9 HOH 13 114 34  HOH HOH D . 
M 9 HOH 14 115 35  HOH HOH D . 
M 9 HOH 15 116 36  HOH HOH D . 
M 9 HOH 16 117 37  HOH HOH D . 
N 9 HOH 1  30  30  HOH HOH P . 
# 
_pdbx_struct_assembly.id                   1 
_pdbx_struct_assembly.details              author_defined_assembly 
_pdbx_struct_assembly.method_details       ? 
_pdbx_struct_assembly.oligomeric_details   pentameric 
_pdbx_struct_assembly.oligomeric_count     5 
# 
_pdbx_struct_assembly_gen.assembly_id       1 
_pdbx_struct_assembly_gen.oper_expression   1 
_pdbx_struct_assembly_gen.asym_id_list      A,B,C,D,E,F,G,H,I,J,K,L,M,N 
# 
_pdbx_struct_oper_list.id                   1 
_pdbx_struct_oper_list.type                 'identity operation' 
_pdbx_struct_oper_list.name                 1_555 
_pdbx_struct_oper_list.symmetry_operation   x,y,z 
_pdbx_struct_oper_list.matrix[1][1]         1.0000000000 
_pdbx_struct_oper_list.matrix[1][2]         0.0000000000 
_pdbx_struct_oper_list.matrix[1][3]         0.0000000000 
_pdbx_struct_oper_list.vector[1]            0.0000000000 
_pdbx_struct_oper_list.matrix[2][1]         0.0000000000 
_pdbx_struct_oper_list.matrix[2][2]         1.0000000000 
_pdbx_struct_oper_list.matrix[2][3]         0.0000000000 
_pdbx_struct_oper_list.vector[2]            0.0000000000 
_pdbx_struct_oper_list.matrix[3][1]         0.0000000000 
_pdbx_struct_oper_list.matrix[3][2]         0.0000000000 
_pdbx_struct_oper_list.matrix[3][3]         1.0000000000 
_pdbx_struct_oper_list.vector[3]            0.0000000000 
# 
_pdbx_struct_conn_angle.id                    1 
_pdbx_struct_conn_angle.ptnr1_label_atom_id   "O3'" 
_pdbx_struct_conn_angle.ptnr1_label_alt_id    ? 
_pdbx_struct_conn_angle.ptnr1_label_asym_id   A 
_pdbx_struct_conn_angle.ptnr1_label_comp_id   A 
_pdbx_struct_conn_angle.ptnr1_label_seq_id    5 
_pdbx_struct_conn_angle.ptnr1_auth_atom_id    ? 
_pdbx_struct_conn_angle.ptnr1_auth_asym_id    A 
_pdbx_struct_conn_angle.ptnr1_auth_comp_id    A 
_pdbx_struct_conn_angle.ptnr1_auth_seq_id     5 
_pdbx_struct_conn_angle.ptnr1_PDB_ins_code    ? 
_pdbx_struct_conn_angle.ptnr1_symmetry        1_555 
_pdbx_struct_conn_angle.ptnr2_label_atom_id   NA 
_pdbx_struct_conn_angle.ptnr2_label_alt_id    ? 
_pdbx_struct_conn_angle.ptnr2_label_asym_id   G 
_pdbx_struct_conn_angle.ptnr2_label_comp_id   NA 
_pdbx_struct_conn_angle.ptnr2_label_seq_id    . 
_pdbx_struct_conn_angle.ptnr2_auth_atom_id    ? 
_pdbx_struct_conn_angle.ptnr2_auth_asym_id    A 
_pdbx_struct_conn_angle.ptnr2_auth_comp_id    NA 
_pdbx_struct_conn_angle.ptnr2_auth_seq_id     104 
_pdbx_struct_conn_angle.ptnr2_PDB_ins_code    ? 
_pdbx_struct_conn_angle.ptnr2_symmetry        1_555 
_pdbx_struct_conn_angle.ptnr3_label_atom_id   "O2'" 
_pdbx_struct_conn_angle.ptnr3_label_alt_id    ? 
_pdbx_struct_conn_angle.ptnr3_label_asym_id   A 
_pdbx_struct_conn_angle.ptnr3_label_comp_id   A 
_pdbx_struct_conn_angle.ptnr3_label_seq_id    5 
_pdbx_struct_conn_angle.ptnr3_auth_atom_id    ? 
_pdbx_struct_conn_angle.ptnr3_auth_asym_id    A 
_pdbx_struct_conn_angle.ptnr3_auth_comp_id    A 
_pdbx_struct_conn_angle.ptnr3_auth_seq_id     5 
_pdbx_struct_conn_angle.ptnr3_PDB_ins_code    ? 
_pdbx_struct_conn_angle.ptnr3_symmetry        1_555 
_pdbx_struct_conn_angle.value                 54.3 
_pdbx_struct_conn_angle.value_esd             ? 
# 
loop_
_pdbx_audit_revision_history.ordinal 
_pdbx_audit_revision_history.data_content_type 
_pdbx_audit_revision_history.major_revision 
_pdbx_audit_revision_history.minor_revision 
_pdbx_audit_revision_history.revision_date 
1 'Structure model' 1 0 2007-05-22 
2 'Structure model' 1 1 2008-05-01 
3 'Structure model' 1 2 2011-07-13 
4 'Structure model' 1 3 2023-08-30 
# 
_pdbx_audit_revision_details.ordinal             1 
_pdbx_audit_revision_details.revision_ordinal    1 
_pdbx_audit_revision_details.data_content_type   'Structure model' 
_pdbx_audit_revision_details.provider            repository 
_pdbx_audit_revision_details.type                'Initial release' 
_pdbx_audit_revision_details.description         ? 
_pdbx_audit_revision_details.details             ? 
# 
loop_
_pdbx_audit_revision_group.ordinal 
_pdbx_audit_revision_group.revision_ordinal 
_pdbx_audit_revision_group.data_content_type 
_pdbx_audit_revision_group.group 
1 2 'Structure model' 'Version format compliance' 
2 3 'Structure model' 'Version format compliance' 
3 4 'Structure model' 'Data collection'           
4 4 'Structure model' 'Database references'       
5 4 'Structure model' 'Derived calculations'      
6 4 'Structure model' 'Refinement description'    
# 
loop_
_pdbx_audit_revision_category.ordinal 
_pdbx_audit_revision_category.revision_ordinal 
_pdbx_audit_revision_category.data_content_type 
_pdbx_audit_revision_category.category 
1 4 'Structure model' chem_comp_atom                
2 4 'Structure model' chem_comp_bond                
3 4 'Structure model' database_2                    
4 4 'Structure model' pdbx_initial_refinement_model 
5 4 'Structure model' struct_conn                   
6 4 'Structure model' struct_site                   
# 
loop_
_pdbx_audit_revision_item.ordinal 
_pdbx_audit_revision_item.revision_ordinal 
_pdbx_audit_revision_item.data_content_type 
_pdbx_audit_revision_item.item 
1 4 'Structure model' '_database_2.pdbx_DOI'                
2 4 'Structure model' '_database_2.pdbx_database_accession' 
3 4 'Structure model' '_struct_conn.pdbx_leaving_atom_flag' 
4 4 'Structure model' '_struct_site.pdbx_auth_asym_id'      
5 4 'Structure model' '_struct_site.pdbx_auth_comp_id'      
6 4 'Structure model' '_struct_site.pdbx_auth_seq_id'       
# 
loop_
_software.name 
_software.classification 
_software.version 
_software.citation_id 
_software.pdbx_ordinal 
Blu-Ice      'data collection' . ? 1 
CNS          refinement        . ? 2 
CrystalClear 'data reduction'  . ? 3 
CrystalClear 'data scaling'    . ? 4 
CNS          phasing           . ? 5 
# 
loop_
_pdbx_validate_rmsd_angle.id 
_pdbx_validate_rmsd_angle.PDB_model_num 
_pdbx_validate_rmsd_angle.auth_atom_id_1 
_pdbx_validate_rmsd_angle.auth_asym_id_1 
_pdbx_validate_rmsd_angle.auth_comp_id_1 
_pdbx_validate_rmsd_angle.auth_seq_id_1 
_pdbx_validate_rmsd_angle.PDB_ins_code_1 
_pdbx_validate_rmsd_angle.label_alt_id_1 
_pdbx_validate_rmsd_angle.auth_atom_id_2 
_pdbx_validate_rmsd_angle.auth_asym_id_2 
_pdbx_validate_rmsd_angle.auth_comp_id_2 
_pdbx_validate_rmsd_angle.auth_seq_id_2 
_pdbx_validate_rmsd_angle.PDB_ins_code_2 
_pdbx_validate_rmsd_angle.label_alt_id_2 
_pdbx_validate_rmsd_angle.auth_atom_id_3 
_pdbx_validate_rmsd_angle.auth_asym_id_3 
_pdbx_validate_rmsd_angle.auth_comp_id_3 
_pdbx_validate_rmsd_angle.auth_seq_id_3 
_pdbx_validate_rmsd_angle.PDB_ins_code_3 
_pdbx_validate_rmsd_angle.label_alt_id_3 
_pdbx_validate_rmsd_angle.angle_value 
_pdbx_validate_rmsd_angle.angle_target_value 
_pdbx_validate_rmsd_angle.angle_deviation 
_pdbx_validate_rmsd_angle.angle_standard_deviation 
_pdbx_validate_rmsd_angle.linker_flag 
1 1 "O4'" A U 1 ? B "C1'" A U 1 ? B N1    A U 1 ? B 98.32  108.20 -9.88  0.80 N 
2 1 N9    A A 5 ? ? "C1'" A A 5 ? ? "C2'" A A 5 ? ? 97.93  112.00 -14.07 1.10 N 
3 1 "O4'" A A 5 ? ? "C1'" A A 5 ? ? N9    A A 5 ? ? 117.50 108.50 9.00   0.70 N 
4 1 N9    B G 8 ? B "C1'" B G 8 ? B "C2'" B G 8 ? B 122.40 114.00 8.40   1.30 N 
# 
_pdbx_validate_planes.id              1 
_pdbx_validate_planes.PDB_model_num   1 
_pdbx_validate_planes.auth_comp_id    U 
_pdbx_validate_planes.auth_asym_id    D 
_pdbx_validate_planes.auth_seq_id     37 
_pdbx_validate_planes.PDB_ins_code    ? 
_pdbx_validate_planes.label_alt_id    ? 
_pdbx_validate_planes.rmsd            0.092 
_pdbx_validate_planes.type            'SIDE CHAIN' 
# 
loop_
_chem_comp_atom.comp_id 
_chem_comp_atom.atom_id 
_chem_comp_atom.type_symbol 
_chem_comp_atom.pdbx_aromatic_flag 
_chem_comp_atom.pdbx_stereo_config 
_chem_comp_atom.pdbx_ordinal 
A   OP3    O  N N 1   
A   P      P  N N 2   
A   OP1    O  N N 3   
A   OP2    O  N N 4   
A   "O5'"  O  N N 5   
A   "C5'"  C  N N 6   
A   "C4'"  C  N R 7   
A   "O4'"  O  N N 8   
A   "C3'"  C  N S 9   
A   "O3'"  O  N N 10  
A   "C2'"  C  N R 11  
A   "O2'"  O  N N 12  
A   "C1'"  C  N R 13  
A   N9     N  Y N 14  
A   C8     C  Y N 15  
A   N7     N  Y N 16  
A   C5     C  Y N 17  
A   C6     C  Y N 18  
A   N6     N  N N 19  
A   N1     N  Y N 20  
A   C2     C  Y N 21  
A   N3     N  Y N 22  
A   C4     C  Y N 23  
A   HOP3   H  N N 24  
A   HOP2   H  N N 25  
A   "H5'"  H  N N 26  
A   "H5''" H  N N 27  
A   "H4'"  H  N N 28  
A   "H3'"  H  N N 29  
A   "HO3'" H  N N 30  
A   "H2'"  H  N N 31  
A   "HO2'" H  N N 32  
A   "H1'"  H  N N 33  
A   H8     H  N N 34  
A   H61    H  N N 35  
A   H62    H  N N 36  
A   H2     H  N N 37  
C   OP3    O  N N 38  
C   P      P  N N 39  
C   OP1    O  N N 40  
C   OP2    O  N N 41  
C   "O5'"  O  N N 42  
C   "C5'"  C  N N 43  
C   "C4'"  C  N R 44  
C   "O4'"  O  N N 45  
C   "C3'"  C  N S 46  
C   "O3'"  O  N N 47  
C   "C2'"  C  N R 48  
C   "O2'"  O  N N 49  
C   "C1'"  C  N R 50  
C   N1     N  N N 51  
C   C2     C  N N 52  
C   O2     O  N N 53  
C   N3     N  N N 54  
C   C4     C  N N 55  
C   N4     N  N N 56  
C   C5     C  N N 57  
C   C6     C  N N 58  
C   HOP3   H  N N 59  
C   HOP2   H  N N 60  
C   "H5'"  H  N N 61  
C   "H5''" H  N N 62  
C   "H4'"  H  N N 63  
C   "H3'"  H  N N 64  
C   "HO3'" H  N N 65  
C   "H2'"  H  N N 66  
C   "HO2'" H  N N 67  
C   "H1'"  H  N N 68  
C   H41    H  N N 69  
C   H42    H  N N 70  
C   H5     H  N N 71  
C   H6     H  N N 72  
G   OP3    O  N N 73  
G   P      P  N N 74  
G   OP1    O  N N 75  
G   OP2    O  N N 76  
G   "O5'"  O  N N 77  
G   "C5'"  C  N N 78  
G   "C4'"  C  N R 79  
G   "O4'"  O  N N 80  
G   "C3'"  C  N S 81  
G   "O3'"  O  N N 82  
G   "C2'"  C  N R 83  
G   "O2'"  O  N N 84  
G   "C1'"  C  N R 85  
G   N9     N  Y N 86  
G   C8     C  Y N 87  
G   N7     N  Y N 88  
G   C5     C  Y N 89  
G   C6     C  N N 90  
G   O6     O  N N 91  
G   N1     N  N N 92  
G   C2     C  N N 93  
G   N2     N  N N 94  
G   N3     N  N N 95  
G   C4     C  Y N 96  
G   HOP3   H  N N 97  
G   HOP2   H  N N 98  
G   "H5'"  H  N N 99  
G   "H5''" H  N N 100 
G   "H4'"  H  N N 101 
G   "H3'"  H  N N 102 
G   "HO3'" H  N N 103 
G   "H2'"  H  N N 104 
G   "HO2'" H  N N 105 
G   "H1'"  H  N N 106 
G   H8     H  N N 107 
G   H1     H  N N 108 
G   H21    H  N N 109 
G   H22    H  N N 110 
HOH O      O  N N 111 
HOH H1     H  N N 112 
HOH H2     H  N N 113 
NA  NA     NA N N 114 
NCO CO     CO N N 115 
NCO N1     N  N N 116 
NCO N2     N  N N 117 
NCO N3     N  N N 118 
NCO N4     N  N N 119 
NCO N5     N  N N 120 
NCO N6     N  N N 121 
NCO HN11   H  N N 122 
NCO HN12   H  N N 123 
NCO HN13   H  N N 124 
NCO HN21   H  N N 125 
NCO HN22   H  N N 126 
NCO HN23   H  N N 127 
NCO HN31   H  N N 128 
NCO HN32   H  N N 129 
NCO HN33   H  N N 130 
NCO HN41   H  N N 131 
NCO HN42   H  N N 132 
NCO HN43   H  N N 133 
NCO HN51   H  N N 134 
NCO HN52   H  N N 135 
NCO HN53   H  N N 136 
NCO HN61   H  N N 137 
NCO HN62   H  N N 138 
NCO HN63   H  N N 139 
S9L O3P    O  N N 140 
S9L P      P  N N 141 
S9L O1P    O  N N 142 
S9L O2P    O  N N 143 
S9L "O5'"  O  N N 144 
S9L C12    C  N N 145 
S9L C22    C  N N 146 
S9L OH3    O  N N 147 
S9L C13    C  N N 148 
S9L C23    C  N N 149 
S9L OH4    O  N N 150 
S9L C14    C  N N 151 
S9L C24    C  N N 152 
S9L "O3'"  O  N N 153 
S9L HO3P   H  N N 154 
S9L HO1P   H  N N 155 
S9L H121   H  N N 156 
S9L H122   H  N N 157 
S9L H221   H  N N 158 
S9L H222   H  N N 159 
S9L H131   H  N N 160 
S9L H132   H  N N 161 
S9L H231   H  N N 162 
S9L H232   H  N N 163 
S9L H141   H  N N 164 
S9L H142   H  N N 165 
S9L H241   H  N N 166 
S9L H242   H  N N 167 
S9L "HO3'" H  N N 168 
SO4 S      S  N N 169 
SO4 O1     O  N N 170 
SO4 O2     O  N N 171 
SO4 O3     O  N N 172 
SO4 O4     O  N N 173 
U   OP3    O  N N 174 
U   P      P  N N 175 
U   OP1    O  N N 176 
U   OP2    O  N N 177 
U   "O5'"  O  N N 178 
U   "C5'"  C  N N 179 
U   "C4'"  C  N R 180 
U   "O4'"  O  N N 181 
U   "C3'"  C  N S 182 
U   "O3'"  O  N N 183 
U   "C2'"  C  N R 184 
U   "O2'"  O  N N 185 
U   "C1'"  C  N R 186 
U   N1     N  N N 187 
U   C2     C  N N 188 
U   O2     O  N N 189 
U   N3     N  N N 190 
U   C4     C  N N 191 
U   O4     O  N N 192 
U   C5     C  N N 193 
U   C6     C  N N 194 
U   HOP3   H  N N 195 
U   HOP2   H  N N 196 
U   "H5'"  H  N N 197 
U   "H5''" H  N N 198 
U   "H4'"  H  N N 199 
U   "H3'"  H  N N 200 
U   "HO3'" H  N N 201 
U   "H2'"  H  N N 202 
U   "HO2'" H  N N 203 
U   "H1'"  H  N N 204 
U   H3     H  N N 205 
U   H5     H  N N 206 
U   H6     H  N N 207 
# 
loop_
_chem_comp_bond.comp_id 
_chem_comp_bond.atom_id_1 
_chem_comp_bond.atom_id_2 
_chem_comp_bond.value_order 
_chem_comp_bond.pdbx_aromatic_flag 
_chem_comp_bond.pdbx_stereo_config 
_chem_comp_bond.pdbx_ordinal 
A   OP3   P      sing N N 1   
A   OP3   HOP3   sing N N 2   
A   P     OP1    doub N N 3   
A   P     OP2    sing N N 4   
A   P     "O5'"  sing N N 5   
A   OP2   HOP2   sing N N 6   
A   "O5'" "C5'"  sing N N 7   
A   "C5'" "C4'"  sing N N 8   
A   "C5'" "H5'"  sing N N 9   
A   "C5'" "H5''" sing N N 10  
A   "C4'" "O4'"  sing N N 11  
A   "C4'" "C3'"  sing N N 12  
A   "C4'" "H4'"  sing N N 13  
A   "O4'" "C1'"  sing N N 14  
A   "C3'" "O3'"  sing N N 15  
A   "C3'" "C2'"  sing N N 16  
A   "C3'" "H3'"  sing N N 17  
A   "O3'" "HO3'" sing N N 18  
A   "C2'" "O2'"  sing N N 19  
A   "C2'" "C1'"  sing N N 20  
A   "C2'" "H2'"  sing N N 21  
A   "O2'" "HO2'" sing N N 22  
A   "C1'" N9     sing N N 23  
A   "C1'" "H1'"  sing N N 24  
A   N9    C8     sing Y N 25  
A   N9    C4     sing Y N 26  
A   C8    N7     doub Y N 27  
A   C8    H8     sing N N 28  
A   N7    C5     sing Y N 29  
A   C5    C6     sing Y N 30  
A   C5    C4     doub Y N 31  
A   C6    N6     sing N N 32  
A   C6    N1     doub Y N 33  
A   N6    H61    sing N N 34  
A   N6    H62    sing N N 35  
A   N1    C2     sing Y N 36  
A   C2    N3     doub Y N 37  
A   C2    H2     sing N N 38  
A   N3    C4     sing Y N 39  
C   OP3   P      sing N N 40  
C   OP3   HOP3   sing N N 41  
C   P     OP1    doub N N 42  
C   P     OP2    sing N N 43  
C   P     "O5'"  sing N N 44  
C   OP2   HOP2   sing N N 45  
C   "O5'" "C5'"  sing N N 46  
C   "C5'" "C4'"  sing N N 47  
C   "C5'" "H5'"  sing N N 48  
C   "C5'" "H5''" sing N N 49  
C   "C4'" "O4'"  sing N N 50  
C   "C4'" "C3'"  sing N N 51  
C   "C4'" "H4'"  sing N N 52  
C   "O4'" "C1'"  sing N N 53  
C   "C3'" "O3'"  sing N N 54  
C   "C3'" "C2'"  sing N N 55  
C   "C3'" "H3'"  sing N N 56  
C   "O3'" "HO3'" sing N N 57  
C   "C2'" "O2'"  sing N N 58  
C   "C2'" "C1'"  sing N N 59  
C   "C2'" "H2'"  sing N N 60  
C   "O2'" "HO2'" sing N N 61  
C   "C1'" N1     sing N N 62  
C   "C1'" "H1'"  sing N N 63  
C   N1    C2     sing N N 64  
C   N1    C6     sing N N 65  
C   C2    O2     doub N N 66  
C   C2    N3     sing N N 67  
C   N3    C4     doub N N 68  
C   C4    N4     sing N N 69  
C   C4    C5     sing N N 70  
C   N4    H41    sing N N 71  
C   N4    H42    sing N N 72  
C   C5    C6     doub N N 73  
C   C5    H5     sing N N 74  
C   C6    H6     sing N N 75  
G   OP3   P      sing N N 76  
G   OP3   HOP3   sing N N 77  
G   P     OP1    doub N N 78  
G   P     OP2    sing N N 79  
G   P     "O5'"  sing N N 80  
G   OP2   HOP2   sing N N 81  
G   "O5'" "C5'"  sing N N 82  
G   "C5'" "C4'"  sing N N 83  
G   "C5'" "H5'"  sing N N 84  
G   "C5'" "H5''" sing N N 85  
G   "C4'" "O4'"  sing N N 86  
G   "C4'" "C3'"  sing N N 87  
G   "C4'" "H4'"  sing N N 88  
G   "O4'" "C1'"  sing N N 89  
G   "C3'" "O3'"  sing N N 90  
G   "C3'" "C2'"  sing N N 91  
G   "C3'" "H3'"  sing N N 92  
G   "O3'" "HO3'" sing N N 93  
G   "C2'" "O2'"  sing N N 94  
G   "C2'" "C1'"  sing N N 95  
G   "C2'" "H2'"  sing N N 96  
G   "O2'" "HO2'" sing N N 97  
G   "C1'" N9     sing N N 98  
G   "C1'" "H1'"  sing N N 99  
G   N9    C8     sing Y N 100 
G   N9    C4     sing Y N 101 
G   C8    N7     doub Y N 102 
G   C8    H8     sing N N 103 
G   N7    C5     sing Y N 104 
G   C5    C6     sing N N 105 
G   C5    C4     doub Y N 106 
G   C6    O6     doub N N 107 
G   C6    N1     sing N N 108 
G   N1    C2     sing N N 109 
G   N1    H1     sing N N 110 
G   C2    N2     sing N N 111 
G   C2    N3     doub N N 112 
G   N2    H21    sing N N 113 
G   N2    H22    sing N N 114 
G   N3    C4     sing N N 115 
HOH O     H1     sing N N 116 
HOH O     H2     sing N N 117 
NCO CO    N1     sing N N 118 
NCO CO    N2     sing N N 119 
NCO CO    N3     sing N N 120 
NCO CO    N4     sing N N 121 
NCO CO    N5     sing N N 122 
NCO CO    N6     sing N N 123 
NCO N1    HN11   sing N N 124 
NCO N1    HN12   sing N N 125 
NCO N1    HN13   sing N N 126 
NCO N2    HN21   sing N N 127 
NCO N2    HN22   sing N N 128 
NCO N2    HN23   sing N N 129 
NCO N3    HN31   sing N N 130 
NCO N3    HN32   sing N N 131 
NCO N3    HN33   sing N N 132 
NCO N4    HN41   sing N N 133 
NCO N4    HN42   sing N N 134 
NCO N4    HN43   sing N N 135 
NCO N5    HN51   sing N N 136 
NCO N5    HN52   sing N N 137 
NCO N5    HN53   sing N N 138 
NCO N6    HN61   sing N N 139 
NCO N6    HN62   sing N N 140 
NCO N6    HN63   sing N N 141 
S9L O3P   P      sing N N 142 
S9L O3P   HO3P   sing N N 143 
S9L P     O2P    doub N N 144 
S9L P     O1P    sing N N 145 
S9L P     "O5'"  sing N N 146 
S9L O1P   HO1P   sing N N 147 
S9L "O5'" C12    sing N N 148 
S9L C12   C22    sing N N 149 
S9L C12   H121   sing N N 150 
S9L C12   H122   sing N N 151 
S9L C22   OH3    sing N N 152 
S9L C22   H221   sing N N 153 
S9L C22   H222   sing N N 154 
S9L OH3   C23    sing N N 155 
S9L C13   C23    sing N N 156 
S9L C13   OH4    sing N N 157 
S9L C13   H131   sing N N 158 
S9L C13   H132   sing N N 159 
S9L C23   H231   sing N N 160 
S9L C23   H232   sing N N 161 
S9L OH4   C24    sing N N 162 
S9L C14   C24    sing N N 163 
S9L C14   "O3'"  sing N N 164 
S9L C14   H141   sing N N 165 
S9L C14   H142   sing N N 166 
S9L C24   H241   sing N N 167 
S9L C24   H242   sing N N 168 
S9L "O3'" "HO3'" sing N N 169 
SO4 S     O1     doub N N 170 
SO4 S     O2     doub N N 171 
SO4 S     O3     sing N N 172 
SO4 S     O4     sing N N 173 
U   OP3   P      sing N N 174 
U   OP3   HOP3   sing N N 175 
U   P     OP1    doub N N 176 
U   P     OP2    sing N N 177 
U   P     "O5'"  sing N N 178 
U   OP2   HOP2   sing N N 179 
U   "O5'" "C5'"  sing N N 180 
U   "C5'" "C4'"  sing N N 181 
U   "C5'" "H5'"  sing N N 182 
U   "C5'" "H5''" sing N N 183 
U   "C4'" "O4'"  sing N N 184 
U   "C4'" "C3'"  sing N N 185 
U   "C4'" "H4'"  sing N N 186 
U   "O4'" "C1'"  sing N N 187 
U   "C3'" "O3'"  sing N N 188 
U   "C3'" "C2'"  sing N N 189 
U   "C3'" "H3'"  sing N N 190 
U   "O3'" "HO3'" sing N N 191 
U   "C2'" "O2'"  sing N N 192 
U   "C2'" "C1'"  sing N N 193 
U   "C2'" "H2'"  sing N N 194 
U   "O2'" "HO2'" sing N N 195 
U   "C1'" N1     sing N N 196 
U   "C1'" "H1'"  sing N N 197 
U   N1    C2     sing N N 198 
U   N1    C6     sing N N 199 
U   C2    O2     doub N N 200 
U   C2    N3     sing N N 201 
U   N3    C4     sing N N 202 
U   N3    H3     sing N N 203 
U   C4    O4     doub N N 204 
U   C4    C5     sing N N 205 
U   C5    C6     doub N N 206 
U   C5    H5     sing N N 207 
U   C6    H6     sing N N 208 
# 
loop_
_ndb_struct_conf_na.entry_id 
_ndb_struct_conf_na.feature 
2P7D 'double helix'         
2P7D 'a-form double helix'  
2P7D 'bulge loop'           
2P7D 'mismatched base pair' 
2P7D 'internal loop'        
# 
loop_
_ndb_struct_na_base_pair.model_number 
_ndb_struct_na_base_pair.i_label_asym_id 
_ndb_struct_na_base_pair.i_label_comp_id 
_ndb_struct_na_base_pair.i_label_seq_id 
_ndb_struct_na_base_pair.i_symmetry 
_ndb_struct_na_base_pair.j_label_asym_id 
_ndb_struct_na_base_pair.j_label_comp_id 
_ndb_struct_na_base_pair.j_label_seq_id 
_ndb_struct_na_base_pair.j_symmetry 
_ndb_struct_na_base_pair.shear 
_ndb_struct_na_base_pair.stretch 
_ndb_struct_na_base_pair.stagger 
_ndb_struct_na_base_pair.buckle 
_ndb_struct_na_base_pair.propeller 
_ndb_struct_na_base_pair.opening 
_ndb_struct_na_base_pair.pair_number 
_ndb_struct_na_base_pair.pair_name 
_ndb_struct_na_base_pair.i_auth_asym_id 
_ndb_struct_na_base_pair.i_auth_seq_id 
_ndb_struct_na_base_pair.i_PDB_ins_code 
_ndb_struct_na_base_pair.j_auth_asym_id 
_ndb_struct_na_base_pair.j_auth_seq_id 
_ndb_struct_na_base_pair.j_PDB_ins_code 
_ndb_struct_na_base_pair.hbond_type_28 
_ndb_struct_na_base_pair.hbond_type_12 
1 A C 2  1_555 B G 12 1_555 0.114  -0.278 -0.323 7.581   -17.882 1.948    1  A_C2:G13_B  A 2  ? B 13 ? 19 1  
1 A C 3  1_555 B G 11 1_555 0.289  -0.232 -0.151 -1.773  -8.315  1.593    2  A_C3:G12_B  A 3  ? B 12 ? 19 1  
1 A C 4  1_555 B G 10 1_555 0.361  -0.227 0.059  3.213   1.936   1.186    3  A_C4:G11_B  A 4  ? B 11 ? 19 1  
1 A A 5  1_555 B A 8  1_555 6.590  -3.884 -0.469 11.311  4.016   -31.225  4  A_A5:A9_B   A 5  ? B 9  ? ?  10 
1 E U 2  1_555 B G 7  1_555 -7.863 -2.307 0.181  9.026   6.851   0.688    5  P_U7:G8_B   P 7  ? B 8  ? ?  ?  
1 E C 3  1_555 B A 6  1_555 -1.733 0.520  -0.842 21.017  -19.173 4.714    6  P_C8:A7_B   P 8  ? B 7  ? ?  ?  
1 E C 4  1_555 B G 5  1_555 0.056  0.196  -0.228 14.743  -19.689 2.117    7  P_C9:G6_B   P 9  ? B 6  ? 19 1  
1 E A 5  1_555 B U 4  1_555 0.284  -0.026 0.458  7.168   -15.008 -0.372   8  P_A10:U5_B  P 10 ? B 5  ? 20 1  
1 E C 6  1_555 B G 3  1_555 0.364  0.255  0.346  -0.501  -11.166 5.177    9  P_C11:G4_B  P 11 ? B 4  ? ?  1  
1 E C 7  1_555 B G 2  1_555 0.469  -0.047 0.294  0.277   -10.179 2.319    10 P_C12:G3_B  P 12 ? B 3  ? 19 1  
1 E G 8  1_555 B C 1  1_555 0.368  0.182  -0.010 -2.612  -8.927  7.931    11 P_G13:C2_B  P 13 ? B 2  ? 19 1  
1 C G 1  1_555 D C 19 1_555 -0.306 -0.057 0.091  -2.650  -14.240 1.388    12 C_G15:C49_D C 15 ? D 49 ? 19 1  
1 C G 2  1_555 D C 18 1_555 -0.584 -0.229 0.459  11.727  -10.978 -3.244   13 C_G16:C48_D C 16 ? D 48 ? 19 1  
1 C C 3  1_555 D G 17 1_555 -0.106 0.026  0.070  6.219   -13.689 -0.152   14 C_C17:G47_D C 17 ? D 47 ? 19 1  
1 C A 4  1_555 D U 16 1_555 -0.227 -0.007 -0.209 -1.825  -11.313 2.906    15 C_A18:U46_D C 18 ? D 46 ? 20 1  
1 C G 5  1_555 D C 15 1_555 -0.490 -0.202 -0.487 -9.029  -4.971  4.510    16 C_G19:C45_D C 19 ? D 45 ? 19 1  
1 C A 6  1_555 D C 14 1_555 2.202  0.176  -0.518 -15.844 -5.489  14.626   17 C_A20:C44_D C 20 ? D 44 ? ?  1  
1 C G 7  1_555 D A 13 1_555 6.965  -4.564 -0.016 -7.827  0.637   -8.068   18 C_G21:A43_D C 21 ? D 43 ? 11 10 
1 C A 8  1_555 D U 11 1_555 -4.166 -1.650 -0.205 -3.019  -11.125 -102.979 19 C_A22:U41_D C 22 ? D 41 ? 24 4  
1 C A 9  1_555 D A 10 1_555 -4.162 1.321  -0.428 -0.422  -21.759 -102.627 20 C_A23:A40_D C 23 ? D 40 ? 5  4  
1 C A 10 1_555 D A 8  1_555 5.121  3.609  -0.540 -3.770  -18.410 -158.751 21 C_A24:A38_D C 24 ? D 38 ? ?  ?  
1 C C 11 1_555 E G 1  1_555 0.217  -0.157 0.026  17.854  -11.644 -3.338   22 C_C25:G6_P  C 25 ? P 6  ? 19 1  
1 C A 12 1_555 D G 6  1_555 0.232  1.293  -0.571 -10.242 -16.544 -18.766  23 C_A26:G36_D C 26 ? D 36 ? 8  ?  
1 C C 13 1_555 D G 5  1_555 -0.087 -0.191 0.049  6.334   -23.668 0.968    24 C_C27:G35_D C 27 ? D 35 ? 19 1  
1 C A 14 1_555 D U 4  1_555 0.241  -0.280 0.166  2.602   -21.718 -0.388   25 C_A28:U34_D C 28 ? D 34 ? 20 1  
1 C C 15 1_555 D G 3  1_555 0.189  -0.202 -0.101 5.198   -13.592 2.413    26 C_C29:G33_D C 29 ? D 33 ? 19 1  
1 C G 16 1_555 D C 2  1_555 -0.350 -0.049 -0.018 -10.296 -15.406 -1.909   27 C_G30:C32_D C 30 ? D 32 ? 19 1  
1 C A 17 1_555 D U 1  1_555 0.502  -0.101 0.278  0.165   -9.230  0.769    28 C_A31:U31_D C 31 ? D 31 ? 20 1  
# 
loop_
_ndb_struct_na_base_pair_step.model_number 
_ndb_struct_na_base_pair_step.i_label_asym_id_1 
_ndb_struct_na_base_pair_step.i_label_comp_id_1 
_ndb_struct_na_base_pair_step.i_label_seq_id_1 
_ndb_struct_na_base_pair_step.i_symmetry_1 
_ndb_struct_na_base_pair_step.j_label_asym_id_1 
_ndb_struct_na_base_pair_step.j_label_comp_id_1 
_ndb_struct_na_base_pair_step.j_label_seq_id_1 
_ndb_struct_na_base_pair_step.j_symmetry_1 
_ndb_struct_na_base_pair_step.i_label_asym_id_2 
_ndb_struct_na_base_pair_step.i_label_comp_id_2 
_ndb_struct_na_base_pair_step.i_label_seq_id_2 
_ndb_struct_na_base_pair_step.i_symmetry_2 
_ndb_struct_na_base_pair_step.j_label_asym_id_2 
_ndb_struct_na_base_pair_step.j_label_comp_id_2 
_ndb_struct_na_base_pair_step.j_label_seq_id_2 
_ndb_struct_na_base_pair_step.j_symmetry_2 
_ndb_struct_na_base_pair_step.shift 
_ndb_struct_na_base_pair_step.slide 
_ndb_struct_na_base_pair_step.rise 
_ndb_struct_na_base_pair_step.tilt 
_ndb_struct_na_base_pair_step.roll 
_ndb_struct_na_base_pair_step.twist 
_ndb_struct_na_base_pair_step.x_displacement 
_ndb_struct_na_base_pair_step.y_displacement 
_ndb_struct_na_base_pair_step.helical_rise 
_ndb_struct_na_base_pair_step.inclination 
_ndb_struct_na_base_pair_step.tip 
_ndb_struct_na_base_pair_step.helical_twist 
_ndb_struct_na_base_pair_step.step_number 
_ndb_struct_na_base_pair_step.step_name 
_ndb_struct_na_base_pair_step.i_auth_asym_id_1 
_ndb_struct_na_base_pair_step.i_auth_seq_id_1 
_ndb_struct_na_base_pair_step.i_PDB_ins_code_1 
_ndb_struct_na_base_pair_step.j_auth_asym_id_1 
_ndb_struct_na_base_pair_step.j_auth_seq_id_1 
_ndb_struct_na_base_pair_step.j_PDB_ins_code_1 
_ndb_struct_na_base_pair_step.i_auth_asym_id_2 
_ndb_struct_na_base_pair_step.i_auth_seq_id_2 
_ndb_struct_na_base_pair_step.i_PDB_ins_code_2 
_ndb_struct_na_base_pair_step.j_auth_asym_id_2 
_ndb_struct_na_base_pair_step.j_auth_seq_id_2 
_ndb_struct_na_base_pair_step.j_PDB_ins_code_2 
1 A C 2  1_555 B G 12 1_555 A C 3  1_555 B G 11 1_555 -0.618 -1.735 3.555 -0.874  10.313 33.278  -4.492 0.898  2.919 17.489 1.482 
34.807  1  AA_C2C3:G12G13_BB   A 2  ? B 13 ? A 3  ? B 12 ? 
1 A C 3  1_555 B G 11 1_555 A C 4  1_555 B G 10 1_555 0.550  -1.670 3.277 0.803   8.810  26.717  -5.351 -0.958 2.618 18.435 -1.681 
28.118  2  AA_C3C4:G11G12_BB   A 3  ? B 12 ? A 4  ? B 11 ? 
1 A C 4  1_555 B G 10 1_555 A A 5  1_555 B A 8  1_555 -0.015 -1.214 5.310 -3.538  26.638 74.223  -2.144 -0.145 4.723 21.413 2.844 
78.275  3  AA_C4A5:A9G11_BB    A 4  ? B 11 ? A 5  ? B 9  ? 
1 A A 5  1_555 B A 8  1_555 E U 2  1_555 B G 7  1_555 -0.234 0.476  3.485 12.576  -1.391 10.962  2.593  9.450  2.074 -5.415 
-48.954 16.726  4  AP_A5U7:G8A9_BB     A 5  ? B 9  ? P 7  ? B 8  ? 
1 E U 2  1_555 B G 7  1_555 E C 3  1_555 B A 6  1_555 -0.052 -0.449 2.965 -2.783  16.698 54.147  -1.311 -0.085 2.729 17.859 2.976 
56.540  5  PP_U7C8:A7G8_BB     P 7  ? B 8  ? P 8  ? B 7  ? 
1 E C 3  1_555 B A 6  1_555 E C 4  1_555 B G 5  1_555 -0.127 -1.335 3.550 -5.312  7.481  36.229  -3.122 -0.538 3.208 11.799 8.377 
37.335  6  PP_C8C9:G6A7_BB     P 8  ? B 7  ? P 9  ? B 6  ? 
1 E C 4  1_555 B G 5  1_555 E A 5  1_555 B U 4  1_555 -0.498 -1.829 3.224 -5.612  14.321 33.877  -4.583 0.113  2.340 23.153 9.073 
37.112  7  PP_C9A10:U5G6_BB    P 9  ? B 6  ? P 10 ? B 5  ? 
1 E A 5  1_555 B U 4  1_555 E C 6  1_555 B G 3  1_555 -0.314 -1.608 3.509 -0.281  2.578  28.566  -3.858 0.567  3.357 5.210  0.568 
28.681  8  PP_A10C11:G4U5_BB   P 10 ? B 5  ? P 11 ? B 4  ? 
1 E C 6  1_555 B G 3  1_555 E C 7  1_555 B G 2  1_555 -0.015 -2.160 3.120 -0.489  6.104  31.409  -4.904 -0.052 2.664 11.142 0.893 
31.985  9  PP_C11C12:G3G4_BB   P 11 ? B 4  ? P 12 ? B 3  ? 
1 E C 7  1_555 B G 2  1_555 E G 8  1_555 B C 1  1_555 0.224  -1.773 3.188 3.675   10.240 32.997  -4.386 0.132  2.550 17.448 -6.262 
34.697  10 PP_C12G13:C2G3_BB   P 12 ? B 3  ? P 13 ? B 2  ? 
1 C G 1  1_555 D C 19 1_555 C G 2  1_555 D C 18 1_555 -0.791 -1.069 2.821 -7.231  4.332  32.696  -2.453 0.344  2.768 7.539  12.586 
33.737  11 CC_G15G16:C48C49_DD C 15 ? D 49 ? C 16 ? D 48 ? 
1 C G 2  1_555 D C 18 1_555 C C 3  1_555 D G 17 1_555 0.279  -1.401 3.440 2.203   7.140  35.458  -3.271 -0.135 3.120 11.565 -3.569 
36.212  12 CC_G16C17:G47C48_DD C 16 ? D 48 ? C 17 ? D 47 ? 
1 C C 3  1_555 D G 17 1_555 C A 4  1_555 D U 16 1_555 0.430  -1.717 3.392 1.955   11.672 31.611  -4.769 -0.440 2.632 20.546 -3.441 
33.701  13 CC_C17A18:U46G47_DD C 17 ? D 47 ? C 18 ? D 46 ? 
1 C A 4  1_555 D U 16 1_555 C G 5  1_555 D C 15 1_555 0.208  -1.950 3.513 -0.106  7.471  28.619  -5.408 -0.430 2.921 14.796 0.210 
29.558  14 CC_A18G19:C45U46_DD C 18 ? D 46 ? C 19 ? D 45 ? 
1 C G 5  1_555 D C 15 1_555 C A 6  1_555 D C 14 1_555 0.851  -1.498 3.522 3.788   9.046  39.554  -3.196 -0.787 3.183 13.124 -5.496 
40.705  15 CC_G19A20:C44C45_DD C 19 ? D 45 ? C 20 ? D 44 ? 
1 C A 6  1_555 D C 14 1_555 C G 7  1_555 D A 13 1_555 -0.567 -1.008 3.106 5.042   6.538  57.552  -1.360 0.832  2.930 6.753  -5.207 
58.091  16 CC_A20G21:A43C44_DD C 20 ? D 44 ? C 21 ? D 43 ? 
1 C G 7  1_555 D A 13 1_555 C A 8  1_555 D U 11 1_555 -2.284 -0.508 3.391 2.207   -1.593 12.155  -0.450 13.148 2.971 -7.402 
-10.253 12.454  17 CC_G21A22:U41A43_DD C 21 ? D 43 ? C 22 ? D 41 ? 
1 C A 8  1_555 D U 11 1_555 C A 9  1_555 D A 10 1_555 -0.162 -2.452 3.571 -10.107 5.054  46.284  -3.471 -0.661 3.266 6.319  12.638 
47.569  18 CC_A22A23:A40U41_DD C 22 ? D 41 ? C 23 ? D 40 ? 
1 C A 9  1_555 D A 10 1_555 C A 10 1_555 D A 8  1_555 -3.427 -3.217 3.551 -6.677  -1.002 72.757  -2.666 2.634  3.847 -0.843 5.616 
73.027  19 CC_A23A24:A38A40_DD C 23 ? D 40 ? C 24 ? D 38 ? 
1 C A 10 1_555 D A 8  1_555 C C 11 1_555 E G 1  1_555 2.644  -0.137 2.854 2.960   2.933  -30.424 -0.223 5.481  2.593 -5.556 5.607 
-30.702 20 CC_A24C25:G6A38_PD  C 24 ? D 38 ? C 25 ? P 6  ? 
1 C C 11 1_555 E G 1  1_555 C A 12 1_555 D G 6  1_555 0.379  -2.018 3.877 5.874   6.727  47.618  -3.063 0.062  3.597 8.247  -7.201 
48.400  21 CC_C25A26:G36G6_DP  C 25 ? P 6  ? C 26 ? D 36 ? 
1 C A 12 1_555 D G 6  1_555 C C 13 1_555 D G 5  1_555 1.122  -0.624 2.897 -4.668  4.297  28.696  -2.011 -3.061 2.567 8.539  9.275 
29.375  22 CC_A26C27:G35G36_DD C 26 ? D 36 ? C 27 ? D 35 ? 
1 C C 13 1_555 D G 5  1_555 C A 14 1_555 D U 4  1_555 0.066  -1.167 3.319 -0.846  10.893 36.243  -3.157 -0.207 2.860 17.040 1.324 
37.801  23 CC_C27A28:U34G35_DD C 27 ? D 35 ? C 28 ? D 34 ? 
1 C A 14 1_555 D U 4  1_555 C C 15 1_555 D G 3  1_555 0.396  -1.017 3.275 2.727   -1.257 32.102  -1.606 -0.222 3.333 -2.267 -4.917 
32.238  24 CC_A28C29:G33U34_DD C 28 ? D 34 ? C 29 ? D 33 ? 
1 C C 15 1_555 D G 3  1_555 C G 16 1_555 D C 2  1_555 0.114  -1.509 3.500 0.975   14.039 33.331  -4.389 -0.048 2.672 23.231 -1.613 
36.102  25 CC_C29G30:C32G33_DD C 29 ? D 33 ? C 30 ? D 32 ? 
1 C G 16 1_555 D C 2  1_555 C A 17 1_555 D U 1  1_555 0.754  -1.585 2.958 2.027   1.849  34.141  -2.953 -0.993 2.909 3.142  -3.446 
34.248  26 CC_G30A31:U31C32_DD C 30 ? D 32 ? C 31 ? D 31 ? 
# 
loop_
_pdbx_entity_nonpoly.entity_id 
_pdbx_entity_nonpoly.name 
_pdbx_entity_nonpoly.comp_id 
6 'SULFATE ION'           SO4 
7 'SODIUM ION'            NA  
8 'COBALT HEXAMMINE(III)' NCO 
9 water                   HOH 
# 
_pdbx_initial_refinement_model.id               1 
_pdbx_initial_refinement_model.entity_id_list   ? 
_pdbx_initial_refinement_model.type             'experimental model' 
_pdbx_initial_refinement_model.source_name      PDB 
_pdbx_initial_refinement_model.accession_code   1ZFR 
_pdbx_initial_refinement_model.details          'PDB ENTRY 1ZFR' 
# 
